data_2AMU
# 
_entry.id   2AMU 
# 
_audit_conform.dict_name       mmcif_pdbx.dic 
_audit_conform.dict_version    5.379 
_audit_conform.dict_location   http://mmcif.pdb.org/dictionaries/ascii/mmcif_pdbx.dic 
# 
loop_
_database_2.database_id 
_database_2.database_code 
_database_2.pdbx_database_accession 
_database_2.pdbx_DOI 
PDB   2AMU         pdb_00002amu 10.2210/pdb2amu/pdb 
RCSB  RCSB034078   ?            ?                   
WWPDB D_1000034078 ?            ?                   
# 
_pdbx_database_related.db_name        TargetDB 
_pdbx_database_related.db_id          282530 
_pdbx_database_related.details        . 
_pdbx_database_related.content_type   unspecified 
# 
_pdbx_database_status.SG_entry                        Y 
_pdbx_database_status.entry_id                        2AMU 
_pdbx_database_status.deposit_site                    RCSB 
_pdbx_database_status.process_site                    RCSB 
_pdbx_database_status.recvd_initial_deposition_date   2005-08-10 
_pdbx_database_status.status_code                     REL 
_pdbx_database_status.status_code_sf                  REL 
_pdbx_database_status.status_code_mr                  ? 
_pdbx_database_status.pdb_format_compatible           Y 
_pdbx_database_status.status_code_cs                  ? 
_pdbx_database_status.status_code_nmr_data            ? 
_pdbx_database_status.methods_development_category    ? 
# 
_audit_author.name           'Joint Center for Structural Genomics (JCSG)' 
_audit_author.pdbx_ordinal   1 
# 
_citation.id                        primary 
_citation.title                     
'Crystal structure of Putative superoxide reductase (EC 1.15.1.2) (SOR) (tm0658) from THERMOTOGA MARITIMA at 2.00 A resolution' 
_citation.journal_abbrev            'To be published' 
_citation.journal_volume            ? 
_citation.page_first                ? 
_citation.page_last                 ? 
_citation.year                      ? 
_citation.journal_id_ASTM           ? 
_citation.country                   ? 
_citation.journal_id_ISSN           ? 
_citation.journal_id_CSD            0353 
_citation.book_publisher            ? 
_citation.pdbx_database_id_PubMed   ? 
_citation.pdbx_database_id_DOI      ? 
# 
_citation_author.citation_id        primary 
_citation_author.name               'Joint Center for Structural Genomics (JCSG)' 
_citation_author.ordinal            1 
_citation_author.identifier_ORCID   ? 
# 
_cell.length_a           52.618 
_cell.length_b           77.305 
_cell.length_c           64.731 
_cell.angle_alpha        90.000 
_cell.angle_beta         90.000 
_cell.angle_gamma        90.000 
_cell.entry_id           2AMU 
_cell.pdbx_unique_axis   ? 
_cell.Z_PDB              8 
# 
_symmetry.Int_Tables_number                23 
_symmetry.space_group_name_H-M             'I 2 2 2' 
_symmetry.entry_id                         2AMU 
_symmetry.pdbx_full_space_group_name_H-M   ? 
_symmetry.cell_setting                     ? 
_symmetry.space_group_name_Hall            ? 
# 
loop_
_entity.id 
_entity.type 
_entity.src_method 
_entity.pdbx_description 
_entity.formula_weight 
_entity.pdbx_number_of_molecules 
_entity.pdbx_ec 
_entity.pdbx_mutation 
_entity.pdbx_fragment 
_entity.details 
1 polymer     man 'Putative superoxide reductase' 16418.623 1  1.15.1.2 ? ? ? 
2 non-polymer syn 'FE (III) ION'                  55.845    1  ?        ? ? ? 
3 water       nat water                           18.015    63 ?        ? ? ? 
# 
_entity_name_com.entity_id   1 
_entity_name_com.name        SOR 
# 
_entity_poly.entity_id                      1 
_entity_poly.type                           'polypeptide(L)' 
_entity_poly.nstd_linkage                   no 
_entity_poly.nstd_monomer                   no 
_entity_poly.pdbx_seq_one_letter_code       
;MGSDKIHHHHHHMKLSDFIKTEDFKKEKHVPVIEAPEKVKKDEKVQIVVTVGKEIPHPNTTEHHIRWIKVFFQPDGDPYV
YEVGRYEFNAHGESVQGPNIGAVYTEPTVTTVVKLNRSGTIIALSYCNIHGLWESSQKITVEE
;
_entity_poly.pdbx_seq_one_letter_code_can   
;MGSDKIHHHHHHMKLSDFIKTEDFKKEKHVPVIEAPEKVKKDEKVQIVVTVGKEIPHPNTTEHHIRWIKVFFQPDGDPYV
YEVGRYEFNAHGESVQGPNIGAVYTEPTVTTVVKLNRSGTIIALSYCNIHGLWESSQKITVEE
;
_entity_poly.pdbx_strand_id                 A 
_entity_poly.pdbx_target_identifier         282530 
# 
loop_
_entity_poly_seq.entity_id 
_entity_poly_seq.num 
_entity_poly_seq.mon_id 
_entity_poly_seq.hetero 
1 1   MET n 
1 2   GLY n 
1 3   SER n 
1 4   ASP n 
1 5   LYS n 
1 6   ILE n 
1 7   HIS n 
1 8   HIS n 
1 9   HIS n 
1 10  HIS n 
1 11  HIS n 
1 12  HIS n 
1 13  MET n 
1 14  LYS n 
1 15  LEU n 
1 16  SER n 
1 17  ASP n 
1 18  PHE n 
1 19  ILE n 
1 20  LYS n 
1 21  THR n 
1 22  GLU n 
1 23  ASP n 
1 24  PHE n 
1 25  LYS n 
1 26  LYS n 
1 27  GLU n 
1 28  LYS n 
1 29  HIS n 
1 30  VAL n 
1 31  PRO n 
1 32  VAL n 
1 33  ILE n 
1 34  GLU n 
1 35  ALA n 
1 36  PRO n 
1 37  GLU n 
1 38  LYS n 
1 39  VAL n 
1 40  LYS n 
1 41  LYS n 
1 42  ASP n 
1 43  GLU n 
1 44  LYS n 
1 45  VAL n 
1 46  GLN n 
1 47  ILE n 
1 48  VAL n 
1 49  VAL n 
1 50  THR n 
1 51  VAL n 
1 52  GLY n 
1 53  LYS n 
1 54  GLU n 
1 55  ILE n 
1 56  PRO n 
1 57  HIS n 
1 58  PRO n 
1 59  ASN n 
1 60  THR n 
1 61  THR n 
1 62  GLU n 
1 63  HIS n 
1 64  HIS n 
1 65  ILE n 
1 66  ARG n 
1 67  TRP n 
1 68  ILE n 
1 69  LYS n 
1 70  VAL n 
1 71  PHE n 
1 72  PHE n 
1 73  GLN n 
1 74  PRO n 
1 75  ASP n 
1 76  GLY n 
1 77  ASP n 
1 78  PRO n 
1 79  TYR n 
1 80  VAL n 
1 81  TYR n 
1 82  GLU n 
1 83  VAL n 
1 84  GLY n 
1 85  ARG n 
1 86  TYR n 
1 87  GLU n 
1 88  PHE n 
1 89  ASN n 
1 90  ALA n 
1 91  HIS n 
1 92  GLY n 
1 93  GLU n 
1 94  SER n 
1 95  VAL n 
1 96  GLN n 
1 97  GLY n 
1 98  PRO n 
1 99  ASN n 
1 100 ILE n 
1 101 GLY n 
1 102 ALA n 
1 103 VAL n 
1 104 TYR n 
1 105 THR n 
1 106 GLU n 
1 107 PRO n 
1 108 THR n 
1 109 VAL n 
1 110 THR n 
1 111 THR n 
1 112 VAL n 
1 113 VAL n 
1 114 LYS n 
1 115 LEU n 
1 116 ASN n 
1 117 ARG n 
1 118 SER n 
1 119 GLY n 
1 120 THR n 
1 121 ILE n 
1 122 ILE n 
1 123 ALA n 
1 124 LEU n 
1 125 SER n 
1 126 TYR n 
1 127 CYS n 
1 128 ASN n 
1 129 ILE n 
1 130 HIS n 
1 131 GLY n 
1 132 LEU n 
1 133 TRP n 
1 134 GLU n 
1 135 SER n 
1 136 SER n 
1 137 GLN n 
1 138 LYS n 
1 139 ILE n 
1 140 THR n 
1 141 VAL n 
1 142 GLU n 
1 143 GLU n 
# 
_entity_src_gen.entity_id                          1 
_entity_src_gen.pdbx_src_id                        1 
_entity_src_gen.pdbx_alt_source_flag               sample 
_entity_src_gen.pdbx_seq_type                      ? 
_entity_src_gen.pdbx_beg_seq_num                   ? 
_entity_src_gen.pdbx_end_seq_num                   ? 
_entity_src_gen.gene_src_common_name               ? 
_entity_src_gen.gene_src_genus                     Thermotoga 
_entity_src_gen.pdbx_gene_src_gene                 tm0658 
_entity_src_gen.gene_src_species                   ? 
_entity_src_gen.gene_src_strain                    ? 
_entity_src_gen.gene_src_tissue                    ? 
_entity_src_gen.gene_src_tissue_fraction           ? 
_entity_src_gen.gene_src_details                   ? 
_entity_src_gen.pdbx_gene_src_fragment             ? 
_entity_src_gen.pdbx_gene_src_scientific_name      'Thermotoga maritima' 
_entity_src_gen.pdbx_gene_src_ncbi_taxonomy_id     2336 
_entity_src_gen.pdbx_gene_src_variant              ? 
_entity_src_gen.pdbx_gene_src_cell_line            ? 
_entity_src_gen.pdbx_gene_src_atcc                 ? 
_entity_src_gen.pdbx_gene_src_organ                ? 
_entity_src_gen.pdbx_gene_src_organelle            ? 
_entity_src_gen.pdbx_gene_src_cell                 ? 
_entity_src_gen.pdbx_gene_src_cellular_location    ? 
_entity_src_gen.host_org_common_name               ? 
_entity_src_gen.pdbx_host_org_scientific_name      'Escherichia coli' 
_entity_src_gen.pdbx_host_org_ncbi_taxonomy_id     562 
_entity_src_gen.host_org_genus                     Escherichia 
_entity_src_gen.pdbx_host_org_gene                 ? 
_entity_src_gen.pdbx_host_org_organ                ? 
_entity_src_gen.host_org_species                   ? 
_entity_src_gen.pdbx_host_org_tissue               ? 
_entity_src_gen.pdbx_host_org_tissue_fraction      ? 
_entity_src_gen.pdbx_host_org_strain               ? 
_entity_src_gen.pdbx_host_org_variant              ? 
_entity_src_gen.pdbx_host_org_cell_line            ? 
_entity_src_gen.pdbx_host_org_atcc                 ? 
_entity_src_gen.pdbx_host_org_culture_collection   ? 
_entity_src_gen.pdbx_host_org_cell                 ? 
_entity_src_gen.pdbx_host_org_organelle            ? 
_entity_src_gen.pdbx_host_org_cellular_location    ? 
_entity_src_gen.pdbx_host_org_vector_type          Plasmid 
_entity_src_gen.pdbx_host_org_vector               ? 
_entity_src_gen.host_org_details                   ? 
_entity_src_gen.expression_system_id               ? 
_entity_src_gen.plasmid_name                       HK100 
_entity_src_gen.plasmid_details                    ? 
_entity_src_gen.pdbx_description                   ? 
# 
_struct_ref.id                         1 
_struct_ref.db_name                    UNP 
_struct_ref.db_code                    SOR_THEMA 
_struct_ref.pdbx_db_accession          Q9WZC6 
_struct_ref.entity_id                  1 
_struct_ref.pdbx_seq_one_letter_code   
;MKLSDFIKTEDFKKEKHVPVIEAPEKVKKDEKVQIVVTVGKEIPHPNTTEHHIRWIKVFFQPDGDPYVYEVGRYEFNAHG
ESVQGPNIGAVYTEPTVTTVVKLNRSGTIIALSYCNIHGLWESSQKITVEE
;
_struct_ref.pdbx_align_begin           1 
_struct_ref.pdbx_db_isoform            ? 
# 
_struct_ref_seq.align_id                      1 
_struct_ref_seq.ref_id                        1 
_struct_ref_seq.pdbx_PDB_id_code              2AMU 
_struct_ref_seq.pdbx_strand_id                A 
_struct_ref_seq.seq_align_beg                 13 
_struct_ref_seq.pdbx_seq_align_beg_ins_code   ? 
_struct_ref_seq.seq_align_end                 143 
_struct_ref_seq.pdbx_seq_align_end_ins_code   ? 
_struct_ref_seq.pdbx_db_accession             Q9WZC6 
_struct_ref_seq.db_align_beg                  1 
_struct_ref_seq.pdbx_db_align_beg_ins_code    ? 
_struct_ref_seq.db_align_end                  131 
_struct_ref_seq.pdbx_db_align_end_ins_code    ? 
_struct_ref_seq.pdbx_auth_seq_align_beg       1 
_struct_ref_seq.pdbx_auth_seq_align_end       131 
# 
loop_
_struct_ref_seq_dif.align_id 
_struct_ref_seq_dif.pdbx_pdb_id_code 
_struct_ref_seq_dif.mon_id 
_struct_ref_seq_dif.pdbx_pdb_strand_id 
_struct_ref_seq_dif.seq_num 
_struct_ref_seq_dif.pdbx_pdb_ins_code 
_struct_ref_seq_dif.pdbx_seq_db_name 
_struct_ref_seq_dif.pdbx_seq_db_accession_code 
_struct_ref_seq_dif.db_mon_id 
_struct_ref_seq_dif.pdbx_seq_db_seq_num 
_struct_ref_seq_dif.details 
_struct_ref_seq_dif.pdbx_auth_seq_num 
_struct_ref_seq_dif.pdbx_ordinal 
1 2AMU MET A 1  ? UNP Q9WZC6 ? ? 'expression tag' -11 1  
1 2AMU GLY A 2  ? UNP Q9WZC6 ? ? 'expression tag' -10 2  
1 2AMU SER A 3  ? UNP Q9WZC6 ? ? 'expression tag' -9  3  
1 2AMU ASP A 4  ? UNP Q9WZC6 ? ? 'expression tag' -8  4  
1 2AMU LYS A 5  ? UNP Q9WZC6 ? ? 'expression tag' -7  5  
1 2AMU ILE A 6  ? UNP Q9WZC6 ? ? 'expression tag' -6  6  
1 2AMU HIS A 7  ? UNP Q9WZC6 ? ? 'expression tag' -5  7  
1 2AMU HIS A 8  ? UNP Q9WZC6 ? ? 'expression tag' -4  8  
1 2AMU HIS A 9  ? UNP Q9WZC6 ? ? 'expression tag' -3  9  
1 2AMU HIS A 10 ? UNP Q9WZC6 ? ? 'expression tag' -2  10 
1 2AMU HIS A 11 ? UNP Q9WZC6 ? ? 'expression tag' -1  11 
1 2AMU HIS A 12 ? UNP Q9WZC6 ? ? 'expression tag' 0   12 
# 
loop_
_chem_comp.id 
_chem_comp.type 
_chem_comp.mon_nstd_flag 
_chem_comp.name 
_chem_comp.pdbx_synonyms 
_chem_comp.formula 
_chem_comp.formula_weight 
ALA 'L-peptide linking' y ALANINE         ? 'C3 H7 N O2'     89.093  
ARG 'L-peptide linking' y ARGININE        ? 'C6 H15 N4 O2 1' 175.209 
ASN 'L-peptide linking' y ASPARAGINE      ? 'C4 H8 N2 O3'    132.118 
ASP 'L-peptide linking' y 'ASPARTIC ACID' ? 'C4 H7 N O4'     133.103 
CYS 'L-peptide linking' y CYSTEINE        ? 'C3 H7 N O2 S'   121.158 
FE  non-polymer         . 'FE (III) ION'  ? 'Fe 3'           55.845  
GLN 'L-peptide linking' y GLUTAMINE       ? 'C5 H10 N2 O3'   146.144 
GLU 'L-peptide linking' y 'GLUTAMIC ACID' ? 'C5 H9 N O4'     147.129 
GLY 'peptide linking'   y GLYCINE         ? 'C2 H5 N O2'     75.067  
HIS 'L-peptide linking' y HISTIDINE       ? 'C6 H10 N3 O2 1' 156.162 
HOH non-polymer         . WATER           ? 'H2 O'           18.015  
ILE 'L-peptide linking' y ISOLEUCINE      ? 'C6 H13 N O2'    131.173 
LEU 'L-peptide linking' y LEUCINE         ? 'C6 H13 N O2'    131.173 
LYS 'L-peptide linking' y LYSINE          ? 'C6 H15 N2 O2 1' 147.195 
MET 'L-peptide linking' y METHIONINE      ? 'C5 H11 N O2 S'  149.211 
PHE 'L-peptide linking' y PHENYLALANINE   ? 'C9 H11 N O2'    165.189 
PRO 'L-peptide linking' y PROLINE         ? 'C5 H9 N O2'     115.130 
SER 'L-peptide linking' y SERINE          ? 'C3 H7 N O3'     105.093 
THR 'L-peptide linking' y THREONINE       ? 'C4 H9 N O3'     119.119 
TRP 'L-peptide linking' y TRYPTOPHAN      ? 'C11 H12 N2 O2'  204.225 
TYR 'L-peptide linking' y TYROSINE        ? 'C9 H11 N O3'    181.189 
VAL 'L-peptide linking' y VALINE          ? 'C5 H11 N O2'    117.146 
# 
_exptl.crystals_number   1 
_exptl.method            'X-RAY DIFFRACTION' 
_exptl.entry_id          2AMU 
# 
_exptl_crystal.id                    1 
_exptl_crystal.density_percent_sol   40.84 
_exptl_crystal.density_Matthews      2.10 
_exptl_crystal.description           ? 
_exptl_crystal.density_meas          ? 
_exptl_crystal.F_000                 ? 
_exptl_crystal.preparation           ? 
# 
_exptl_crystal_grow.crystal_id      1 
_exptl_crystal_grow.method          'VAPOR DIFFUSION,SITTING DROP,NANODROP' 
_exptl_crystal_grow.pH              6.0 
_exptl_crystal_grow.temp            293 
_exptl_crystal_grow.pdbx_details    
'10.0% Glycerol, 5.0% PEG-1000, 30.0% PEG-600, 0.1M MES , pH 6.0, VAPOR DIFFUSION,SITTING DROP,NANODROP, temperature 293K' 
_exptl_crystal_grow.temp_details    ? 
_exptl_crystal_grow.pdbx_pH_range   . 
# 
_diffrn.id                     1 
_diffrn.ambient_temp           100 
_diffrn.ambient_temp_details   ? 
_diffrn.crystal_id             1 
# 
_diffrn_detector.diffrn_id              1 
_diffrn_detector.detector               CCD 
_diffrn_detector.type                   'MARMOSAIC 325 mm CCD' 
_diffrn_detector.details                ? 
_diffrn_detector.pdbx_collection_date   2005-07-04 
# 
_diffrn_radiation.diffrn_id                        1 
_diffrn_radiation.pdbx_monochromatic_or_laue_m_l   M 
_diffrn_radiation.monochromator                    'double crystal monochromator' 
_diffrn_radiation.pdbx_diffrn_protocol             'SINGLE WAVELENGTH' 
_diffrn_radiation.wavelength_id                    1 
_diffrn_radiation.pdbx_scattering_type             x-ray 
# 
_diffrn_radiation_wavelength.id           1 
_diffrn_radiation_wavelength.wavelength   0.91162 
_diffrn_radiation_wavelength.wt           1.0 
# 
_diffrn_source.diffrn_id                   1 
_diffrn_source.source                      SYNCHROTRON 
_diffrn_source.pdbx_synchrotron_beamline   BL9-2 
_diffrn_source.type                        'SSRL BEAMLINE BL9-2' 
_diffrn_source.pdbx_wavelength             ? 
_diffrn_source.pdbx_wavelength_list        0.91162 
_diffrn_source.pdbx_synchrotron_site       SSRL 
# 
_reflns.entry_id                     2AMU 
_reflns.d_resolution_low             28.07 
_reflns.d_resolution_high            2.00 
_reflns.number_obs                   8148 
_reflns.percent_possible_obs         88.800 
_reflns.pdbx_Rmerge_I_obs            0.072 
_reflns.pdbx_chi_squared             ? 
_reflns.pdbx_redundancy              3.200 
_reflns.pdbx_scaling_rejects         ? 
_reflns.pdbx_netI_over_sigmaI        8.600 
_reflns.pdbx_Rsym_value              0.072 
_reflns.observed_criterion_sigma_F   ? 
_reflns.observed_criterion_sigma_I   ? 
_reflns.number_all                   ? 
_reflns.B_iso_Wilson_estimate        ? 
_reflns.R_free_details               ? 
_reflns.limit_h_max                  ? 
_reflns.limit_h_min                  ? 
_reflns.limit_k_max                  ? 
_reflns.limit_k_min                  ? 
_reflns.limit_l_max                  ? 
_reflns.limit_l_min                  ? 
_reflns.observed_criterion_F_max     ? 
_reflns.observed_criterion_F_min     ? 
_reflns.pdbx_ordinal                 1 
_reflns.pdbx_diffrn_id               1 
# 
loop_
_reflns_shell.d_res_low 
_reflns_shell.d_res_high 
_reflns_shell.number_measured_obs 
_reflns_shell.percent_possible_obs 
_reflns_shell.Rmerge_I_obs 
_reflns_shell.pdbx_chi_squared 
_reflns_shell.pdbx_redundancy 
_reflns_shell.number_unique_obs 
_reflns_shell.meanI_over_sigI_obs 
_reflns_shell.pdbx_Rsym_value 
_reflns_shell.percent_possible_all 
_reflns_shell.number_unique_all 
_reflns_shell.number_measured_all 
_reflns_shell.pdbx_ordinal 
_reflns_shell.pdbx_diffrn_id 
2.05  2.00 356 54.700  0.401 ? 1.800 ? 1.900  0.401 ? ? ? 1  1 
2.11  2.05 414 63.500  0.35  ? 2.000 ? 2.100  0.35  ? ? ? 2  1 
2.17  2.11 429 69.900  0.317 ? 2.100 ? 2.100  0.317 ? ? ? 3  1 
2.24  2.17 479 78.400  0.295 ? 2.400 ? 2.600  0.295 ? ? ? 4  1 
2.31  2.24 517 86.400  0.256 ? 2.700 ? 2.800  0.256 ? ? ? 5  1 
2.39  2.31 559 94.600  0.214 ? 3.100 ? 3.500  0.214 ? ? ? 6  1 
2.48  2.39 560 100.000 0.234 ? 3.600 ? 3.300  0.234 ? ? ? 7  1 
2.58  2.48 544 100.000 0.19  ? 3.700 ? 3.900  0.19  ? ? ? 8  1 
2.70  2.58 516 99.900  0.176 ? 3.600 ? 4.300  0.176 ? ? ? 9  1 
2.83  2.70 500 99.900  0.12  ? 3.700 ? 6.200  0.12  ? ? ? 10 1 
2.98  2.83 476 99.700  0.102 ? 3.700 ? 7.200  0.102 ? ? ? 11 1 
3.16  2.98 446 99.800  0.076 ? 3.600 ? 9.500  0.076 ? ? ? 12 1 
3.38  3.16 415 99.500  0.06  ? 3.700 ? 11.400 0.06  ? ? ? 13 1 
3.65  3.38 393 99.500  0.052 ? 3.700 ? 12.000 0.052 ? ? ? 14 1 
4.00  3.65 369 99.200  0.042 ? 3.600 ? 15.000 0.042 ? ? ? 15 1 
4.47  4.00 324 98.800  0.043 ? 3.600 ? 14.200 0.043 ? ? ? 16 1 
5.16  4.47 301 98.400  0.042 ? 3.600 ? 14.700 0.042 ? ? ? 17 1 
6.32  5.16 248 98.200  0.037 ? 3.500 ? 15.700 0.037 ? ? ? 18 1 
8.94  6.32 191 97.100  0.037 ? 3.500 ? 14.600 0.037 ? ? ? 19 1 
28.07 8.94 111 91.500  0.032 ? 3.100 ? 14.800 0.032 ? ? ? 20 1 
# 
_refine.ls_d_res_high                            2.000 
_refine.ls_d_res_low                             28.07 
_refine.ls_percent_reflns_obs                    88.170 
_refine.ls_number_reflns_obs                     7762 
_refine.pdbx_ls_cross_valid_method               THROUGHOUT 
_refine.pdbx_R_Free_selection_details            RANDOM 
_refine.ls_R_factor_all                          0.149 
_refine.ls_R_factor_R_work                       0.147 
_refine.ls_R_factor_R_free                       0.202 
_refine.ls_percent_reflns_R_free                 4.700 
_refine.ls_number_reflns_R_free                  385 
_refine.B_iso_mean                               26.878 
_refine.aniso_B[1][1]                            0.000 
_refine.aniso_B[2][2]                            -1.280 
_refine.aniso_B[3][3]                            1.280 
_refine.aniso_B[1][2]                            0.000 
_refine.aniso_B[1][3]                            0.000 
_refine.aniso_B[2][3]                            0.000 
_refine.correlation_coeff_Fo_to_Fc               0.972 
_refine.correlation_coeff_Fo_to_Fc_free          0.946 
_refine.pdbx_overall_ESU_R                       0.182 
_refine.pdbx_overall_ESU_R_Free                  0.163 
_refine.overall_SU_ML                            0.113 
_refine.overall_SU_B                             8.304 
_refine.solvent_model_details                    MASK 
_refine.pdbx_solvent_vdw_probe_radii             1.200 
_refine.pdbx_solvent_ion_probe_radii             0.800 
_refine.pdbx_solvent_shrinkage_radii             0.800 
_refine.pdbx_stereochemistry_target_values       'MAXIMUM LIKELIHOOD' 
_refine.pdbx_method_to_determine_struct          'MOLECULAR REPLACEMENT' 
_refine.pdbx_starting_model                      1do6 
_refine.entry_id                                 2AMU 
_refine.pdbx_ls_sigma_F                          ? 
_refine.pdbx_ls_sigma_I                          ? 
_refine.ls_number_reflns_all                     ? 
_refine.ls_R_factor_obs                          ? 
_refine.ls_redundancy_reflns_obs                 ? 
_refine.pdbx_data_cutoff_high_absF               ? 
_refine.pdbx_data_cutoff_low_absF                ? 
_refine.ls_number_parameters                     ? 
_refine.ls_number_restraints                     ? 
_refine.ls_R_factor_R_free_error                 ? 
_refine.ls_R_factor_R_free_error_details         ? 
_refine.pdbx_stereochem_target_val_spec_case     ? 
_refine.solvent_model_param_bsol                 ? 
_refine.solvent_model_param_ksol                 ? 
_refine.occupancy_max                            ? 
_refine.occupancy_min                            ? 
_refine.pdbx_isotropic_thermal_model             ? 
_refine.details                                  'HYDROGENS HAVE BEEN ADDED IN THE RIDING POSITIONS' 
_refine.B_iso_min                                ? 
_refine.B_iso_max                                ? 
_refine.overall_SU_R_Cruickshank_DPI             ? 
_refine.overall_SU_R_free                        ? 
_refine.pdbx_data_cutoff_high_rms_absF           ? 
_refine.ls_wR_factor_R_free                      ? 
_refine.ls_wR_factor_R_work                      ? 
_refine.overall_FOM_free_R_set                   ? 
_refine.overall_FOM_work_R_set                   ? 
_refine.pdbx_refine_id                           'X-RAY DIFFRACTION' 
_refine.pdbx_TLS_residual_ADP_flag               'LIKELY RESIDUAL' 
_refine.pdbx_diffrn_id                           1 
_refine.pdbx_overall_phase_error                 ? 
_refine.pdbx_overall_SU_R_free_Cruickshank_DPI   ? 
_refine.pdbx_overall_SU_R_Blow_DPI               ? 
_refine.pdbx_overall_SU_R_free_Blow_DPI          ? 
# 
_refine_hist.pdbx_refine_id                   'X-RAY DIFFRACTION' 
_refine_hist.cycle_id                         LAST 
_refine_hist.pdbx_number_atoms_protein        1052 
_refine_hist.pdbx_number_atoms_nucleic_acid   0 
_refine_hist.pdbx_number_atoms_ligand         1 
_refine_hist.number_atoms_solvent             63 
_refine_hist.number_atoms_total               1116 
_refine_hist.d_res_high                       2.000 
_refine_hist.d_res_low                        28.07 
# 
loop_
_refine_ls_restr.type 
_refine_ls_restr.number 
_refine_ls_restr.dev_ideal 
_refine_ls_restr.dev_ideal_target 
_refine_ls_restr.weight 
_refine_ls_restr.pdbx_refine_id 
_refine_ls_restr.pdbx_restraint_function 
r_bond_refined_d         1086 0.017  0.022  ? 'X-RAY DIFFRACTION' ? 
r_bond_other_d           721  0.001  0.020  ? 'X-RAY DIFFRACTION' ? 
r_angle_refined_deg      1480 1.743  1.942  ? 'X-RAY DIFFRACTION' ? 
r_angle_other_deg        1777 1.284  3.000  ? 'X-RAY DIFFRACTION' ? 
r_dihedral_angle_1_deg   133  6.830  5.000  ? 'X-RAY DIFFRACTION' ? 
r_dihedral_angle_2_deg   50   39.423 25.200 ? 'X-RAY DIFFRACTION' ? 
r_dihedral_angle_3_deg   184  13.950 15.000 ? 'X-RAY DIFFRACTION' ? 
r_dihedral_angle_4_deg   3    19.742 15.000 ? 'X-RAY DIFFRACTION' ? 
r_chiral_restr           166  0.198  0.200  ? 'X-RAY DIFFRACTION' ? 
r_gen_planes_refined     1198 0.006  0.020  ? 'X-RAY DIFFRACTION' ? 
r_gen_planes_other       203  0.001  0.020  ? 'X-RAY DIFFRACTION' ? 
r_nbd_refined            148  0.174  0.200  ? 'X-RAY DIFFRACTION' ? 
r_nbd_other              701  0.192  0.200  ? 'X-RAY DIFFRACTION' ? 
r_nbtor_refined          494  0.177  0.200  ? 'X-RAY DIFFRACTION' ? 
r_nbtor_other            573  0.090  0.200  ? 'X-RAY DIFFRACTION' ? 
r_xyhbond_nbd_refined    51   0.149  0.200  ? 'X-RAY DIFFRACTION' ? 
r_symmetry_vdw_refined   20   0.332  0.200  ? 'X-RAY DIFFRACTION' ? 
r_symmetry_vdw_other     49   0.256  0.200  ? 'X-RAY DIFFRACTION' ? 
r_symmetry_hbond_refined 11   0.194  0.200  ? 'X-RAY DIFFRACTION' ? 
r_mcbond_it              729  2.038  3.000  ? 'X-RAY DIFFRACTION' ? 
r_mcbond_other           264  0.476  3.000  ? 'X-RAY DIFFRACTION' ? 
r_mcangle_it             1093 2.788  5.000  ? 'X-RAY DIFFRACTION' ? 
r_scbond_it              468  4.966  8.000  ? 'X-RAY DIFFRACTION' ? 
r_scangle_it             386  5.866  11.000 ? 'X-RAY DIFFRACTION' ? 
# 
_refine_ls_shell.d_res_high                       2.000 
_refine_ls_shell.d_res_low                        2.052 
_refine_ls_shell.pdbx_total_number_of_bins_used   20 
_refine_ls_shell.percent_reflns_obs               53.380 
_refine_ls_shell.number_reflns_R_work             336 
_refine_ls_shell.R_factor_R_work                  0.202 
_refine_ls_shell.R_factor_R_free                  0.38 
_refine_ls_shell.percent_reflns_R_free            ? 
_refine_ls_shell.number_reflns_R_free             19 
_refine_ls_shell.R_factor_R_free_error            ? 
_refine_ls_shell.number_reflns_obs                ? 
_refine_ls_shell.redundancy_reflns_obs            ? 
_refine_ls_shell.number_reflns_all                ? 
_refine_ls_shell.pdbx_refine_id                   'X-RAY DIFFRACTION' 
_refine_ls_shell.R_factor_all                     ? 
# 
_struct.entry_id                  2AMU 
_struct.title                     
'CRYSTAL STRUCTURE OF A PUTATIVE SUPEROXIDE REDUCTASE (TM0658) FROM THERMOTOGA MARITIMA AT 2.00 A RESOLUTION' 
_struct.pdbx_model_details        ? 
_struct.pdbx_CASP_flag            ? 
_struct.pdbx_model_type_details   ? 
# 
_struct_keywords.text            
;PUTATIVE SUPEROXIDE REDUCTASE, STRUCTURAL GENOMICS, JOINT CENTER FOR STRUCTURAL GENOMICS, JCSG, PROTEIN STRUCTURE INITIATIVE, PSI-2, OXIDOREDUCTASE
;
_struct_keywords.pdbx_keywords   OXIDOREDUCTASE 
_struct_keywords.entry_id        2AMU 
# 
loop_
_struct_asym.id 
_struct_asym.pdbx_blank_PDB_chainid_flag 
_struct_asym.pdbx_modified 
_struct_asym.entity_id 
_struct_asym.details 
A N N 1 ? 
B N N 2 ? 
C N N 3 ? 
# 
_struct_biol.id   1 
# 
_struct_conf.conf_type_id            HELX_P 
_struct_conf.id                      HELX_P1 
_struct_conf.pdbx_PDB_helix_id       1 
_struct_conf.beg_label_comp_id       LYS 
_struct_conf.beg_label_asym_id       A 
_struct_conf.beg_label_seq_id        14 
_struct_conf.pdbx_beg_PDB_ins_code   ? 
_struct_conf.end_label_comp_id       ASP 
_struct_conf.end_label_asym_id       A 
_struct_conf.end_label_seq_id        17 
_struct_conf.pdbx_end_PDB_ins_code   ? 
_struct_conf.beg_auth_comp_id        LYS 
_struct_conf.beg_auth_asym_id        A 
_struct_conf.beg_auth_seq_id         2 
_struct_conf.end_auth_comp_id        ASP 
_struct_conf.end_auth_asym_id        A 
_struct_conf.end_auth_seq_id         5 
_struct_conf.pdbx_PDB_helix_class    5 
_struct_conf.details                 ? 
_struct_conf.pdbx_PDB_helix_length   4 
# 
_struct_conf_type.id          HELX_P 
_struct_conf_type.criteria    ? 
_struct_conf_type.reference   ? 
# 
loop_
_struct_conn.id 
_struct_conn.conn_type_id 
_struct_conn.pdbx_leaving_atom_flag 
_struct_conn.pdbx_PDB_id 
_struct_conn.ptnr1_label_asym_id 
_struct_conn.ptnr1_label_comp_id 
_struct_conn.ptnr1_label_seq_id 
_struct_conn.ptnr1_label_atom_id 
_struct_conn.pdbx_ptnr1_label_alt_id 
_struct_conn.pdbx_ptnr1_PDB_ins_code 
_struct_conn.pdbx_ptnr1_standard_comp_id 
_struct_conn.ptnr1_symmetry 
_struct_conn.ptnr2_label_asym_id 
_struct_conn.ptnr2_label_comp_id 
_struct_conn.ptnr2_label_seq_id 
_struct_conn.ptnr2_label_atom_id 
_struct_conn.pdbx_ptnr2_label_alt_id 
_struct_conn.pdbx_ptnr2_PDB_ins_code 
_struct_conn.ptnr1_auth_asym_id 
_struct_conn.ptnr1_auth_comp_id 
_struct_conn.ptnr1_auth_seq_id 
_struct_conn.ptnr2_auth_asym_id 
_struct_conn.ptnr2_auth_comp_id 
_struct_conn.ptnr2_auth_seq_id 
_struct_conn.ptnr2_symmetry 
_struct_conn.pdbx_ptnr3_label_atom_id 
_struct_conn.pdbx_ptnr3_label_seq_id 
_struct_conn.pdbx_ptnr3_label_comp_id 
_struct_conn.pdbx_ptnr3_label_asym_id 
_struct_conn.pdbx_ptnr3_label_alt_id 
_struct_conn.pdbx_ptnr3_PDB_ins_code 
_struct_conn.details 
_struct_conn.pdbx_dist_value 
_struct_conn.pdbx_value_order 
_struct_conn.pdbx_role 
metalc1 metalc ? ? A HIS 29  NE2 ? ? ? 1_555 B FE . FE ? ? A HIS 17  A FE 200 1_555 ? ? ? ? ? ? ? 2.131 ? ? 
metalc2 metalc ? ? A HIS 57  NE2 ? ? ? 1_555 B FE . FE ? ? A HIS 45  A FE 200 1_555 ? ? ? ? ? ? ? 2.276 ? ? 
metalc3 metalc ? ? A HIS 63  NE2 ? ? ? 1_555 B FE . FE ? ? A HIS 51  A FE 200 1_555 ? ? ? ? ? ? ? 2.373 ? ? 
metalc4 metalc ? ? A CYS 127 SG  ? ? ? 1_555 B FE . FE ? ? A CYS 115 A FE 200 1_555 ? ? ? ? ? ? ? 2.371 ? ? 
metalc5 metalc ? ? A HIS 130 ND1 ? ? ? 1_555 B FE . FE ? ? A HIS 118 A FE 200 1_555 ? ? ? ? ? ? ? 2.326 ? ? 
# 
_struct_conn_type.id          metalc 
_struct_conn_type.criteria    ? 
_struct_conn_type.reference   ? 
# 
loop_
_struct_sheet.id 
_struct_sheet.type 
_struct_sheet.number_strands 
_struct_sheet.details 
A ? 3 ? 
B ? 5 ? 
C ? 3 ? 
# 
loop_
_struct_sheet_order.sheet_id 
_struct_sheet_order.range_id_1 
_struct_sheet_order.range_id_2 
_struct_sheet_order.offset 
_struct_sheet_order.sense 
A 1 2 ? parallel      
A 2 3 ? parallel      
B 1 2 ? parallel      
B 2 3 ? anti-parallel 
B 3 4 ? anti-parallel 
B 4 5 ? anti-parallel 
C 1 2 ? anti-parallel 
C 2 3 ? anti-parallel 
# 
loop_
_struct_sheet_range.sheet_id 
_struct_sheet_range.id 
_struct_sheet_range.beg_label_comp_id 
_struct_sheet_range.beg_label_asym_id 
_struct_sheet_range.beg_label_seq_id 
_struct_sheet_range.pdbx_beg_PDB_ins_code 
_struct_sheet_range.end_label_comp_id 
_struct_sheet_range.end_label_asym_id 
_struct_sheet_range.end_label_seq_id 
_struct_sheet_range.pdbx_end_PDB_ins_code 
_struct_sheet_range.beg_auth_comp_id 
_struct_sheet_range.beg_auth_asym_id 
_struct_sheet_range.beg_auth_seq_id 
_struct_sheet_range.end_auth_comp_id 
_struct_sheet_range.end_auth_asym_id 
_struct_sheet_range.end_auth_seq_id 
A 1 ILE A 19  ? LYS A 20  ? ILE A 7   LYS A 8   
A 2 GLY A 131 ? GLU A 142 ? GLY A 119 GLU A 130 
A 3 LYS A 38  ? LYS A 40  ? LYS A 26  LYS A 28  
B 1 ILE A 19  ? LYS A 20  ? ILE A 7   LYS A 8   
B 2 GLY A 131 ? GLU A 142 ? GLY A 119 GLU A 130 
B 3 GLY A 119 ? CYS A 127 ? GLY A 107 CYS A 115 
B 4 ILE A 65  ? PRO A 74  ? ILE A 53  PRO A 62  
B 5 TYR A 81  ? GLU A 87  ? TYR A 69  GLU A 75  
C 1 PRO A 31  ? GLU A 34  ? PRO A 19  GLU A 22  
C 2 LYS A 44  ? VAL A 51  ? LYS A 32  VAL A 39  
C 3 THR A 108 ? LYS A 114 ? THR A 96  LYS A 102 
# 
loop_
_pdbx_struct_sheet_hbond.sheet_id 
_pdbx_struct_sheet_hbond.range_id_1 
_pdbx_struct_sheet_hbond.range_id_2 
_pdbx_struct_sheet_hbond.range_1_label_atom_id 
_pdbx_struct_sheet_hbond.range_1_label_comp_id 
_pdbx_struct_sheet_hbond.range_1_label_asym_id 
_pdbx_struct_sheet_hbond.range_1_label_seq_id 
_pdbx_struct_sheet_hbond.range_1_PDB_ins_code 
_pdbx_struct_sheet_hbond.range_1_auth_atom_id 
_pdbx_struct_sheet_hbond.range_1_auth_comp_id 
_pdbx_struct_sheet_hbond.range_1_auth_asym_id 
_pdbx_struct_sheet_hbond.range_1_auth_seq_id 
_pdbx_struct_sheet_hbond.range_2_label_atom_id 
_pdbx_struct_sheet_hbond.range_2_label_comp_id 
_pdbx_struct_sheet_hbond.range_2_label_asym_id 
_pdbx_struct_sheet_hbond.range_2_label_seq_id 
_pdbx_struct_sheet_hbond.range_2_PDB_ins_code 
_pdbx_struct_sheet_hbond.range_2_auth_atom_id 
_pdbx_struct_sheet_hbond.range_2_auth_comp_id 
_pdbx_struct_sheet_hbond.range_2_auth_asym_id 
_pdbx_struct_sheet_hbond.range_2_auth_seq_id 
A 1 2 N LYS A 20  ? N LYS A 8   O LEU A 132 ? O LEU A 120 
A 2 3 O THR A 140 ? O THR A 128 N VAL A 39  ? N VAL A 27  
B 1 2 N LYS A 20  ? N LYS A 8   O LEU A 132 ? O LEU A 120 
B 2 3 O GLN A 137 ? O GLN A 125 N ILE A 121 ? N ILE A 109 
B 3 4 O ILE A 122 ? O ILE A 110 N PHE A 71  ? N PHE A 59  
B 4 5 N ILE A 68  ? N ILE A 56  O TYR A 86  ? O TYR A 74  
C 1 2 N GLU A 34  ? N GLU A 22  O VAL A 48  ? O VAL A 36  
C 2 3 N VAL A 45  ? N VAL A 33  O VAL A 113 ? O VAL A 101 
# 
_struct_site.id                   AC1 
_struct_site.pdbx_evidence_code   Software 
_struct_site.pdbx_auth_asym_id    A 
_struct_site.pdbx_auth_comp_id    FE 
_struct_site.pdbx_auth_seq_id     200 
_struct_site.pdbx_auth_ins_code   ? 
_struct_site.pdbx_num_residues    5 
_struct_site.details              'BINDING SITE FOR RESIDUE FE A 200' 
# 
loop_
_struct_site_gen.id 
_struct_site_gen.site_id 
_struct_site_gen.pdbx_num_res 
_struct_site_gen.label_comp_id 
_struct_site_gen.label_asym_id 
_struct_site_gen.label_seq_id 
_struct_site_gen.pdbx_auth_ins_code 
_struct_site_gen.auth_comp_id 
_struct_site_gen.auth_asym_id 
_struct_site_gen.auth_seq_id 
_struct_site_gen.label_atom_id 
_struct_site_gen.label_alt_id 
_struct_site_gen.symmetry 
_struct_site_gen.details 
1 AC1 5 HIS A 29  ? HIS A 17  . ? 1_555 ? 
2 AC1 5 HIS A 57  ? HIS A 45  . ? 1_555 ? 
3 AC1 5 HIS A 63  ? HIS A 51  . ? 1_555 ? 
4 AC1 5 CYS A 127 ? CYS A 115 . ? 1_555 ? 
5 AC1 5 HIS A 130 ? HIS A 118 . ? 1_555 ? 
# 
_atom_sites.entry_id                    2AMU 
_atom_sites.fract_transf_matrix[1][1]   -0.00061284 
_atom_sites.fract_transf_matrix[1][2]   0.01638439 
_atom_sites.fract_transf_matrix[1][3]   0.00962062 
_atom_sites.fract_transf_matrix[2][1]   -0.01292893 
_atom_sites.fract_transf_matrix[2][2]   -0.00052947 
_atom_sites.fract_transf_matrix[2][3]   0.00007813 
_atom_sites.fract_transf_matrix[3][1]   0.00040033 
_atom_sites.fract_transf_matrix[3][2]   -0.00780927 
_atom_sites.fract_transf_matrix[3][3]   0.01332507 
_atom_sites.fract_transf_vector[1]      0.301530 
_atom_sites.fract_transf_vector[2]      0.469316 
_atom_sites.fract_transf_vector[3]      0.360140 
# 
loop_
_atom_type.symbol 
C  
FE 
N  
O  
S  
# 
loop_
_atom_site.group_PDB 
_atom_site.id 
_atom_site.type_symbol 
_atom_site.label_atom_id 
_atom_site.label_alt_id 
_atom_site.label_comp_id 
_atom_site.label_asym_id 
_atom_site.label_entity_id 
_atom_site.label_seq_id 
_atom_site.pdbx_PDB_ins_code 
_atom_site.Cartn_x 
_atom_site.Cartn_y 
_atom_site.Cartn_z 
_atom_site.occupancy 
_atom_site.B_iso_or_equiv 
_atom_site.pdbx_formal_charge 
_atom_site.auth_seq_id 
_atom_site.auth_comp_id 
_atom_site.auth_asym_id 
_atom_site.auth_atom_id 
_atom_site.pdbx_PDB_model_num 
ATOM   1    N  N   . HIS A 1 12  ? -1.305  27.823  -3.098  1.00 67.59 ? 0   HIS A N   1 
ATOM   2    C  CA  . HIS A 1 12  ? -1.174  26.586  -3.943  1.00 68.58 ? 0   HIS A CA  1 
ATOM   3    C  C   . HIS A 1 12  ? -0.170  25.588  -3.318  1.00 66.98 ? 0   HIS A C   1 
ATOM   4    O  O   . HIS A 1 12  ? 0.828   25.191  -3.951  1.00 67.36 ? 0   HIS A O   1 
ATOM   5    C  CB  . HIS A 1 12  ? -0.789  26.946  -5.401  1.00 67.39 ? 0   HIS A CB  1 
ATOM   6    N  N   . MET A 1 13  ? -0.412  25.221  -2.057  1.00 63.52 ? 1   MET A N   1 
ATOM   7    C  CA  . MET A 1 13  ? 0.245   24.026  -1.480  1.00 59.41 ? 1   MET A CA  1 
ATOM   8    C  C   . MET A 1 13  ? -0.414  22.725  -1.230  1.00 53.88 ? 1   MET A C   1 
ATOM   9    O  O   . MET A 1 13  ? -1.099  22.560  -0.215  1.00 56.31 ? 1   MET A O   1 
ATOM   10   C  CB  . MET A 1 13  ? 1.694   24.123  -0.933  1.00 59.98 ? 1   MET A CB  1 
ATOM   11   C  CG  . MET A 1 13  ? 2.393   22.708  -0.823  1.00 60.27 ? 1   MET A CG  1 
ATOM   12   S  SD  . MET A 1 13  ? 4.027   22.500  -0.006  1.00 57.82 ? 1   MET A SD  1 
ATOM   13   C  CE  . MET A 1 13  ? 5.072   23.625  -0.976  1.00 46.83 ? 1   MET A CE  1 
ATOM   14   N  N   . LYS A 1 14  ? -0.256  21.805  -2.178  1.00 46.88 ? 2   LYS A N   1 
ATOM   15   C  CA  . LYS A 1 14  ? -1.014  20.580  -2.139  1.00 41.15 ? 2   LYS A CA  1 
ATOM   16   C  C   . LYS A 1 14  ? -0.162  19.354  -1.880  1.00 37.09 ? 2   LYS A C   1 
ATOM   17   O  O   . LYS A 1 14  ? 0.971   19.245  -2.329  1.00 34.64 ? 2   LYS A O   1 
ATOM   18   C  CB  . LYS A 1 14  ? -1.850  20.432  -3.412  1.00 44.09 ? 2   LYS A CB  1 
ATOM   19   C  CG  . LYS A 1 14  ? -2.828  21.605  -3.612  1.00 45.33 ? 2   LYS A CG  1 
ATOM   20   C  CD  . LYS A 1 14  ? -4.253  21.161  -3.960  1.00 52.60 ? 2   LYS A CD  1 
ATOM   21   C  CE  . LYS A 1 14  ? -5.189  22.362  -4.168  1.00 56.92 ? 2   LYS A CE  1 
ATOM   22   N  NZ  . LYS A 1 14  ? -4.971  23.483  -3.203  1.00 59.35 ? 2   LYS A NZ  1 
ATOM   23   N  N   . LEU A 1 15  ? -0.730  18.443  -1.102  1.00 33.10 ? 3   LEU A N   1 
ATOM   24   C  CA  . LEU A 1 15  ? -0.099  17.187  -0.775  1.00 32.02 ? 3   LEU A CA  1 
ATOM   25   C  C   . LEU A 1 15  ? 0.198   16.404  -2.048  1.00 34.12 ? 3   LEU A C   1 
ATOM   26   O  O   . LEU A 1 15  ? 1.196   15.692  -2.105  1.00 33.79 ? 3   LEU A O   1 
ATOM   27   C  CB  . LEU A 1 15  ? -1.001  16.365  0.137   1.00 25.48 ? 3   LEU A CB  1 
ATOM   28   C  CG  . LEU A 1 15  ? -0.278  15.245  0.838   1.00 34.33 ? 3   LEU A CG  1 
ATOM   29   C  CD1 . LEU A 1 15  ? 0.846   15.799  1.719   1.00 22.71 ? 3   LEU A CD1 1 
ATOM   30   C  CD2 . LEU A 1 15  ? -1.320  14.474  1.592   1.00 32.35 ? 3   LEU A CD2 1 
ATOM   31   N  N   . SER A 1 16  ? -0.682  16.554  -3.045  1.00 34.77 ? 4   SER A N   1 
ATOM   32   C  CA  . SER A 1 16  ? -0.595  15.864  -4.329  1.00 34.47 ? 4   SER A CA  1 
ATOM   33   C  C   . SER A 1 16  ? 0.715   16.158  -5.044  1.00 32.76 ? 4   SER A C   1 
ATOM   34   O  O   . SER A 1 16  ? 1.262   15.288  -5.697  1.00 34.44 ? 4   SER A O   1 
ATOM   35   C  CB  . SER A 1 16  ? -1.776  16.254  -5.244  1.00 35.06 ? 4   SER A CB  1 
ATOM   36   O  OG  . SER A 1 16  ? -1.491  17.437  -6.017  1.00 43.44 ? 4   SER A OG  1 
ATOM   37   N  N   . ASP A 1 17  ? 1.196   17.392  -4.937  1.00 32.26 ? 5   ASP A N   1 
ATOM   38   C  CA  . ASP A 1 17  ? 2.495   17.757  -5.474  1.00 32.43 ? 5   ASP A CA  1 
ATOM   39   C  C   . ASP A 1 17  ? 3.612   16.886  -4.920  1.00 29.87 ? 5   ASP A C   1 
ATOM   40   O  O   . ASP A 1 17  ? 4.699   16.865  -5.475  1.00 31.03 ? 5   ASP A O   1 
ATOM   41   C  CB  . ASP A 1 17  ? 2.822   19.238  -5.184  1.00 34.93 ? 5   ASP A CB  1 
ATOM   42   C  CG  . ASP A 1 17  ? 1.775   20.218  -5.769  1.00 40.57 ? 5   ASP A CG  1 
ATOM   43   O  OD1 . ASP A 1 17  ? 1.095   19.876  -6.768  1.00 40.88 ? 5   ASP A OD1 1 
ATOM   44   O  OD2 . ASP A 1 17  ? 1.622   21.329  -5.205  1.00 47.03 ? 5   ASP A OD2 1 
ATOM   45   N  N   . PHE A 1 18  ? 3.372   16.196  -3.809  1.00 29.81 ? 6   PHE A N   1 
ATOM   46   C  CA  . PHE A 1 18  ? 4.382   15.373  -3.179  1.00 27.38 ? 6   PHE A CA  1 
ATOM   47   C  C   . PHE A 1 18  ? 3.948   13.964  -3.002  1.00 28.52 ? 6   PHE A C   1 
ATOM   48   O  O   . PHE A 1 18  ? 4.521   13.237  -2.179  1.00 30.93 ? 6   PHE A O   1 
ATOM   49   C  CB  . PHE A 1 18  ? 4.808   15.985  -1.853  1.00 29.39 ? 6   PHE A CB  1 
ATOM   50   C  CG  . PHE A 1 18  ? 5.432   17.319  -2.008  1.00 24.94 ? 6   PHE A CG  1 
ATOM   51   C  CD1 . PHE A 1 18  ? 4.633   18.459  -2.106  1.00 31.48 ? 6   PHE A CD1 1 
ATOM   52   C  CD2 . PHE A 1 18  ? 6.789   17.441  -2.089  1.00 21.46 ? 6   PHE A CD2 1 
ATOM   53   C  CE1 . PHE A 1 18  ? 5.176   19.702  -2.281  1.00 28.24 ? 6   PHE A CE1 1 
ATOM   54   C  CE2 . PHE A 1 18  ? 7.357   18.684  -2.257  1.00 26.07 ? 6   PHE A CE2 1 
ATOM   55   C  CZ  . PHE A 1 18  ? 6.546   19.827  -2.372  1.00 30.46 ? 6   PHE A CZ  1 
ATOM   56   N  N   . ILE A 1 19  ? 2.954   13.546  -3.787  1.00 28.85 ? 7   ILE A N   1 
ATOM   57   C  CA  . ILE A 1 19  ? 2.625   12.112  -3.907  1.00 30.79 ? 7   ILE A CA  1 
ATOM   58   C  C   . ILE A 1 19  ? 3.086   11.653  -5.306  1.00 31.42 ? 7   ILE A C   1 
ATOM   59   O  O   . ILE A 1 19  ? 2.621   12.171  -6.340  1.00 28.17 ? 7   ILE A O   1 
ATOM   60   C  CB  . ILE A 1 19  ? 1.137   11.780  -3.670  1.00 31.80 ? 7   ILE A CB  1 
ATOM   61   C  CG1 . ILE A 1 19  ? 0.693   12.248  -2.269  1.00 29.87 ? 7   ILE A CG1 1 
ATOM   62   C  CG2 . ILE A 1 19  ? 0.904   10.264  -3.845  1.00 28.30 ? 7   ILE A CG2 1 
ATOM   63   C  CD1 . ILE A 1 19  ? -0.783  12.112  -2.022  1.00 30.17 ? 7   ILE A CD1 1 
ATOM   64   N  N   . LYS A 1 20  ? 4.051   10.732  -5.324  1.00 30.43 ? 8   LYS A N   1 
ATOM   65   C  CA  . LYS A 1 20  ? 4.722   10.348  -6.571  1.00 30.87 ? 8   LYS A CA  1 
ATOM   66   C  C   . LYS A 1 20  ? 4.104   9.073   -7.110  1.00 29.44 ? 8   LYS A C   1 
ATOM   67   O  O   . LYS A 1 20  ? 3.628   8.237   -6.361  1.00 33.99 ? 8   LYS A O   1 
ATOM   68   C  CB  . LYS A 1 20  ? 6.245   10.209  -6.366  1.00 31.79 ? 8   LYS A CB  1 
ATOM   69   C  CG  . LYS A 1 20  ? 6.904   11.531  -5.968  1.00 32.60 ? 8   LYS A CG  1 
ATOM   70   C  CD  . LYS A 1 20  ? 8.369   11.392  -5.553  1.00 35.34 ? 8   LYS A CD  1 
ATOM   71   N  N   . THR A 1 21  ? 4.028   8.957   -8.415  1.00 31.57 ? 9   THR A N   1 
ATOM   72   C  CA  . THR A 1 21  ? 3.781   7.668   -9.004  1.00 36.07 ? 9   THR A CA  1 
ATOM   73   C  C   . THR A 1 21  ? 4.838   7.317   -10.050 1.00 35.88 ? 9   THR A C   1 
ATOM   74   O  O   . THR A 1 21  ? 5.420   8.190   -10.677 1.00 35.78 ? 9   THR A O   1 
ATOM   75   C  CB  . THR A 1 21  ? 2.361   7.554   -9.553  1.00 39.94 ? 9   THR A CB  1 
ATOM   76   O  OG1 . THR A 1 21  ? 2.066   6.155   -9.787  1.00 51.36 ? 9   THR A OG1 1 
ATOM   77   C  CG2 . THR A 1 21  ? 2.201   8.368   -10.812 1.00 35.19 ? 9   THR A CG2 1 
ATOM   78   N  N   . GLU A 1 22  ? 5.105   6.028   -10.195 1.00 36.06 ? 10  GLU A N   1 
ATOM   79   C  CA  . GLU A 1 22  ? 6.064   5.530   -11.170 1.00 34.97 ? 10  GLU A CA  1 
ATOM   80   C  C   . GLU A 1 22  ? 5.703   4.112   -11.543 1.00 33.07 ? 10  GLU A C   1 
ATOM   81   O  O   . GLU A 1 22  ? 4.793   3.518   -10.979 1.00 33.60 ? 10  GLU A O   1 
ATOM   82   C  CB  . GLU A 1 22  ? 7.487   5.574   -10.594 1.00 37.52 ? 10  GLU A CB  1 
ATOM   83   C  CG  . GLU A 1 22  ? 8.401   6.647   -11.174 1.00 39.08 ? 10  GLU A CG  1 
ATOM   84   C  CD  . GLU A 1 22  ? 8.882   6.336   -12.589 1.00 45.65 ? 10  GLU A CD  1 
ATOM   85   O  OE1 . GLU A 1 22  ? 8.369   5.392   -13.230 1.00 44.77 ? 10  GLU A OE1 1 
ATOM   86   O  OE2 . GLU A 1 22  ? 9.784   7.050   -13.076 1.00 57.31 ? 10  GLU A OE2 1 
ATOM   87   N  N   . ASP A 1 23  ? 6.420   3.586   -12.513 1.00 34.01 ? 11  ASP A N   1 
ATOM   88   C  CA  . ASP A 1 23  ? 6.391   2.176   -12.884 1.00 34.31 ? 11  ASP A CA  1 
ATOM   89   C  C   . ASP A 1 23  ? 7.168   1.442   -11.829 1.00 34.58 ? 11  ASP A C   1 
ATOM   90   O  O   . ASP A 1 23  ? 8.360   1.719   -11.673 1.00 35.53 ? 11  ASP A O   1 
ATOM   91   C  CB  . ASP A 1 23  ? 7.095   1.991   -14.245 1.00 33.42 ? 11  ASP A CB  1 
ATOM   92   C  CG  . ASP A 1 23  ? 7.078   0.550   -14.735 1.00 29.65 ? 11  ASP A CG  1 
ATOM   93   O  OD1 . ASP A 1 23  ? 6.764   -0.392  -13.950 1.00 28.21 ? 11  ASP A OD1 1 
ATOM   94   O  OD2 . ASP A 1 23  ? 7.389   0.366   -15.925 1.00 37.62 ? 11  ASP A OD2 1 
ATOM   95   N  N   . PHE A 1 24  ? 6.509   0.529   -11.103 1.00 35.80 ? 12  PHE A N   1 
ATOM   96   C  CA  . PHE A 1 24  ? 7.176   -0.285  -10.046 1.00 35.74 ? 12  PHE A CA  1 
ATOM   97   C  C   . PHE A 1 24  ? 8.342   -1.123  -10.594 1.00 33.60 ? 12  PHE A C   1 
ATOM   98   O  O   . PHE A 1 24  ? 9.175   -1.575  -9.816  1.00 36.93 ? 12  PHE A O   1 
ATOM   99   C  CB  . PHE A 1 24  ? 6.183   -1.212  -9.336  1.00 37.10 ? 12  PHE A CB  1 
ATOM   100  C  CG  . PHE A 1 24  ? 5.725   -2.376  -10.189 1.00 41.90 ? 12  PHE A CG  1 
ATOM   101  C  CD1 . PHE A 1 24  ? 4.630   -2.234  -11.045 1.00 40.08 ? 12  PHE A CD1 1 
ATOM   102  C  CD2 . PHE A 1 24  ? 6.399   -3.599  -10.148 1.00 38.42 ? 12  PHE A CD2 1 
ATOM   103  C  CE1 . PHE A 1 24  ? 4.209   -3.283  -11.835 1.00 42.32 ? 12  PHE A CE1 1 
ATOM   104  C  CE2 . PHE A 1 24  ? 5.985   -4.661  -10.941 1.00 39.65 ? 12  PHE A CE2 1 
ATOM   105  C  CZ  . PHE A 1 24  ? 4.898   -4.506  -11.788 1.00 41.25 ? 12  PHE A CZ  1 
ATOM   106  N  N   . LYS A 1 25  ? 8.368   -1.340  -11.915 1.00 32.41 ? 13  LYS A N   1 
ATOM   107  C  CA  . LYS A 1 25  ? 9.498   -1.973  -12.604 1.00 33.29 ? 13  LYS A CA  1 
ATOM   108  C  C   . LYS A 1 25  ? 10.767  -1.099  -12.545 1.00 33.57 ? 13  LYS A C   1 
ATOM   109  O  O   . LYS A 1 25  ? 11.870  -1.615  -12.564 1.00 29.78 ? 13  LYS A O   1 
ATOM   110  C  CB  . LYS A 1 25  ? 9.165   -2.285  -14.076 1.00 31.81 ? 13  LYS A CB  1 
ATOM   111  C  CG  . LYS A 1 25  ? 8.155   -3.413  -14.299 1.00 36.32 ? 13  LYS A CG  1 
ATOM   112  C  CD  . LYS A 1 25  ? 7.746   -3.533  -15.776 1.00 32.42 ? 13  LYS A CD  1 
ATOM   113  N  N   . LYS A 1 26  ? 10.578  0.218   -12.473 1.00 34.27 ? 14  LYS A N   1 
ATOM   114  C  CA  . LYS A 1 26  ? 11.660  1.210   -12.483 1.00 35.69 ? 14  LYS A CA  1 
ATOM   115  C  C   . LYS A 1 26  ? 11.919  1.671   -11.027 1.00 34.29 ? 14  LYS A C   1 
ATOM   116  O  O   . LYS A 1 26  ? 13.063  1.855   -10.601 1.00 32.86 ? 14  LYS A O   1 
ATOM   117  C  CB  . LYS A 1 26  ? 11.199  2.358   -13.411 1.00 35.44 ? 14  LYS A CB  1 
ATOM   118  C  CG  . LYS A 1 26  ? 12.184  3.386   -13.796 1.00 39.85 ? 14  LYS A CG  1 
ATOM   119  C  CD  . LYS A 1 26  ? 11.580  4.325   -14.839 1.00 39.24 ? 14  LYS A CD  1 
ATOM   120  N  N   . GLU A 1 27  ? 10.850  1.775   -10.251 1.00 33.45 ? 15  GLU A N   1 
ATOM   121  C  CA  . GLU A 1 27  ? 10.871  2.439   -8.944  1.00 34.78 ? 15  GLU A CA  1 
ATOM   122  C  C   . GLU A 1 27  ? 10.483  1.521   -7.758  1.00 36.33 ? 15  GLU A C   1 
ATOM   123  O  O   . GLU A 1 27  ? 9.310   1.135   -7.622  1.00 32.59 ? 15  GLU A O   1 
ATOM   124  C  CB  . GLU A 1 27  ? 9.943   3.689   -8.987  1.00 34.94 ? 15  GLU A CB  1 
ATOM   125  C  CG  . GLU A 1 27  ? 9.875   4.485   -7.659  1.00 31.56 ? 15  GLU A CG  1 
ATOM   126  C  CD  . GLU A 1 27  ? 11.253  4.773   -7.069  1.00 32.12 ? 15  GLU A CD  1 
ATOM   127  O  OE1 . GLU A 1 27  ? 12.036  5.463   -7.733  1.00 31.22 ? 15  GLU A OE1 1 
ATOM   128  O  OE2 . GLU A 1 27  ? 11.577  4.323   -5.945  1.00 38.10 ? 15  GLU A OE2 1 
ATOM   129  N  N   . LYS A 1 28  ? 11.467  1.211   -6.894  1.00 36.66 ? 16  LYS A N   1 
ATOM   130  C  CA  . LYS A 1 28  ? 11.251  0.388   -5.664  1.00 36.37 ? 16  LYS A CA  1 
ATOM   131  C  C   . LYS A 1 28  ? 10.176  0.912   -4.716  1.00 35.79 ? 16  LYS A C   1 
ATOM   132  O  O   . LYS A 1 28  ? 9.596   0.155   -3.966  1.00 36.44 ? 16  LYS A O   1 
ATOM   133  C  CB  . LYS A 1 28  ? 12.569  0.201   -4.857  1.00 37.95 ? 16  LYS A CB  1 
ATOM   134  C  CG  . LYS A 1 28  ? 13.244  1.500   -4.310  1.00 39.26 ? 16  LYS A CG  1 
ATOM   135  C  CD  . LYS A 1 28  ? 14.626  1.197   -3.642  1.00 41.09 ? 16  LYS A CD  1 
ATOM   136  C  CE  . LYS A 1 28  ? 15.726  2.253   -3.987  1.00 49.36 ? 16  LYS A CE  1 
ATOM   137  N  NZ  . LYS A 1 28  ? 17.075  1.663   -4.411  1.00 41.41 ? 16  LYS A NZ  1 
ATOM   138  N  N   . HIS A 1 29  ? 9.931   2.214   -4.730  1.00 34.08 ? 17  HIS A N   1 
ATOM   139  C  CA  . HIS A 1 29  ? 9.043   2.809   -3.777  1.00 33.65 ? 17  HIS A CA  1 
ATOM   140  C  C   . HIS A 1 29  ? 7.564   2.640   -4.085  1.00 32.79 ? 17  HIS A C   1 
ATOM   141  O  O   . HIS A 1 29  ? 6.751   2.765   -3.182  1.00 32.50 ? 17  HIS A O   1 
ATOM   142  C  CB  . HIS A 1 29  ? 9.362   4.287   -3.611  1.00 35.03 ? 17  HIS A CB  1 
ATOM   143  C  CG  . HIS A 1 29  ? 10.610  4.557   -2.823  1.00 38.38 ? 17  HIS A CG  1 
ATOM   144  N  ND1 . HIS A 1 29  ? 11.796  4.955   -3.413  1.00 33.90 ? 17  HIS A ND1 1 
ATOM   145  C  CD2 . HIS A 1 29  ? 10.840  4.530   -1.485  1.00 28.82 ? 17  HIS A CD2 1 
ATOM   146  C  CE1 . HIS A 1 29  ? 12.704  5.148   -2.474  1.00 32.60 ? 17  HIS A CE1 1 
ATOM   147  N  NE2 . HIS A 1 29  ? 12.154  4.881   -1.300  1.00 32.94 ? 17  HIS A NE2 1 
ATOM   148  N  N   . VAL A 1 30  ? 7.215   2.332   -5.336  1.00 33.29 ? 18  VAL A N   1 
ATOM   149  C  CA  . VAL A 1 30  ? 5.796   2.192   -5.756  1.00 33.63 ? 18  VAL A CA  1 
ATOM   150  C  C   . VAL A 1 30  ? 5.118   0.992   -5.081  1.00 33.79 ? 18  VAL A C   1 
ATOM   151  O  O   . VAL A 1 30  ? 5.627   -0.112  -5.151  1.00 34.94 ? 18  VAL A O   1 
ATOM   152  C  CB  . VAL A 1 30  ? 5.659   1.993   -7.288  1.00 35.28 ? 18  VAL A CB  1 
ATOM   153  C  CG1 . VAL A 1 30  ? 4.175   1.992   -7.702  1.00 34.52 ? 18  VAL A CG1 1 
ATOM   154  C  CG2 . VAL A 1 30  ? 6.432   3.047   -8.020  1.00 37.39 ? 18  VAL A CG2 1 
ATOM   155  N  N   . PRO A 1 31  ? 3.977   1.201   -4.408  1.00 33.06 ? 19  PRO A N   1 
ATOM   156  C  CA  . PRO A 1 31  ? 3.240   0.043   -3.882  1.00 32.41 ? 19  PRO A CA  1 
ATOM   157  C  C   . PRO A 1 31  ? 2.594   -0.742  -5.021  1.00 30.70 ? 19  PRO A C   1 
ATOM   158  O  O   . PRO A 1 31  ? 2.009   -0.143  -5.866  1.00 33.66 ? 19  PRO A O   1 
ATOM   159  C  CB  . PRO A 1 31  ? 2.201   0.671   -2.975  1.00 32.08 ? 19  PRO A CB  1 
ATOM   160  C  CG  . PRO A 1 31  ? 1.981   2.043   -3.508  1.00 31.33 ? 19  PRO A CG  1 
ATOM   161  C  CD  . PRO A 1 31  ? 3.310   2.476   -4.085  1.00 34.61 ? 19  PRO A CD  1 
ATOM   162  N  N   . VAL A 1 32  ? 2.736   -2.055  -5.050  1.00 29.30 ? 20  VAL A N   1 
ATOM   163  C  CA  . VAL A 1 32  ? 2.209   -2.869  -6.127  1.00 29.58 ? 20  VAL A CA  1 
ATOM   164  C  C   . VAL A 1 32  ? 0.977   -3.601  -5.564  1.00 31.04 ? 20  VAL A C   1 
ATOM   165  O  O   . VAL A 1 32  ? 1.072   -4.349  -4.593  1.00 28.53 ? 20  VAL A O   1 
ATOM   166  C  CB  . VAL A 1 32  ? 3.245   -3.880  -6.688  1.00 32.62 ? 20  VAL A CB  1 
ATOM   167  C  CG1 . VAL A 1 32  ? 2.646   -4.704  -7.803  1.00 29.24 ? 20  VAL A CG1 1 
ATOM   168  C  CG2 . VAL A 1 32  ? 4.552   -3.170  -7.174  1.00 32.78 ? 20  VAL A CG2 1 
ATOM   169  N  N   . ILE A 1 33  ? -0.179  -3.342  -6.190  1.00 33.36 ? 21  ILE A N   1 
ATOM   170  C  CA  . ILE A 1 33  ? -1.454  -3.982  -5.851  1.00 32.05 ? 21  ILE A CA  1 
ATOM   171  C  C   . ILE A 1 33  ? -1.548  -5.297  -6.608  1.00 30.88 ? 21  ILE A C   1 
ATOM   172  O  O   . ILE A 1 33  ? -1.319  -5.347  -7.820  1.00 32.36 ? 21  ILE A O   1 
ATOM   173  C  CB  . ILE A 1 33  ? -2.670  -3.098  -6.227  1.00 31.75 ? 21  ILE A CB  1 
ATOM   174  C  CG1 . ILE A 1 33  ? -2.502  -1.696  -5.596  1.00 29.25 ? 21  ILE A CG1 1 
ATOM   175  C  CG2 . ILE A 1 33  ? -4.017  -3.824  -5.828  1.00 29.13 ? 21  ILE A CG2 1 
ATOM   176  C  CD1 . ILE A 1 33  ? -3.464  -0.629  -6.083  1.00 30.29 ? 21  ILE A CD1 1 
ATOM   177  N  N   . GLU A 1 34  ? -1.891  -6.350  -5.889  1.00 29.53 ? 22  GLU A N   1 
ATOM   178  C  CA  . GLU A 1 34  ? -2.320  -7.622  -6.485  1.00 30.99 ? 22  GLU A CA  1 
ATOM   179  C  C   . GLU A 1 34  ? -3.719  -7.972  -5.985  1.00 31.62 ? 22  GLU A C   1 
ATOM   180  O  O   . GLU A 1 34  ? -3.904  -8.246  -4.820  1.00 32.93 ? 22  GLU A O   1 
ATOM   181  C  CB  . GLU A 1 34  ? -1.343  -8.745  -6.129  1.00 29.87 ? 22  GLU A CB  1 
ATOM   182  C  CG  . GLU A 1 34  ? 0.055   -8.598  -6.775  1.00 38.39 ? 22  GLU A CG  1 
ATOM   183  C  CD  . GLU A 1 34  ? 1.040   -9.606  -6.221  1.00 35.23 ? 22  GLU A CD  1 
ATOM   184  O  OE1 . GLU A 1 34  ? 1.681   -9.299  -5.202  1.00 48.50 ? 22  GLU A OE1 1 
ATOM   185  O  OE2 . GLU A 1 34  ? 1.155   -10.703 -6.793  1.00 53.36 ? 22  GLU A OE2 1 
ATOM   186  N  N   . ALA A 1 35  ? -4.691  -7.931  -6.876  1.00 33.97 ? 23  ALA A N   1 
ATOM   187  C  CA  . ALA A 1 35  ? -6.091  -8.115  -6.514  1.00 31.77 ? 23  ALA A CA  1 
ATOM   188  C  C   . ALA A 1 35  ? -6.776  -8.657  -7.755  1.00 33.24 ? 23  ALA A C   1 
ATOM   189  O  O   . ALA A 1 35  ? -6.297  -8.408  -8.892  1.00 29.35 ? 23  ALA A O   1 
ATOM   190  C  CB  . ALA A 1 35  ? -6.716  -6.811  -6.087  1.00 28.51 ? 23  ALA A CB  1 
ATOM   191  N  N   . PRO A 1 36  ? -7.856  -9.458  -7.567  1.00 32.32 ? 24  PRO A N   1 
ATOM   192  C  CA  . PRO A 1 36  ? -8.495  -9.939  -8.784  1.00 31.40 ? 24  PRO A CA  1 
ATOM   193  C  C   . PRO A 1 36  ? -9.135  -8.786  -9.544  1.00 32.16 ? 24  PRO A C   1 
ATOM   194  O  O   . PRO A 1 36  ? -9.515  -7.774  -8.981  1.00 32.37 ? 24  PRO A O   1 
ATOM   195  C  CB  . PRO A 1 36  ? -9.535  -10.959 -8.294  1.00 28.97 ? 24  PRO A CB  1 
ATOM   196  C  CG  . PRO A 1 36  ? -9.344  -11.094 -6.852  1.00 33.53 ? 24  PRO A CG  1 
ATOM   197  C  CD  . PRO A 1 36  ? -8.500  -9.978  -6.348  1.00 32.28 ? 24  PRO A CD  1 
ATOM   198  N  N   . GLU A 1 37  ? -9.250  -8.978  -10.837 1.00 35.57 ? 25  GLU A N   1 
ATOM   199  C  CA  . GLU A 1 37  ? -9.838  -8.002  -11.724 1.00 38.74 ? 25  GLU A CA  1 
ATOM   200  C  C   . GLU A 1 37  ? -11.351 -7.883  -11.542 1.00 35.78 ? 25  GLU A C   1 
ATOM   201  O  O   . GLU A 1 37  ? -11.892 -6.793  -11.706 1.00 32.73 ? 25  GLU A O   1 
ATOM   202  C  CB  . GLU A 1 37  ? -9.538  -8.428  -13.147 1.00 38.16 ? 25  GLU A CB  1 
ATOM   203  C  CG  . GLU A 1 37  ? -9.798  -7.360  -14.168 1.00 47.79 ? 25  GLU A CG  1 
ATOM   204  C  CD  . GLU A 1 37  ? -9.417  -7.837  -15.551 1.00 47.24 ? 25  GLU A CD  1 
ATOM   205  O  OE1 . GLU A 1 37  ? -8.752  -8.907  -15.643 1.00 59.78 ? 25  GLU A OE1 1 
ATOM   206  O  OE2 . GLU A 1 37  ? -9.802  -7.161  -16.536 1.00 64.97 ? 25  GLU A OE2 1 
ATOM   207  N  N   . LYS A 1 38  ? -11.996 -9.013  -11.220 1.00 32.42 ? 26  LYS A N   1 
ATOM   208  C  CA  . LYS A 1 38  ? -13.425 -9.082  -11.049 1.00 32.54 ? 26  LYS A CA  1 
ATOM   209  C  C   . LYS A 1 38  ? -13.795 -10.055 -9.935  1.00 31.74 ? 26  LYS A C   1 
ATOM   210  O  O   . LYS A 1 38  ? -13.246 -11.153 -9.886  1.00 30.03 ? 26  LYS A O   1 
ATOM   211  C  CB  . LYS A 1 38  ? -14.097 -9.518  -12.361 1.00 31.84 ? 26  LYS A CB  1 
ATOM   212  C  CG  . LYS A 1 38  ? -15.639 -9.444  -12.312 1.00 34.85 ? 26  LYS A CG  1 
ATOM   213  C  CD  . LYS A 1 38  ? -16.250 -9.544  -13.669 1.00 32.88 ? 26  LYS A CD  1 
ATOM   214  C  CE  . LYS A 1 38  ? -16.046 -10.910 -14.311 1.00 33.06 ? 26  LYS A CE  1 
ATOM   215  N  NZ  . LYS A 1 38  ? -16.481 -12.086 -13.488 1.00 37.75 ? 26  LYS A NZ  1 
ATOM   216  N  N   . VAL A 1 39  ? -14.753 -9.654  -9.080  1.00 32.38 ? 27  VAL A N   1 
ATOM   217  C  CA  . VAL A 1 39  ? -15.175 -10.417 -7.905  1.00 29.42 ? 27  VAL A CA  1 
ATOM   218  C  C   . VAL A 1 39  ? -16.675 -10.458 -7.797  1.00 30.27 ? 27  VAL A C   1 
ATOM   219  O  O   . VAL A 1 39  ? -17.373 -9.716  -8.484  1.00 26.72 ? 27  VAL A O   1 
ATOM   220  C  CB  . VAL A 1 39  ? -14.580 -9.829  -6.588  1.00 30.71 ? 27  VAL A CB  1 
ATOM   221  C  CG1 . VAL A 1 39  ? -13.040 -9.864  -6.660  1.00 22.29 ? 27  VAL A CG1 1 
ATOM   222  C  CG2 . VAL A 1 39  ? -15.083 -8.402  -6.300  1.00 27.09 ? 27  VAL A CG2 1 
ATOM   223  N  N   . LYS A 1 40  ? -17.166 -11.356 -6.952  1.00 29.33 ? 28  LYS A N   1 
ATOM   224  C  CA  . LYS A 1 40  ? -18.585 -11.433 -6.661  1.00 28.03 ? 28  LYS A CA  1 
ATOM   225  C  C   . LYS A 1 40  ? -18.933 -10.484 -5.512  1.00 27.54 ? 28  LYS A C   1 
ATOM   226  O  O   . LYS A 1 40  ? -18.153 -10.270 -4.577  1.00 24.68 ? 28  LYS A O   1 
ATOM   227  C  CB  . LYS A 1 40  ? -19.000 -12.865 -6.295  1.00 28.63 ? 28  LYS A CB  1 
ATOM   228  C  CG  . LYS A 1 40  ? -18.915 -13.877 -7.423  1.00 32.16 ? 28  LYS A CG  1 
ATOM   229  N  N   . LYS A 1 41  ? -20.119 -9.916  -5.587  1.00 28.71 ? 29  LYS A N   1 
ATOM   230  C  CA  . LYS A 1 41  ? -20.634 -9.036  -4.552  1.00 31.86 ? 29  LYS A CA  1 
ATOM   231  C  C   . LYS A 1 41  ? -20.598 -9.756  -3.201  1.00 29.92 ? 29  LYS A C   1 
ATOM   232  O  O   . LYS A 1 41  ? -21.044 -10.903 -3.088  1.00 27.96 ? 29  LYS A O   1 
ATOM   233  C  CB  . LYS A 1 41  ? -22.062 -8.605  -4.946  1.00 31.21 ? 29  LYS A CB  1 
ATOM   234  C  CG  . LYS A 1 41  ? -22.822 -7.854  -3.880  1.00 34.45 ? 29  LYS A CG  1 
ATOM   235  C  CD  . LYS A 1 41  ? -24.236 -7.518  -4.332  1.00 35.43 ? 29  LYS A CD  1 
ATOM   236  C  CE  . LYS A 1 41  ? -24.216 -6.526  -5.534  1.00 46.68 ? 29  LYS A CE  1 
ATOM   237  N  NZ  . LYS A 1 41  ? -25.562 -5.946  -5.906  1.00 40.20 ? 29  LYS A NZ  1 
ATOM   238  N  N   . ASP A 1 42  ? -20.020 -9.092  -2.196  1.00 33.25 ? 30  ASP A N   1 
ATOM   239  C  CA  . ASP A 1 42  ? -19.930 -9.599  -0.791  1.00 34.44 ? 30  ASP A CA  1 
ATOM   240  C  C   . ASP A 1 42  ? -19.020 -10.791 -0.494  1.00 35.21 ? 30  ASP A C   1 
ATOM   241  O  O   . ASP A 1 42  ? -19.014 -11.273 0.652   1.00 35.80 ? 30  ASP A O   1 
ATOM   242  C  CB  . ASP A 1 42  ? -21.326 -9.931  -0.213  1.00 35.40 ? 30  ASP A CB  1 
ATOM   243  C  CG  . ASP A 1 42  ? -22.210 -8.719  -0.112  1.00 39.26 ? 30  ASP A CG  1 
ATOM   244  O  OD1 . ASP A 1 42  ? -21.656 -7.654  0.254   1.00 49.34 ? 30  ASP A OD1 1 
ATOM   245  O  OD2 . ASP A 1 42  ? -23.436 -8.844  -0.420  1.00 50.63 ? 30  ASP A OD2 1 
ATOM   246  N  N   . GLU A 1 43  ? -18.291 -11.310 -1.483  1.00 35.93 ? 31  GLU A N   1 
ATOM   247  C  CA  A GLU A 1 43  ? -17.338 -12.353 -1.171  0.50 35.12 ? 31  GLU A CA  1 
ATOM   248  C  CA  B GLU A 1 43  ? -17.289 -12.357 -1.240  0.50 34.43 ? 31  GLU A CA  1 
ATOM   249  C  C   . GLU A 1 43  ? -16.056 -11.683 -0.685  1.00 34.17 ? 31  GLU A C   1 
ATOM   250  O  O   . GLU A 1 43  ? -15.797 -10.514 -0.970  1.00 33.22 ? 31  GLU A O   1 
ATOM   251  C  CB  A GLU A 1 43  ? -17.178 -13.329 -2.341  0.50 35.24 ? 31  GLU A CB  1 
ATOM   252  C  CB  B GLU A 1 43  ? -16.935 -13.178 -2.500  0.50 34.09 ? 31  GLU A CB  1 
ATOM   253  C  CG  A GLU A 1 43  ? -18.427 -14.248 -2.457  0.50 35.34 ? 31  GLU A CG  1 
ATOM   254  C  CG  B GLU A 1 43  ? -16.178 -12.439 -3.607  0.50 32.15 ? 31  GLU A CG  1 
ATOM   255  C  CD  A GLU A 1 43  ? -18.393 -15.190 -3.639  0.50 35.26 ? 31  GLU A CD  1 
ATOM   256  C  CD  B GLU A 1 43  ? -15.293 -13.347 -4.471  0.50 33.96 ? 31  GLU A CD  1 
ATOM   257  O  OE1 A GLU A 1 43  ? -17.301 -15.699 -3.979  0.50 40.35 ? 31  GLU A OE1 1 
ATOM   258  O  OE1 B GLU A 1 43  ? -14.186 -13.725 -4.030  0.50 40.52 ? 31  GLU A OE1 1 
ATOM   259  O  OE2 A GLU A 1 43  ? -19.464 -15.416 -4.235  0.50 40.35 ? 31  GLU A OE2 1 
ATOM   260  O  OE2 B GLU A 1 43  ? -15.687 -13.639 -5.609  0.50 19.04 ? 31  GLU A OE2 1 
ATOM   261  N  N   . LYS A 1 44  ? -15.309 -12.421 0.114   1.00 34.69 ? 32  LYS A N   1 
ATOM   262  C  CA  . LYS A 1 44  ? -14.112 -11.932 0.699   1.00 34.92 ? 32  LYS A CA  1 
ATOM   263  C  C   . LYS A 1 44  ? -13.085 -11.888 -0.420  1.00 31.94 ? 32  LYS A C   1 
ATOM   264  O  O   . LYS A 1 44  ? -12.792 -12.888 -1.019  1.00 30.18 ? 32  LYS A O   1 
ATOM   265  C  CB  . LYS A 1 44  ? -13.682 -12.871 1.829   1.00 36.21 ? 32  LYS A CB  1 
ATOM   266  C  CG  . LYS A 1 44  ? -14.710 -13.048 2.959   1.00 39.37 ? 32  LYS A CG  1 
ATOM   267  C  CD  . LYS A 1 44  ? -14.168 -13.938 4.085   1.00 43.71 ? 32  LYS A CD  1 
ATOM   268  C  CE  . LYS A 1 44  ? -14.871 -13.696 5.451   1.00 50.79 ? 32  LYS A CE  1 
ATOM   269  N  NZ  . LYS A 1 44  ? -14.132 -12.702 6.363   1.00 58.69 ? 32  LYS A NZ  1 
ATOM   270  N  N   . VAL A 1 45  ? -12.566 -10.706 -0.693  1.00 32.68 ? 33  VAL A N   1 
ATOM   271  C  CA  . VAL A 1 45  ? -11.530 -10.488 -1.682  1.00 30.62 ? 33  VAL A CA  1 
ATOM   272  C  C   . VAL A 1 45  ? -10.188 -10.205 -0.966  1.00 32.76 ? 33  VAL A C   1 
ATOM   273  O  O   . VAL A 1 45  ? -10.121 -9.309  -0.120  1.00 27.30 ? 33  VAL A O   1 
ATOM   274  C  CB  . VAL A 1 45  ? -11.901 -9.271  -2.526  1.00 30.27 ? 33  VAL A CB  1 
ATOM   275  C  CG1 . VAL A 1 45  ? -10.860 -9.033  -3.650  1.00 30.77 ? 33  VAL A CG1 1 
ATOM   276  C  CG2 . VAL A 1 45  ? -13.334 -9.408  -3.062  1.00 31.90 ? 33  VAL A CG2 1 
ATOM   277  N  N   . GLN A 1 46  ? -9.136  -10.956 -1.337  1.00 32.68 ? 34  GLN A N   1 
ATOM   278  C  CA  . GLN A 1 46  ? -7.778  -10.682 -0.912  1.00 32.81 ? 34  GLN A CA  1 
ATOM   279  C  C   . GLN A 1 46  ? -7.072  -9.675  -1.814  1.00 31.52 ? 34  GLN A C   1 
ATOM   280  O  O   . GLN A 1 46  ? -6.972  -9.857  -3.026  1.00 31.81 ? 34  GLN A O   1 
ATOM   281  C  CB  . GLN A 1 46  ? -6.964  -11.974 -0.879  1.00 33.72 ? 34  GLN A CB  1 
ATOM   282  C  CG  . GLN A 1 46  ? -7.327  -12.919 0.270   1.00 38.50 ? 34  GLN A CG  1 
ATOM   283  C  CD  . GLN A 1 46  ? -6.629  -14.262 0.150   1.00 44.14 ? 34  GLN A CD  1 
ATOM   284  O  OE1 . GLN A 1 46  ? -7.291  -15.321 0.138   1.00 60.46 ? 34  GLN A OE1 1 
ATOM   285  N  NE2 . GLN A 1 46  ? -5.296  -14.231 -0.007  1.00 39.91 ? 34  GLN A NE2 1 
ATOM   286  N  N   . ILE A 1 47  ? -6.576  -8.611  -1.179  1.00 29.71 ? 35  ILE A N   1 
ATOM   287  C  CA  . ILE A 1 47  ? -5.773  -7.547  -1.797  1.00 29.82 ? 35  ILE A CA  1 
ATOM   288  C  C   . ILE A 1 47  ? -4.369  -7.599  -1.140  1.00 31.93 ? 35  ILE A C   1 
ATOM   289  O  O   . ILE A 1 47  ? -4.223  -7.448  0.080   1.00 36.14 ? 35  ILE A O   1 
ATOM   290  C  CB  . ILE A 1 47  ? -6.418  -6.161  -1.607  1.00 27.19 ? 35  ILE A CB  1 
ATOM   291  C  CG1 . ILE A 1 47  ? -7.843  -6.098  -2.236  1.00 25.12 ? 35  ILE A CG1 1 
ATOM   292  C  CG2 . ILE A 1 47  ? -5.546  -5.000  -2.196  1.00 30.90 ? 35  ILE A CG2 1 
ATOM   293  C  CD1 . ILE A 1 47  ? -8.589  -4.748  -1.946  1.00 25.36 ? 35  ILE A CD1 1 
ATOM   294  N  N   . VAL A 1 48  ? -3.355  -7.850  -1.950  1.00 31.09 ? 36  VAL A N   1 
ATOM   295  C  CA  . VAL A 1 48  ? -1.959  -7.891  -1.467  1.00 30.39 ? 36  VAL A CA  1 
ATOM   296  C  C   . VAL A 1 48  ? -1.356  -6.612  -1.998  1.00 31.45 ? 36  VAL A C   1 
ATOM   297  O  O   . VAL A 1 48  ? -1.625  -6.265  -3.151  1.00 29.44 ? 36  VAL A O   1 
ATOM   298  C  CB  . VAL A 1 48  ? -1.198  -9.130  -1.963  1.00 28.74 ? 36  VAL A CB  1 
ATOM   299  C  CG1 . VAL A 1 48  ? 0.189   -9.237  -1.273  1.00 26.06 ? 36  VAL A CG1 1 
ATOM   300  C  CG2 . VAL A 1 48  ? -2.001  -10.376 -1.720  1.00 29.38 ? 36  VAL A CG2 1 
ATOM   301  N  N   . VAL A 1 49  ? -0.667  -5.849  -1.131  1.00 31.06 ? 37  VAL A N   1 
ATOM   302  C  CA  . VAL A 1 49  ? 0.077   -4.641  -1.538  1.00 29.66 ? 37  VAL A CA  1 
ATOM   303  C  C   . VAL A 1 49  ? 1.505   -4.817  -1.042  1.00 31.51 ? 37  VAL A C   1 
ATOM   304  O  O   . VAL A 1 49  ? 1.708   -5.165  0.125   1.00 29.01 ? 37  VAL A O   1 
ATOM   305  C  CB  . VAL A 1 49  ? -0.537  -3.334  -0.991  1.00 25.72 ? 37  VAL A CB  1 
ATOM   306  C  CG1 . VAL A 1 49  ? 0.150   -2.118  -1.653  1.00 30.12 ? 37  VAL A CG1 1 
ATOM   307  C  CG2 . VAL A 1 49  ? -2.053  -3.303  -1.261  1.00 29.17 ? 37  VAL A CG2 1 
ATOM   308  N  N   . THR A 1 50  ? 2.492   -4.613  -1.930  1.00 32.59 ? 38  THR A N   1 
ATOM   309  C  CA  . THR A 1 50  ? 3.895   -4.765  -1.589  1.00 32.42 ? 38  THR A CA  1 
ATOM   310  C  C   . THR A 1 50  ? 4.681   -3.582  -2.099  1.00 33.80 ? 38  THR A C   1 
ATOM   311  O  O   . THR A 1 50  ? 4.505   -3.197  -3.247  1.00 33.32 ? 38  THR A O   1 
ATOM   312  C  CB  . THR A 1 50  ? 4.470   -6.027  -2.255  1.00 32.20 ? 38  THR A CB  1 
ATOM   313  O  OG1 . THR A 1 50  ? 3.584   -7.083  -1.932  1.00 34.04 ? 38  THR A OG1 1 
ATOM   314  C  CG2 . THR A 1 50  ? 5.913   -6.371  -1.768  1.00 29.87 ? 38  THR A CG2 1 
ATOM   315  N  N   . VAL A 1 51  ? 5.554   -3.036  -1.249  1.00 32.91 ? 39  VAL A N   1 
ATOM   316  C  CA  . VAL A 1 51  ? 6.548   -2.065  -1.682  1.00 31.17 ? 39  VAL A CA  1 
ATOM   317  C  C   . VAL A 1 51  ? 7.815   -2.836  -1.820  1.00 32.43 ? 39  VAL A C   1 
ATOM   318  O  O   . VAL A 1 51  ? 8.191   -3.613  -0.948  1.00 32.02 ? 39  VAL A O   1 
ATOM   319  C  CB  . VAL A 1 51  ? 6.745   -0.871  -0.705  1.00 32.74 ? 39  VAL A CB  1 
ATOM   320  C  CG1 . VAL A 1 51  ? 7.996   0.012   -1.117  1.00 29.83 ? 39  VAL A CG1 1 
ATOM   321  C  CG2 . VAL A 1 51  ? 5.495   -0.036  -0.653  1.00 30.58 ? 39  VAL A CG2 1 
ATOM   322  N  N   . GLY A 1 52  ? 8.455   -2.647  -2.958  1.00 34.57 ? 40  GLY A N   1 
ATOM   323  C  CA  . GLY A 1 52  ? 9.715   -3.290  -3.238  1.00 33.46 ? 40  GLY A CA  1 
ATOM   324  C  C   . GLY A 1 52  ? 9.481   -4.628  -3.875  1.00 35.00 ? 40  GLY A C   1 
ATOM   325  O  O   . GLY A 1 52  ? 10.282  -5.520  -3.692  1.00 34.84 ? 40  GLY A O   1 
ATOM   326  N  N   . LYS A 1 53  ? 8.386   -4.759  -4.629  1.00 37.16 ? 41  LYS A N   1 
ATOM   327  C  CA  . LYS A 1 53  ? 8.014   -6.031  -5.270  1.00 40.11 ? 41  LYS A CA  1 
ATOM   328  C  C   . LYS A 1 53  ? 9.109   -6.493  -6.241  1.00 41.83 ? 41  LYS A C   1 
ATOM   329  O  O   . LYS A 1 53  ? 9.627   -7.608  -6.138  1.00 41.26 ? 41  LYS A O   1 
ATOM   330  C  CB  . LYS A 1 53  ? 6.662   -5.845  -5.966  1.00 39.86 ? 41  LYS A CB  1 
ATOM   331  C  CG  . LYS A 1 53  ? 6.147   -7.020  -6.756  1.00 42.76 ? 41  LYS A CG  1 
ATOM   332  C  CD  . LYS A 1 53  ? 5.336   -7.972  -5.920  1.00 45.09 ? 41  LYS A CD  1 
ATOM   333  C  CE  . LYS A 1 53  ? 4.924   -9.187  -6.738  1.00 49.44 ? 41  LYS A CE  1 
ATOM   334  N  NZ  . LYS A 1 53  ? 4.738   -8.832  -8.201  1.00 57.85 ? 41  LYS A NZ  1 
ATOM   335  N  N   . GLU A 1 54  ? 9.506   -5.624  -7.168  1.00 44.52 ? 42  GLU A N   1 
ATOM   336  C  CA  . GLU A 1 54  ? 10.535  -5.979  -8.162  1.00 44.01 ? 42  GLU A CA  1 
ATOM   337  C  C   . GLU A 1 54  ? 11.927  -5.481  -7.768  1.00 43.49 ? 42  GLU A C   1 
ATOM   338  O  O   . GLU A 1 54  ? 12.888  -6.230  -7.893  1.00 44.12 ? 42  GLU A O   1 
ATOM   339  C  CB  . GLU A 1 54  ? 10.160  -5.469  -9.557  1.00 44.80 ? 42  GLU A CB  1 
ATOM   340  C  CG  . GLU A 1 54  ? 8.884   -6.123  -10.109 1.00 51.99 ? 42  GLU A CG  1 
ATOM   341  C  CD  . GLU A 1 54  ? 9.013   -7.633  -10.340 1.00 56.44 ? 42  GLU A CD  1 
ATOM   342  O  OE1 . GLU A 1 54  ? 9.972   -8.058  -11.042 1.00 66.56 ? 42  GLU A OE1 1 
ATOM   343  O  OE2 . GLU A 1 54  ? 8.151   -8.382  -9.823  1.00 51.57 ? 42  GLU A OE2 1 
ATOM   344  N  N   . ILE A 1 55  ? 12.044  -4.235  -7.301  1.00 39.90 ? 43  ILE A N   1 
ATOM   345  C  CA  . ILE A 1 55  ? 13.312  -3.752  -6.766  1.00 39.69 ? 43  ILE A CA  1 
ATOM   346  C  C   . ILE A 1 55  ? 13.180  -3.710  -5.251  1.00 39.18 ? 43  ILE A C   1 
ATOM   347  O  O   . ILE A 1 55  ? 12.328  -3.002  -4.702  1.00 39.76 ? 43  ILE A O   1 
ATOM   348  C  CB  . ILE A 1 55  ? 13.709  -2.362  -7.328  1.00 40.32 ? 43  ILE A CB  1 
ATOM   349  C  CG1 . ILE A 1 55  ? 13.753  -2.394  -8.861  1.00 42.12 ? 43  ILE A CG1 1 
ATOM   350  C  CG2 . ILE A 1 55  ? 15.086  -1.918  -6.787  1.00 36.00 ? 43  ILE A CG2 1 
ATOM   351  C  CD1 . ILE A 1 55  ? 12.705  -1.562  -9.540  1.00 45.23 ? 43  ILE A CD1 1 
ATOM   352  N  N   . PRO A 1 56  ? 14.002  -4.471  -4.547  1.00 37.45 ? 44  PRO A N   1 
ATOM   353  C  CA  . PRO A 1 56  ? 13.803  -4.377  -3.103  1.00 38.90 ? 44  PRO A CA  1 
ATOM   354  C  C   . PRO A 1 56  ? 14.151  -2.996  -2.500  1.00 39.54 ? 44  PRO A C   1 
ATOM   355  O  O   . PRO A 1 56  ? 14.987  -2.242  -3.006  1.00 40.21 ? 44  PRO A O   1 
ATOM   356  C  CB  . PRO A 1 56  ? 14.702  -5.468  -2.554  1.00 38.89 ? 44  PRO A CB  1 
ATOM   357  C  CG  . PRO A 1 56  ? 15.742  -5.705  -3.636  1.00 41.57 ? 44  PRO A CG  1 
ATOM   358  C  CD  . PRO A 1 56  ? 15.101  -5.374  -4.932  1.00 41.45 ? 44  PRO A CD  1 
ATOM   359  N  N   . HIS A 1 57  ? 13.462  -2.658  -1.437  1.00 40.07 ? 45  HIS A N   1 
ATOM   360  C  CA  . HIS A 1 57  ? 13.687  -1.420  -0.746  1.00 40.70 ? 45  HIS A CA  1 
ATOM   361  C  C   . HIS A 1 57  ? 14.314  -1.780  0.616   1.00 41.00 ? 45  HIS A C   1 
ATOM   362  O  O   . HIS A 1 57  ? 13.892  -2.758  1.242   1.00 41.37 ? 45  HIS A O   1 
ATOM   363  C  CB  . HIS A 1 57  ? 12.346  -0.692  -0.576  1.00 42.67 ? 45  HIS A CB  1 
ATOM   364  C  CG  . HIS A 1 57  ? 12.467  0.612   0.135   1.00 40.27 ? 45  HIS A CG  1 
ATOM   365  N  ND1 . HIS A 1 57  ? 12.701  0.698   1.493   1.00 44.30 ? 45  HIS A ND1 1 
ATOM   366  C  CD2 . HIS A 1 57  ? 12.418  1.883   -0.320  1.00 41.29 ? 45  HIS A CD2 1 
ATOM   367  C  CE1 . HIS A 1 57  ? 12.796  1.968   1.843   1.00 40.58 ? 45  HIS A CE1 1 
ATOM   368  N  NE2 . HIS A 1 57  ? 12.629  2.706   0.760   1.00 43.89 ? 45  HIS A NE2 1 
ATOM   369  N  N   . PRO A 1 58  ? 15.296  -0.974  1.097   1.00 40.52 ? 46  PRO A N   1 
ATOM   370  C  CA  . PRO A 1 58  ? 15.949  -1.214  2.393   1.00 39.52 ? 46  PRO A CA  1 
ATOM   371  C  C   . PRO A 1 58  ? 14.990  -1.314  3.561   1.00 36.31 ? 46  PRO A C   1 
ATOM   372  O  O   . PRO A 1 58  ? 13.915  -0.699  3.532   1.00 37.52 ? 46  PRO A O   1 
ATOM   373  C  CB  . PRO A 1 58  ? 16.824  0.034   2.574   1.00 39.50 ? 46  PRO A CB  1 
ATOM   374  C  CG  . PRO A 1 58  ? 17.150  0.463   1.190   1.00 43.10 ? 46  PRO A CG  1 
ATOM   375  C  CD  . PRO A 1 58  ? 15.848  0.235   0.451   1.00 42.02 ? 46  PRO A CD  1 
ATOM   376  N  N   . ASN A 1 59  ? 15.350  -2.097  4.578   1.00 33.61 ? 47  ASN A N   1 
ATOM   377  C  CA  . ASN A 1 59  ? 14.606  -2.087  5.848   1.00 29.88 ? 47  ASN A CA  1 
ATOM   378  C  C   . ASN A 1 59  ? 15.570  -1.995  7.004   1.00 30.79 ? 47  ASN A C   1 
ATOM   379  O  O   . ASN A 1 59  ? 15.989  -2.995  7.560   1.00 32.11 ? 47  ASN A O   1 
ATOM   380  C  CB  . ASN A 1 59  ? 13.705  -3.298  5.967   1.00 29.20 ? 47  ASN A CB  1 
ATOM   381  C  CG  . ASN A 1 59  ? 12.692  -3.145  7.049   1.00 32.75 ? 47  ASN A CG  1 
ATOM   382  O  OD1 . ASN A 1 59  ? 12.669  -2.129  7.742   1.00 34.00 ? 47  ASN A OD1 1 
ATOM   383  N  ND2 . ASN A 1 59  ? 11.833  -4.156  7.220   1.00 32.59 ? 47  ASN A ND2 1 
ATOM   384  N  N   . THR A 1 60  ? 15.967  -0.771  7.322   1.00 32.42 ? 48  THR A N   1 
ATOM   385  C  CA  . THR A 1 60  ? 16.986  -0.508  8.341   1.00 32.00 ? 48  THR A CA  1 
ATOM   386  C  C   . THR A 1 60  ? 16.376  0.471   9.341   1.00 30.97 ? 48  THR A C   1 
ATOM   387  O  O   . THR A 1 60  ? 15.318  1.047   9.108   1.00 29.77 ? 48  THR A O   1 
ATOM   388  C  CB  . THR A 1 60  ? 18.256  0.096   7.740   1.00 32.37 ? 48  THR A CB  1 
ATOM   389  O  OG1 . THR A 1 60  ? 17.961  1.360   7.150   1.00 27.89 ? 48  THR A OG1 1 
ATOM   390  C  CG2 . THR A 1 60  ? 18.903  -0.834  6.684   1.00 30.50 ? 48  THR A CG2 1 
ATOM   391  N  N   . THR A 1 61  ? 17.022  0.641   10.482  1.00 31.56 ? 49  THR A N   1 
ATOM   392  C  CA  . THR A 1 61  ? 16.512  1.564   11.492  1.00 32.27 ? 49  THR A CA  1 
ATOM   393  C  C   . THR A 1 61  ? 16.423  2.987   10.886  1.00 32.83 ? 49  THR A C   1 
ATOM   394  O  O   . THR A 1 61  ? 15.471  3.736   11.159  1.00 36.02 ? 49  THR A O   1 
ATOM   395  C  CB  . THR A 1 61  ? 17.403  1.537   12.760  1.00 30.13 ? 49  THR A CB  1 
ATOM   396  O  OG1 . THR A 1 61  ? 17.410  0.202   13.309  1.00 33.30 ? 49  THR A OG1 1 
ATOM   397  C  CG2 . THR A 1 61  ? 16.913  2.551   13.788  1.00 29.85 ? 49  THR A CG2 1 
ATOM   398  N  N   . GLU A 1 62  ? 17.400  3.327   10.029  1.00 33.00 ? 50  GLU A N   1 
ATOM   399  C  CA  . GLU A 1 62  ? 17.517  4.673   9.428   1.00 33.55 ? 50  GLU A CA  1 
ATOM   400  C  C   . GLU A 1 62  ? 16.618  4.934   8.187   1.00 33.33 ? 50  GLU A C   1 
ATOM   401  O  O   . GLU A 1 62  ? 16.265  6.077   7.888   1.00 33.69 ? 50  GLU A O   1 
ATOM   402  C  CB  . GLU A 1 62  ? 18.961  4.940   9.049   1.00 32.34 ? 50  GLU A CB  1 
ATOM   403  C  CG  . GLU A 1 62  ? 19.900  4.862   10.205  1.00 38.20 ? 50  GLU A CG  1 
ATOM   404  C  CD  . GLU A 1 62  ? 20.403  3.469   10.486  1.00 33.75 ? 50  GLU A CD  1 
ATOM   405  O  OE1 . GLU A 1 62  ? 19.962  2.508   9.791   1.00 36.37 ? 50  GLU A OE1 1 
ATOM   406  O  OE2 . GLU A 1 62  ? 21.246  3.363   11.412  1.00 36.20 ? 50  GLU A OE2 1 
ATOM   407  N  N   . HIS A 1 63  ? 16.255  3.862   7.486   1.00 33.15 ? 51  HIS A N   1 
ATOM   408  C  CA  . HIS A 1 63  ? 15.585  3.962   6.191   1.00 31.71 ? 51  HIS A CA  1 
ATOM   409  C  C   . HIS A 1 63  ? 14.630  2.767   6.013   1.00 30.20 ? 51  HIS A C   1 
ATOM   410  O  O   . HIS A 1 63  ? 15.031  1.618   5.965   1.00 33.24 ? 51  HIS A O   1 
ATOM   411  C  CB  . HIS A 1 63  ? 16.643  4.044   5.086   1.00 32.27 ? 51  HIS A CB  1 
ATOM   412  C  CG  . HIS A 1 63  ? 16.084  4.102   3.703   1.00 32.61 ? 51  HIS A CG  1 
ATOM   413  N  ND1 . HIS A 1 63  ? 16.808  3.713   2.597   1.00 34.55 ? 51  HIS A ND1 1 
ATOM   414  C  CD2 . HIS A 1 63  ? 14.875  4.500   3.242   1.00 33.99 ? 51  HIS A CD2 1 
ATOM   415  C  CE1 . HIS A 1 63  ? 16.065  3.864   1.515   1.00 31.51 ? 51  HIS A CE1 1 
ATOM   416  N  NE2 . HIS A 1 63  ? 14.887  4.332   1.884   1.00 32.42 ? 51  HIS A NE2 1 
ATOM   417  N  N   . HIS A 1 64  ? 13.353  3.050   5.923   1.00 27.98 ? 52  HIS A N   1 
ATOM   418  C  CA  . HIS A 1 64  ? 12.366  1.974   5.823   1.00 30.21 ? 52  HIS A CA  1 
ATOM   419  C  C   . HIS A 1 64  ? 11.046  2.510   5.357   1.00 30.65 ? 52  HIS A C   1 
ATOM   420  O  O   . HIS A 1 64  ? 10.780  3.706   5.498   1.00 30.91 ? 52  HIS A O   1 
ATOM   421  C  CB  . HIS A 1 64  ? 12.167  1.293   7.201   1.00 32.97 ? 52  HIS A CB  1 
ATOM   422  C  CG  . HIS A 1 64  ? 11.915  2.254   8.328   1.00 28.98 ? 52  HIS A CG  1 
ATOM   423  N  ND1 . HIS A 1 64  ? 12.898  2.628   9.224   1.00 31.03 ? 52  HIS A ND1 1 
ATOM   424  C  CD2 . HIS A 1 64  ? 10.802  2.928   8.692   1.00 33.44 ? 52  HIS A CD2 1 
ATOM   425  C  CE1 . HIS A 1 64  ? 12.390  3.476   10.097  1.00 34.94 ? 52  HIS A CE1 1 
ATOM   426  N  NE2 . HIS A 1 64  ? 11.116  3.676   9.799   1.00 34.20 ? 52  HIS A NE2 1 
ATOM   427  N  N   . ILE A 1 65  ? 10.192  1.599   4.884   1.00 32.81 ? 53  ILE A N   1 
ATOM   428  C  CA  . ILE A 1 65  ? 8.801   1.885   4.567   1.00 30.97 ? 53  ILE A CA  1 
ATOM   429  C  C   . ILE A 1 65  ? 8.005   1.809   5.862   1.00 31.05 ? 53  ILE A C   1 
ATOM   430  O  O   . ILE A 1 65  ? 8.058   0.828   6.590   1.00 35.43 ? 53  ILE A O   1 
ATOM   431  C  CB  . ILE A 1 65  ? 8.241   0.919   3.483   1.00 30.96 ? 53  ILE A CB  1 
ATOM   432  C  CG1 . ILE A 1 65  ? 9.072   1.010   2.202   1.00 31.73 ? 53  ILE A CG1 1 
ATOM   433  C  CG2 . ILE A 1 65  ? 6.738   1.147   3.219   1.00 33.33 ? 53  ILE A CG2 1 
ATOM   434  C  CD1 . ILE A 1 65  ? 9.113   2.386   1.508   1.00 32.55 ? 53  ILE A CD1 1 
ATOM   435  N  N   . ARG A 1 66  ? 7.294   2.881   6.158   1.00 29.99 ? 54  ARG A N   1 
ATOM   436  C  CA  . ARG A 1 66  ? 6.529   3.029   7.403   1.00 31.67 ? 54  ARG A CA  1 
ATOM   437  C  C   . ARG A 1 66  ? 5.165   2.377   7.340   1.00 31.71 ? 54  ARG A C   1 
ATOM   438  O  O   . ARG A 1 66  ? 4.728   1.744   8.290   1.00 29.92 ? 54  ARG A O   1 
ATOM   439  C  CB  . ARG A 1 66  ? 6.307   4.491   7.680   1.00 28.16 ? 54  ARG A CB  1 
ATOM   440  C  CG  . ARG A 1 66  ? 7.516   5.246   8.103   1.00 29.18 ? 54  ARG A CG  1 
ATOM   441  C  CD  . ARG A 1 66  ? 7.780   4.991   9.600   1.00 30.52 ? 54  ARG A CD  1 
ATOM   442  N  NE  . ARG A 1 66  ? 8.927   5.752   10.056  1.00 32.87 ? 54  ARG A NE  1 
ATOM   443  C  CZ  . ARG A 1 66  ? 8.900   7.048   10.320  1.00 33.15 ? 54  ARG A CZ  1 
ATOM   444  N  NH1 . ARG A 1 66  ? 7.772   7.721   10.240  1.00 27.77 ? 54  ARG A NH1 1 
ATOM   445  N  NH2 . ARG A 1 66  ? 9.993   7.661   10.736  1.00 30.80 ? 54  ARG A NH2 1 
ATOM   446  N  N   . TRP A 1 67  ? 4.478   2.583   6.216   1.00 32.06 ? 55  TRP A N   1 
ATOM   447  C  CA  . TRP A 1 67  ? 3.156   2.075   6.080   1.00 30.32 ? 55  TRP A CA  1 
ATOM   448  C  C   . TRP A 1 67  ? 2.697   1.978   4.638   1.00 30.33 ? 55  TRP A C   1 
ATOM   449  O  O   . TRP A 1 67  ? 3.257   2.602   3.739   1.00 30.99 ? 55  TRP A O   1 
ATOM   450  C  CB  . TRP A 1 67  ? 2.165   2.900   6.923   1.00 29.32 ? 55  TRP A CB  1 
ATOM   451  C  CG  . TRP A 1 67  ? 2.177   4.376   6.764   1.00 31.75 ? 55  TRP A CG  1 
ATOM   452  C  CD1 . TRP A 1 67  ? 2.722   5.271   7.635   1.00 33.24 ? 55  TRP A CD1 1 
ATOM   453  C  CD2 . TRP A 1 67  ? 1.586   5.160   5.697   1.00 31.71 ? 55  TRP A CD2 1 
ATOM   454  N  NE1 . TRP A 1 67  ? 2.525   6.545   7.172   1.00 30.27 ? 55  TRP A NE1 1 
ATOM   455  C  CE2 . TRP A 1 67  ? 1.810   6.506   6.004   1.00 34.29 ? 55  TRP A CE2 1 
ATOM   456  C  CE3 . TRP A 1 67  ? 0.860   4.847   4.533   1.00 30.02 ? 55  TRP A CE3 1 
ATOM   457  C  CZ2 . TRP A 1 67  ? 1.358   7.554   5.177   1.00 28.37 ? 55  TRP A CZ2 1 
ATOM   458  C  CZ3 . TRP A 1 67  ? 0.430   5.874   3.698   1.00 30.31 ? 55  TRP A CZ3 1 
ATOM   459  C  CH2 . TRP A 1 67  ? 0.688   7.218   4.023   1.00 35.71 ? 55  TRP A CH2 1 
ATOM   460  N  N   . ILE A 1 68  ? 1.649   1.177   4.469   1.00 32.27 ? 56  ILE A N   1 
ATOM   461  C  CA  . ILE A 1 68  ? 0.842   1.101   3.263   1.00 29.68 ? 56  ILE A CA  1 
ATOM   462  C  C   . ILE A 1 68  ? -0.607  1.402   3.700   1.00 31.08 ? 56  ILE A C   1 
ATOM   463  O  O   . ILE A 1 68  ? -1.023  0.918   4.714   1.00 31.48 ? 56  ILE A O   1 
ATOM   464  C  CB  . ILE A 1 68  ? 0.893   -0.334  2.653   1.00 32.04 ? 56  ILE A CB  1 
ATOM   465  C  CG1 . ILE A 1 68  ? 2.191   -0.540  1.901   1.00 26.30 ? 56  ILE A CG1 1 
ATOM   466  C  CG2 . ILE A 1 68  ? -0.337  -0.623  1.701   1.00 33.08 ? 56  ILE A CG2 1 
ATOM   467  C  CD1 . ILE A 1 68  ? 2.419   -1.982  1.461   1.00 26.53 ? 56  ILE A CD1 1 
ATOM   468  N  N   . LYS A 1 69  ? -1.342  2.184   2.917   1.00 30.65 ? 57  LYS A N   1 
ATOM   469  C  CA  . LYS A 1 69  ? -2.736  2.491   3.122   1.00 31.83 ? 57  LYS A CA  1 
ATOM   470  C  C   . LYS A 1 69  ? -3.465  2.110   1.833   1.00 33.03 ? 57  LYS A C   1 
ATOM   471  O  O   . LYS A 1 69  ? -2.924  2.246   0.713   1.00 32.74 ? 57  LYS A O   1 
ATOM   472  C  CB  . LYS A 1 69  ? -2.835  3.995   3.442   1.00 32.15 ? 57  LYS A CB  1 
ATOM   473  C  CG  . LYS A 1 69  ? -4.094  4.548   3.967   1.00 42.18 ? 57  LYS A CG  1 
ATOM   474  C  CD  . LYS A 1 69  ? -3.899  6.048   4.422   1.00 35.44 ? 57  LYS A CD  1 
ATOM   475  C  CE  . LYS A 1 69  ? -3.160  6.179   5.730   1.00 42.88 ? 57  LYS A CE  1 
ATOM   476  N  NZ  . LYS A 1 69  ? -2.392  7.433   5.878   1.00 41.17 ? 57  LYS A NZ  1 
ATOM   477  N  N   . VAL A 1 70  ? -4.687  1.601   1.988   1.00 31.34 ? 58  VAL A N   1 
ATOM   478  C  CA  . VAL A 1 70  ? -5.520  1.256   0.861   1.00 31.14 ? 58  VAL A CA  1 
ATOM   479  C  C   . VAL A 1 70  ? -6.801  2.077   0.935   1.00 30.77 ? 58  VAL A C   1 
ATOM   480  O  O   . VAL A 1 70  ? -7.426  2.187   1.990   1.00 33.25 ? 58  VAL A O   1 
ATOM   481  C  CB  . VAL A 1 70  ? -5.869  -0.282  0.802   1.00 27.56 ? 58  VAL A CB  1 
ATOM   482  C  CG1 . VAL A 1 70  ? -6.916  -0.565  -0.377  1.00 27.21 ? 58  VAL A CG1 1 
ATOM   483  C  CG2 . VAL A 1 70  ? -4.585  -1.102  0.650   1.00 25.97 ? 58  VAL A CG2 1 
ATOM   484  N  N   . PHE A 1 71  ? -7.154  2.655   -0.207  1.00 29.62 ? 59  PHE A N   1 
ATOM   485  C  CA  . PHE A 1 71  ? -8.411  3.360   -0.409  1.00 32.01 ? 59  PHE A CA  1 
ATOM   486  C  C   . PHE A 1 71  ? -9.253  2.669   -1.458  1.00 30.73 ? 59  PHE A C   1 
ATOM   487  O  O   . PHE A 1 71  ? -8.713  2.044   -2.394  1.00 31.20 ? 59  PHE A O   1 
ATOM   488  C  CB  . PHE A 1 71  ? -8.135  4.801   -0.870  1.00 31.08 ? 59  PHE A CB  1 
ATOM   489  C  CG  . PHE A 1 71  ? -7.521  5.688   0.217   1.00 32.41 ? 59  PHE A CG  1 
ATOM   490  C  CD1 . PHE A 1 71  ? -8.315  6.297   1.136   1.00 32.40 ? 59  PHE A CD1 1 
ATOM   491  C  CD2 . PHE A 1 71  ? -6.152  5.892   0.286   1.00 33.85 ? 59  PHE A CD2 1 
ATOM   492  C  CE1 . PHE A 1 71  ? -7.798  7.096   2.112   1.00 32.58 ? 59  PHE A CE1 1 
ATOM   493  C  CE2 . PHE A 1 71  ? -5.640  6.685   1.251   1.00 33.97 ? 59  PHE A CE2 1 
ATOM   494  C  CZ  . PHE A 1 71  ? -6.472  7.289   2.165   1.00 36.32 ? 59  PHE A CZ  1 
ATOM   495  N  N   . PHE A 1 72  ? -10.570 2.783   -1.303  1.00 30.38 ? 60  PHE A N   1 
ATOM   496  C  CA  . PHE A 1 72  ? -11.518 2.353   -2.338  1.00 29.60 ? 60  PHE A CA  1 
ATOM   497  C  C   . PHE A 1 72  ? -12.334 3.538   -2.785  1.00 29.79 ? 60  PHE A C   1 
ATOM   498  O  O   . PHE A 1 72  ? -12.872 4.303   -1.965  1.00 30.26 ? 60  PHE A O   1 
ATOM   499  C  CB  . PHE A 1 72  ? -12.429 1.234   -1.843  1.00 28.01 ? 60  PHE A CB  1 
ATOM   500  C  CG  . PHE A 1 72  ? -13.302 0.659   -2.910  1.00 27.32 ? 60  PHE A CG  1 
ATOM   501  C  CD1 . PHE A 1 72  ? -12.758 -0.069  -3.952  1.00 27.54 ? 60  PHE A CD1 1 
ATOM   502  C  CD2 . PHE A 1 72  ? -14.677 0.823   -2.863  1.00 31.49 ? 60  PHE A CD2 1 
ATOM   503  C  CE1 . PHE A 1 72  ? -13.584 -0.627  -4.962  1.00 31.52 ? 60  PHE A CE1 1 
ATOM   504  C  CE2 . PHE A 1 72  ? -15.495 0.274   -3.850  1.00 32.49 ? 60  PHE A CE2 1 
ATOM   505  C  CZ  . PHE A 1 72  ? -14.933 -0.449  -4.909  1.00 28.30 ? 60  PHE A CZ  1 
ATOM   506  N  N   . GLN A 1 73  ? -12.421 3.673   -4.101  1.00 29.60 ? 61  GLN A N   1 
ATOM   507  C  CA  . GLN A 1 73  ? -13.200 4.703   -4.738  1.00 31.21 ? 61  GLN A CA  1 
ATOM   508  C  C   . GLN A 1 73  ? -14.326 4.032   -5.514  1.00 31.64 ? 61  GLN A C   1 
ATOM   509  O  O   . GLN A 1 73  ? -14.085 3.491   -6.595  1.00 32.41 ? 61  GLN A O   1 
ATOM   510  C  CB  . GLN A 1 73  ? -12.314 5.523   -5.678  1.00 33.14 ? 61  GLN A CB  1 
ATOM   511  C  CG  . GLN A 1 73  ? -12.783 6.933   -5.909  1.00 32.45 ? 61  GLN A CG  1 
ATOM   512  C  CD  . GLN A 1 73  ? -14.037 6.989   -6.704  1.00 25.33 ? 61  GLN A CD  1 
ATOM   513  O  OE1 . GLN A 1 73  ? -14.080 6.493   -7.823  1.00 34.27 ? 61  GLN A OE1 1 
ATOM   514  N  NE2 . GLN A 1 73  ? -15.085 7.581   -6.131  1.00 25.03 ? 61  GLN A NE2 1 
ATOM   515  N  N   . PRO A 1 74  ? -15.559 4.055   -4.966  1.00 28.66 ? 62  PRO A N   1 
ATOM   516  C  CA  . PRO A 1 74  ? -16.639 3.384   -5.649  1.00 29.94 ? 62  PRO A CA  1 
ATOM   517  C  C   . PRO A 1 74  ? -16.992 4.144   -6.904  1.00 30.12 ? 62  PRO A C   1 
ATOM   518  O  O   . PRO A 1 74  ? -17.088 5.365   -6.836  1.00 31.04 ? 62  PRO A O   1 
ATOM   519  C  CB  . PRO A 1 74  ? -17.794 3.406   -4.628  1.00 28.83 ? 62  PRO A CB  1 
ATOM   520  C  CG  . PRO A 1 74  ? -17.211 3.827   -3.326  1.00 32.90 ? 62  PRO A CG  1 
ATOM   521  C  CD  . PRO A 1 74  ? -15.975 4.636   -3.673  1.00 29.37 ? 62  PRO A CD  1 
ATOM   522  N  N   . ASP A 1 75  ? -17.148 3.459   -8.044  1.00 31.40 ? 63  ASP A N   1 
ATOM   523  C  CA  . ASP A 1 75  ? -17.484 4.153   -9.318  1.00 32.61 ? 63  ASP A CA  1 
ATOM   524  C  C   . ASP A 1 75  ? -18.775 4.965   -9.121  1.00 33.70 ? 63  ASP A C   1 
ATOM   525  O  O   . ASP A 1 75  ? -19.749 4.438   -8.585  1.00 32.49 ? 63  ASP A O   1 
ATOM   526  C  CB  . ASP A 1 75  ? -17.793 3.193   -10.470 1.00 32.71 ? 63  ASP A CB  1 
ATOM   527  C  CG  . ASP A 1 75  ? -16.602 2.427   -10.976 1.00 30.75 ? 63  ASP A CG  1 
ATOM   528  O  OD1 . ASP A 1 75  ? -15.462 2.846   -10.797 1.00 33.39 ? 63  ASP A OD1 1 
ATOM   529  O  OD2 . ASP A 1 75  ? -16.847 1.388   -11.611 1.00 36.33 ? 63  ASP A OD2 1 
ATOM   530  N  N   . GLY A 1 76  ? -18.771 6.227   -9.555  1.00 33.79 ? 64  GLY A N   1 
ATOM   531  C  CA  . GLY A 1 76  ? -19.922 7.096   -9.394  1.00 33.49 ? 64  GLY A CA  1 
ATOM   532  C  C   . GLY A 1 76  ? -20.107 7.725   -8.010  1.00 36.41 ? 64  GLY A C   1 
ATOM   533  O  O   . GLY A 1 76  ? -21.022 8.530   -7.821  1.00 38.81 ? 64  GLY A O   1 
ATOM   534  N  N   . ASP A 1 77  ? -19.256 7.375   -7.050  1.00 35.95 ? 65  ASP A N   1 
ATOM   535  C  CA  . ASP A 1 77  ? -19.243 8.026   -5.760  1.00 36.45 ? 65  ASP A CA  1 
ATOM   536  C  C   . ASP A 1 77  ? -18.305 9.249   -5.826  1.00 35.60 ? 65  ASP A C   1 
ATOM   537  O  O   . ASP A 1 77  ? -17.305 9.225   -6.551  1.00 38.03 ? 65  ASP A O   1 
ATOM   538  C  CB  . ASP A 1 77  ? -18.800 7.040   -4.687  1.00 36.25 ? 65  ASP A CB  1 
ATOM   539  C  CG  . ASP A 1 77  ? -19.264 7.416   -3.295  1.00 37.03 ? 65  ASP A CG  1 
ATOM   540  O  OD1 . ASP A 1 77  ? -20.352 6.985   -2.900  1.00 35.78 ? 65  ASP A OD1 1 
ATOM   541  O  OD2 . ASP A 1 77  ? -18.530 8.121   -2.564  1.00 37.86 ? 65  ASP A OD2 1 
ATOM   542  N  N   . PRO A 1 78  ? -18.653 10.336  -5.107  1.00 33.63 ? 66  PRO A N   1 
ATOM   543  C  CA  . PRO A 1 78  ? -17.786 11.501  -5.006  1.00 33.04 ? 66  PRO A CA  1 
ATOM   544  C  C   . PRO A 1 78  ? -16.561 11.329  -4.113  1.00 33.90 ? 66  PRO A C   1 
ATOM   545  O  O   . PRO A 1 78  ? -15.662 12.166  -4.175  1.00 37.57 ? 66  PRO A O   1 
ATOM   546  C  CB  . PRO A 1 78  ? -18.690 12.579  -4.398  1.00 34.31 ? 66  PRO A CB  1 
ATOM   547  C  CG  . PRO A 1 78  ? -20.074 12.025  -4.356  1.00 35.04 ? 66  PRO A CG  1 
ATOM   548  C  CD  . PRO A 1 78  ? -19.922 10.537  -4.387  1.00 36.14 ? 66  PRO A CD  1 
ATOM   549  N  N   . TYR A 1 79  ? -16.488 10.272  -3.302  1.00 32.54 ? 67  TYR A N   1 
ATOM   550  C  CA  . TYR A 1 79  ? -15.461 10.184  -2.290  1.00 32.82 ? 67  TYR A CA  1 
ATOM   551  C  C   . TYR A 1 79  ? -14.555 8.949   -2.425  1.00 32.45 ? 67  TYR A C   1 
ATOM   552  O  O   . TYR A 1 79  ? -14.805 8.080   -3.262  1.00 33.52 ? 67  TYR A O   1 
ATOM   553  C  CB  . TYR A 1 79  ? -16.127 10.207  -0.929  1.00 32.98 ? 67  TYR A CB  1 
ATOM   554  C  CG  . TYR A 1 79  ? -17.117 11.341  -0.721  1.00 30.16 ? 67  TYR A CG  1 
ATOM   555  C  CD1 . TYR A 1 79  ? -16.688 12.671  -0.623  1.00 30.66 ? 67  TYR A CD1 1 
ATOM   556  C  CD2 . TYR A 1 79  ? -18.473 11.086  -0.576  1.00 35.19 ? 67  TYR A CD2 1 
ATOM   557  C  CE1 . TYR A 1 79  ? -17.596 13.708  -0.433  1.00 24.30 ? 67  TYR A CE1 1 
ATOM   558  C  CE2 . TYR A 1 79  ? -19.394 12.123  -0.379  1.00 31.45 ? 67  TYR A CE2 1 
ATOM   559  C  CZ  . TYR A 1 79  ? -18.944 13.432  -0.295  1.00 30.79 ? 67  TYR A CZ  1 
ATOM   560  O  OH  . TYR A 1 79  ? -19.860 14.444  -0.106  1.00 28.74 ? 67  TYR A OH  1 
ATOM   561  N  N   . VAL A 1 80  ? -13.468 8.934   -1.647  1.00 30.36 ? 68  VAL A N   1 
ATOM   562  C  CA  . VAL A 1 80  ? -12.656 7.748   -1.425  1.00 27.95 ? 68  VAL A CA  1 
ATOM   563  C  C   . VAL A 1 80  ? -12.928 7.341   0.012   1.00 28.79 ? 68  VAL A C   1 
ATOM   564  O  O   . VAL A 1 80  ? -13.292 8.181   0.855   1.00 29.09 ? 68  VAL A O   1 
ATOM   565  C  CB  . VAL A 1 80  ? -11.072 7.900   -1.591  1.00 28.45 ? 68  VAL A CB  1 
ATOM   566  C  CG1 . VAL A 1 80  ? -10.641 7.807   -3.026  1.00 34.75 ? 68  VAL A CG1 1 
ATOM   567  C  CG2 . VAL A 1 80  ? -10.515 9.154   -0.869  1.00 29.59 ? 68  VAL A CG2 1 
ATOM   568  N  N   . TYR A 1 81  ? -12.747 6.048   0.274   1.00 29.42 ? 69  TYR A N   1 
ATOM   569  C  CA  . TYR A 1 81  ? -12.972 5.450   1.573   1.00 29.19 ? 69  TYR A CA  1 
ATOM   570  C  C   . TYR A 1 81  ? -11.663 4.761   1.957   1.00 31.39 ? 69  TYR A C   1 
ATOM   571  O  O   . TYR A 1 81  ? -11.019 4.062   1.135   1.00 31.82 ? 69  TYR A O   1 
ATOM   572  C  CB  . TYR A 1 81  ? -14.220 4.500   1.568   1.00 31.53 ? 69  TYR A CB  1 
ATOM   573  C  CG  . TYR A 1 81  ? -15.455 5.241   1.138   1.00 29.27 ? 69  TYR A CG  1 
ATOM   574  C  CD1 . TYR A 1 81  ? -16.212 5.977   2.050   1.00 33.13 ? 69  TYR A CD1 1 
ATOM   575  C  CD2 . TYR A 1 81  ? -15.827 5.297   -0.193  1.00 35.88 ? 69  TYR A CD2 1 
ATOM   576  C  CE1 . TYR A 1 81  ? -17.311 6.703   1.650   1.00 30.38 ? 69  TYR A CE1 1 
ATOM   577  C  CE2 . TYR A 1 81  ? -16.941 6.040   -0.589  1.00 27.31 ? 69  TYR A CE2 1 
ATOM   578  C  CZ  . TYR A 1 81  ? -17.672 6.738   0.346   1.00 27.42 ? 69  TYR A CZ  1 
ATOM   579  O  OH  . TYR A 1 81  ? -18.778 7.488   -0.027  1.00 34.47 ? 69  TYR A OH  1 
ATOM   580  N  N   . GLU A 1 82  ? -11.243 5.000   3.194   1.00 31.14 ? 70  GLU A N   1 
ATOM   581  C  CA  . GLU A 1 82  ? -10.054 4.367   3.709   1.00 31.19 ? 70  GLU A CA  1 
ATOM   582  C  C   . GLU A 1 82  ? -10.368 2.930   4.082   1.00 31.59 ? 70  GLU A C   1 
ATOM   583  O  O   . GLU A 1 82  ? -11.007 2.674   5.088   1.00 34.33 ? 70  GLU A O   1 
ATOM   584  C  CB  . GLU A 1 82  ? -9.516  5.131   4.914   1.00 31.04 ? 70  GLU A CB  1 
ATOM   585  C  CG  . GLU A 1 82  ? -8.138  4.645   5.367   1.00 33.93 ? 70  GLU A CG  1 
ATOM   586  C  CD  . GLU A 1 82  ? -7.527  5.465   6.524   1.00 37.07 ? 70  GLU A CD  1 
ATOM   587  O  OE1 . GLU A 1 82  ? -8.041  5.414   7.666   1.00 36.68 ? 70  GLU A OE1 1 
ATOM   588  O  OE2 . GLU A 1 82  ? -6.480  6.106   6.279   1.00 43.25 ? 70  GLU A OE2 1 
ATOM   589  N  N   . VAL A 1 83  ? -9.900  1.994   3.259   1.00 30.79 ? 71  VAL A N   1 
ATOM   590  C  CA  . VAL A 1 83  ? -10.010 0.569   3.532   1.00 27.68 ? 71  VAL A CA  1 
ATOM   591  C  C   . VAL A 1 83  ? -9.172  0.232   4.779   1.00 28.25 ? 71  VAL A C   1 
ATOM   592  O  O   . VAL A 1 83  ? -9.613  -0.496  5.651   1.00 30.72 ? 71  VAL A O   1 
ATOM   593  C  CB  . VAL A 1 83  ? -9.569  -0.262  2.260   1.00 30.16 ? 71  VAL A CB  1 
ATOM   594  C  CG1 . VAL A 1 83  ? -9.362  -1.721  2.570   1.00 23.82 ? 71  VAL A CG1 1 
ATOM   595  C  CG2 . VAL A 1 83  ? -10.612 -0.059  1.116   1.00 26.84 ? 71  VAL A CG2 1 
ATOM   596  N  N   . GLY A 1 84  ? -7.951  0.738   4.839   1.00 27.80 ? 72  GLY A N   1 
ATOM   597  C  CA  . GLY A 1 84  ? -7.161  0.548   6.019   1.00 29.02 ? 72  GLY A CA  1 
ATOM   598  C  C   . GLY A 1 84  ? -5.813  1.155   5.919   1.00 28.22 ? 72  GLY A C   1 
ATOM   599  O  O   . GLY A 1 84  ? -5.392  1.590   4.845   1.00 31.16 ? 72  GLY A O   1 
ATOM   600  N  N   . ARG A 1 85  ? -5.143  1.184   7.069   1.00 28.37 ? 73  ARG A N   1 
ATOM   601  C  CA  . ARG A 1 85  ? -3.744  1.617   7.206   1.00 27.86 ? 73  ARG A CA  1 
ATOM   602  C  C   . ARG A 1 85  ? -2.963  0.493   7.851   1.00 30.64 ? 73  ARG A C   1 
ATOM   603  O  O   . ARG A 1 85  ? -3.369  -0.017  8.875   1.00 26.70 ? 73  ARG A O   1 
ATOM   604  C  CB  . ARG A 1 85  ? -3.634  2.838   8.076   1.00 26.32 ? 73  ARG A CB  1 
ATOM   605  C  CG  . ARG A 1 85  ? -2.227  3.292   8.342   1.00 33.18 ? 73  ARG A CG  1 
ATOM   606  C  CD  . ARG A 1 85  ? -2.247  4.649   8.931   1.00 34.12 ? 73  ARG A CD  1 
ATOM   607  N  NE  . ARG A 1 85  ? -1.034  5.044   9.682   1.00 37.80 ? 73  ARG A NE  1 
ATOM   608  C  CZ  . ARG A 1 85  ? -0.229  6.094   9.400   1.00 37.52 ? 73  ARG A CZ  1 
ATOM   609  N  NH1 . ARG A 1 85  ? -0.419  6.856   8.339   1.00 36.30 ? 73  ARG A NH1 1 
ATOM   610  N  NH2 . ARG A 1 85  ? 0.803   6.375   10.191  1.00 35.80 ? 73  ARG A NH2 1 
ATOM   611  N  N   . TYR A 1 86  ? -1.826  0.129   7.268   1.00 29.27 ? 74  TYR A N   1 
ATOM   612  C  CA  . TYR A 1 86  ? -1.132  -1.085  7.691   1.00 31.57 ? 74  TYR A CA  1 
ATOM   613  C  C   . TYR A 1 86  ? 0.276   -0.647  8.014   1.00 31.18 ? 74  TYR A C   1 
ATOM   614  O  O   . TYR A 1 86  ? 1.013   -0.304  7.131   1.00 31.28 ? 74  TYR A O   1 
ATOM   615  C  CB  . TYR A 1 86  ? -1.200  -2.135  6.551   1.00 34.18 ? 74  TYR A CB  1 
ATOM   616  C  CG  . TYR A 1 86  ? -2.639  -2.346  6.075   1.00 33.81 ? 74  TYR A CG  1 
ATOM   617  C  CD1 . TYR A 1 86  ? -3.518  -3.140  6.784   1.00 36.24 ? 74  TYR A CD1 1 
ATOM   618  C  CD2 . TYR A 1 86  ? -3.136  -1.667  4.948   1.00 33.78 ? 74  TYR A CD2 1 
ATOM   619  C  CE1 . TYR A 1 86  ? -4.855  -3.262  6.384   1.00 32.17 ? 74  TYR A CE1 1 
ATOM   620  C  CE2 . TYR A 1 86  ? -4.471  -1.819  4.523   1.00 29.66 ? 74  TYR A CE2 1 
ATOM   621  C  CZ  . TYR A 1 86  ? -5.308  -2.601  5.254   1.00 30.17 ? 74  TYR A CZ  1 
ATOM   622  O  OH  . TYR A 1 86  ? -6.600  -2.716  4.866   1.00 32.61 ? 74  TYR A OH  1 
ATOM   623  N  N   . GLU A 1 87  ? 0.607   -0.594  9.301   1.00 31.92 ? 75  GLU A N   1 
ATOM   624  C  CA  . GLU A 1 87  ? 1.843   0.040   9.744   1.00 31.75 ? 75  GLU A CA  1 
ATOM   625  C  C   . GLU A 1 87  ? 2.875   -1.031  9.954   1.00 28.50 ? 75  GLU A C   1 
ATOM   626  O  O   . GLU A 1 87  ? 2.563   -2.072  10.463  1.00 28.10 ? 75  GLU A O   1 
ATOM   627  C  CB  . GLU A 1 87  ? 1.604   0.817   11.018  1.00 29.30 ? 75  GLU A CB  1 
ATOM   628  C  CG  . GLU A 1 87  ? 0.685   2.026   10.849  1.00 27.63 ? 75  GLU A CG  1 
ATOM   629  C  CD  . GLU A 1 87  ? 0.526   2.823   12.126  1.00 33.67 ? 75  GLU A CD  1 
ATOM   630  O  OE1 . GLU A 1 87  ? 1.133   2.441   13.170  1.00 34.51 ? 75  GLU A OE1 1 
ATOM   631  O  OE2 . GLU A 1 87  ? -0.202  3.831   12.069  1.00 32.57 ? 75  GLU A OE2 1 
ATOM   632  N  N   . PHE A 1 88  ? 4.082   -0.807  9.466   1.00 30.99 ? 76  PHE A N   1 
ATOM   633  C  CA  . PHE A 1 88  ? 5.182   -1.747  9.622   1.00 30.90 ? 76  PHE A CA  1 
ATOM   634  C  C   . PHE A 1 88  ? 6.189   -1.084  10.578  1.00 32.36 ? 76  PHE A C   1 
ATOM   635  O  O   . PHE A 1 88  ? 6.902   -0.163  10.181  1.00 30.18 ? 76  PHE A O   1 
ATOM   636  C  CB  . PHE A 1 88  ? 5.831   -2.034  8.243   1.00 32.21 ? 76  PHE A CB  1 
ATOM   637  C  CG  . PHE A 1 88  ? 4.815   -2.285  7.129   1.00 33.91 ? 76  PHE A CG  1 
ATOM   638  C  CD1 . PHE A 1 88  ? 3.926   -3.354  7.198   1.00 31.80 ? 76  PHE A CD1 1 
ATOM   639  C  CD2 . PHE A 1 88  ? 4.724   -1.417  6.043   1.00 32.33 ? 76  PHE A CD2 1 
ATOM   640  C  CE1 . PHE A 1 88  ? 2.967   -3.557  6.208   1.00 31.22 ? 76  PHE A CE1 1 
ATOM   641  C  CE2 . PHE A 1 88  ? 3.777   -1.626  5.062   1.00 30.33 ? 76  PHE A CE2 1 
ATOM   642  C  CZ  . PHE A 1 88  ? 2.906   -2.702  5.143   1.00 27.74 ? 76  PHE A CZ  1 
ATOM   643  N  N   . ASN A 1 89  ? 6.258   -1.576  11.815  1.00 30.55 ? 77  ASN A N   1 
ATOM   644  C  CA  . ASN A 1 89  ? 6.782   -0.791  12.903  1.00 29.16 ? 77  ASN A CA  1 
ATOM   645  C  C   . ASN A 1 89  ? 8.067   -1.286  13.563  1.00 29.63 ? 77  ASN A C   1 
ATOM   646  O  O   . ASN A 1 89  ? 8.552   -0.639  14.420  1.00 32.26 ? 77  ASN A O   1 
ATOM   647  C  CB  . ASN A 1 89  ? 5.677   -0.562  13.959  1.00 30.45 ? 77  ASN A CB  1 
ATOM   648  C  CG  . ASN A 1 89  ? 4.582   0.333   13.442  1.00 35.05 ? 77  ASN A CG  1 
ATOM   649  O  OD1 . ASN A 1 89  ? 4.747   0.984   12.404  1.00 31.67 ? 77  ASN A OD1 1 
ATOM   650  N  ND2 . ASN A 1 89  ? 3.439   0.354   14.132  1.00 30.54 ? 77  ASN A ND2 1 
ATOM   651  N  N   . ALA A 1 90  ? 8.616   -2.408  13.133  1.00 27.81 ? 78  ALA A N   1 
ATOM   652  C  CA  . ALA A 1 90  ? 9.831   -2.929  13.650  1.00 27.80 ? 78  ALA A CA  1 
ATOM   653  C  C   . ALA A 1 90  ? 10.884  -2.865  12.500  1.00 29.09 ? 78  ALA A C   1 
ATOM   654  O  O   . ALA A 1 90  ? 10.651  -3.339  11.387  1.00 30.13 ? 78  ALA A O   1 
ATOM   655  C  CB  . ALA A 1 90  ? 9.597   -4.344  14.134  1.00 26.83 ? 78  ALA A CB  1 
ATOM   656  N  N   . HIS A 1 91  ? 12.025  -2.252  12.773  1.00 29.67 ? 79  HIS A N   1 
ATOM   657  C  CA  . HIS A 1 91  ? 13.115  -2.106  11.779  1.00 29.89 ? 79  HIS A CA  1 
ATOM   658  C  C   . HIS A 1 91  ? 14.499  -2.266  12.446  1.00 30.77 ? 79  HIS A C   1 
ATOM   659  O  O   . HIS A 1 91  ? 15.431  -1.521  12.150  1.00 31.05 ? 79  HIS A O   1 
ATOM   660  C  CB  . HIS A 1 91  ? 12.998  -0.732  11.090  1.00 29.37 ? 79  HIS A CB  1 
ATOM   661  C  CG  . HIS A 1 91  ? 11.587  -0.343  10.727  1.00 30.07 ? 79  HIS A CG  1 
ATOM   662  N  ND1 . HIS A 1 91  ? 10.966  -0.790  9.572   1.00 29.19 ? 79  HIS A ND1 1 
ATOM   663  C  CD2 . HIS A 1 91  ? 10.678  0.437   11.368  1.00 28.67 ? 79  HIS A CD2 1 
ATOM   664  C  CE1 . HIS A 1 91  ? 9.746   -0.278  9.501   1.00 36.97 ? 79  HIS A CE1 1 
ATOM   665  N  NE2 . HIS A 1 91  ? 9.532   0.444   10.595  1.00 33.00 ? 79  HIS A NE2 1 
ATOM   666  N  N   . GLY A 1 92  ? 14.632  -3.261  13.322  1.00 31.38 ? 80  GLY A N   1 
ATOM   667  C  CA  . GLY A 1 92  ? 15.918  -3.609  13.920  1.00 31.99 ? 80  GLY A CA  1 
ATOM   668  C  C   . GLY A 1 92  ? 16.479  -2.684  14.978  1.00 32.84 ? 80  GLY A C   1 
ATOM   669  O  O   . GLY A 1 92  ? 17.631  -2.827  15.367  1.00 29.31 ? 80  GLY A O   1 
ATOM   670  N  N   . GLU A 1 93  ? 15.672  -1.740  15.448  1.00 33.54 ? 81  GLU A N   1 
ATOM   671  C  CA  . GLU A 1 93  ? 16.011  -0.868  16.596  1.00 31.72 ? 81  GLU A CA  1 
ATOM   672  C  C   . GLU A 1 93  ? 16.282  -1.704  17.853  1.00 31.27 ? 81  GLU A C   1 
ATOM   673  O  O   . GLU A 1 93  ? 15.556  -2.654  18.124  1.00 33.32 ? 81  GLU A O   1 
ATOM   674  C  CB  . GLU A 1 93  ? 14.806  0.003   16.959  1.00 33.23 ? 81  GLU A CB  1 
ATOM   675  C  CG  . GLU A 1 93  ? 14.224  0.781   15.852  1.00 44.17 ? 81  GLU A CG  1 
ATOM   676  C  CD  . GLU A 1 93  ? 13.224  0.048   14.984  1.00 35.65 ? 81  GLU A CD  1 
ATOM   677  O  OE1 . GLU A 1 93  ? 12.636  -0.986  15.372  1.00 36.96 ? 81  GLU A OE1 1 
ATOM   678  O  OE2 . GLU A 1 93  ? 13.008  0.561   13.875  1.00 37.96 ? 81  GLU A OE2 1 
ATOM   679  N  N   . SER A 1 94  ? 17.261  -1.302  18.649  1.00 29.86 ? 82  SER A N   1 
ATOM   680  C  CA  . SER A 1 94  ? 17.518  -1.946  19.912  1.00 31.39 ? 82  SER A CA  1 
ATOM   681  C  C   . SER A 1 94  ? 18.234  -0.994  20.887  1.00 31.54 ? 82  SER A C   1 
ATOM   682  O  O   . SER A 1 94  ? 18.924  -0.045  20.463  1.00 30.18 ? 82  SER A O   1 
ATOM   683  C  CB  . SER A 1 94  ? 18.408  -3.185  19.677  1.00 30.02 ? 82  SER A CB  1 
ATOM   684  O  OG  . SER A 1 94  ? 18.784  -3.788  20.900  1.00 37.82 ? 82  SER A OG  1 
ATOM   685  N  N   . VAL A 1 95  ? 18.123  -1.295  22.189  1.00 32.73 ? 83  VAL A N   1 
ATOM   686  C  CA  . VAL A 1 95  ? 18.964  -0.644  23.189  1.00 32.80 ? 83  VAL A CA  1 
ATOM   687  C  C   . VAL A 1 95  ? 20.450  -0.953  22.894  1.00 33.27 ? 83  VAL A C   1 
ATOM   688  O  O   . VAL A 1 95  ? 21.324  -0.196  23.307  1.00 35.78 ? 83  VAL A O   1 
ATOM   689  C  CB  . VAL A 1 95  ? 18.590  -1.043  24.670  1.00 34.26 ? 83  VAL A CB  1 
ATOM   690  C  CG1 . VAL A 1 95  ? 17.120  -0.759  24.975  1.00 35.58 ? 83  VAL A CG1 1 
ATOM   691  C  CG2 . VAL A 1 95  ? 18.903  -2.498  24.972  1.00 31.10 ? 83  VAL A CG2 1 
ATOM   692  N  N   . GLN A 1 96  ? 20.751  -2.051  22.190  1.00 31.98 ? 84  GLN A N   1 
ATOM   693  C  CA  . GLN A 1 96  ? 22.150  -2.365  21.826  1.00 33.15 ? 84  GLN A CA  1 
ATOM   694  C  C   . GLN A 1 96  ? 22.664  -1.499  20.664  1.00 32.17 ? 84  GLN A C   1 
ATOM   695  O  O   . GLN A 1 96  ? 23.858  -1.436  20.414  1.00 33.06 ? 84  GLN A O   1 
ATOM   696  C  CB  . GLN A 1 96  ? 22.283  -3.835  21.443  1.00 35.43 ? 84  GLN A CB  1 
ATOM   697  C  CG  . GLN A 1 96  ? 21.753  -4.805  22.480  1.00 37.84 ? 84  GLN A CG  1 
ATOM   698  C  CD  . GLN A 1 96  ? 22.596  -4.845  23.739  1.00 39.44 ? 84  GLN A CD  1 
ATOM   699  O  OE1 . GLN A 1 96  ? 23.794  -4.541  23.725  1.00 40.58 ? 84  GLN A OE1 1 
ATOM   700  N  NE2 . GLN A 1 96  ? 21.976  -5.267  24.839  1.00 43.26 ? 84  GLN A NE2 1 
ATOM   701  N  N   . GLY A 1 97  ? 21.762  -0.849  19.947  1.00 31.47 ? 85  GLY A N   1 
ATOM   702  C  CA  . GLY A 1 97  ? 22.115  0.045   18.828  1.00 31.62 ? 85  GLY A CA  1 
ATOM   703  C  C   . GLY A 1 97  ? 21.206  -0.203  17.630  1.00 30.78 ? 85  GLY A C   1 
ATOM   704  O  O   . GLY A 1 97  ? 20.451  -1.185  17.570  1.00 31.65 ? 85  GLY A O   1 
ATOM   705  N  N   . PRO A 1 98  ? 21.288  0.678   16.634  1.00 34.17 ? 86  PRO A N   1 
ATOM   706  C  CA  . PRO A 1 98  ? 20.449  0.517   15.460  1.00 32.92 ? 86  PRO A CA  1 
ATOM   707  C  C   . PRO A 1 98  ? 20.839  -0.726  14.665  1.00 32.20 ? 86  PRO A C   1 
ATOM   708  O  O   . PRO A 1 98  ? 21.997  -1.063  14.625  1.00 29.23 ? 86  PRO A O   1 
ATOM   709  C  CB  . PRO A 1 98  ? 20.722  1.779   14.650  1.00 31.95 ? 86  PRO A CB  1 
ATOM   710  C  CG  . PRO A 1 98  ? 22.062  2.240   15.099  1.00 36.62 ? 86  PRO A CG  1 
ATOM   711  C  CD  . PRO A 1 98  ? 22.208  1.828   16.523  1.00 34.24 ? 86  PRO A CD  1 
ATOM   712  N  N   . ASN A 1 99  ? 19.848  -1.373  14.057  1.00 33.08 ? 87  ASN A N   1 
ATOM   713  C  CA  . ASN A 1 99  ? 19.997  -2.589  13.250  1.00 32.22 ? 87  ASN A CA  1 
ATOM   714  C  C   . ASN A 1 99  ? 20.585  -3.799  13.977  1.00 33.12 ? 87  ASN A C   1 
ATOM   715  O  O   . ASN A 1 99  ? 21.099  -4.692  13.309  1.00 33.61 ? 87  ASN A O   1 
ATOM   716  C  CB  . ASN A 1 99  ? 20.799  -2.270  11.984  1.00 32.30 ? 87  ASN A CB  1 
ATOM   717  C  CG  . ASN A 1 99  ? 20.238  -1.083  11.239  1.00 33.91 ? 87  ASN A CG  1 
ATOM   718  O  OD1 . ASN A 1 99  ? 19.089  -1.109  10.820  1.00 28.88 ? 87  ASN A OD1 1 
ATOM   719  N  ND2 . ASN A 1 99  ? 21.029  -0.007  11.122  1.00 30.27 ? 87  ASN A ND2 1 
ATOM   720  N  N   . ILE A 1 100 ? 20.528  -3.812  15.323  1.00 32.95 ? 88  ILE A N   1 
ATOM   721  C  CA  . ILE A 1 100 ? 21.001  -4.955  16.179  1.00 33.85 ? 88  ILE A CA  1 
ATOM   722  C  C   . ILE A 1 100 ? 19.762  -5.751  16.724  1.00 31.51 ? 88  ILE A C   1 
ATOM   723  O  O   . ILE A 1 100 ? 19.903  -6.822  17.319  1.00 33.01 ? 88  ILE A O   1 
ATOM   724  C  CB  . ILE A 1 100 ? 21.970  -4.458  17.313  1.00 33.11 ? 88  ILE A CB  1 
ATOM   725  C  CG1 . ILE A 1 100 ? 23.206  -3.830  16.682  1.00 40.59 ? 88  ILE A CG1 1 
ATOM   726  C  CG2 . ILE A 1 100 ? 22.514  -5.574  18.191  1.00 29.16 ? 88  ILE A CG2 1 
ATOM   727  C  CD1 . ILE A 1 100 ? 24.134  -3.238  17.673  1.00 40.94 ? 88  ILE A CD1 1 
ATOM   728  N  N   . GLY A 1 101 ? 18.567  -5.219  16.476  1.00 28.54 ? 89  GLY A N   1 
ATOM   729  C  CA  . GLY A 1 101 ? 17.298  -5.800  16.925  1.00 30.52 ? 89  GLY A CA  1 
ATOM   730  C  C   . GLY A 1 101 ? 16.878  -7.142  16.313  1.00 31.67 ? 89  GLY A C   1 
ATOM   731  O  O   . GLY A 1 101 ? 17.484  -7.632  15.343  1.00 29.20 ? 89  GLY A O   1 
ATOM   732  N  N   . ALA A 1 102 ? 15.836  -7.727  16.902  1.00 30.71 ? 90  ALA A N   1 
ATOM   733  C  CA  . ALA A 1 102 ? 15.474  -9.113  16.672  1.00 30.08 ? 90  ALA A CA  1 
ATOM   734  C  C   . ALA A 1 102 ? 14.445  -9.255  15.536  1.00 28.97 ? 90  ALA A C   1 
ATOM   735  O  O   . ALA A 1 102 ? 14.248  -10.350 15.031  1.00 28.66 ? 90  ALA A O   1 
ATOM   736  C  CB  . ALA A 1 102 ? 14.931  -9.726  17.951  1.00 29.84 ? 90  ALA A CB  1 
ATOM   737  N  N   . VAL A 1 103 ? 13.829  -8.154  15.112  1.00 30.11 ? 91  VAL A N   1 
ATOM   738  C  CA  . VAL A 1 103 ? 12.634  -8.202  14.275  1.00 28.00 ? 91  VAL A CA  1 
ATOM   739  C  C   . VAL A 1 103 ? 12.528  -7.017  13.314  1.00 27.21 ? 91  VAL A C   1 
ATOM   740  O  O   . VAL A 1 103 ? 12.798  -5.892  13.664  1.00 27.38 ? 91  VAL A O   1 
ATOM   741  C  CB  . VAL A 1 103 ? 11.309  -8.378  15.114  1.00 29.42 ? 91  VAL A CB  1 
ATOM   742  C  CG1 . VAL A 1 103 ? 11.208  -7.370  16.241  1.00 26.25 ? 91  VAL A CG1 1 
ATOM   743  C  CG2 . VAL A 1 103 ? 10.083  -8.318  14.204  1.00 29.39 ? 91  VAL A CG2 1 
ATOM   744  N  N   . TYR A 1 104 ? 12.130  -7.336  12.086  1.00 29.24 ? 92  TYR A N   1 
ATOM   745  C  CA  . TYR A 1 104 ? 11.942  -6.402  10.986  1.00 28.17 ? 92  TYR A CA  1 
ATOM   746  C  C   . TYR A 1 104 ? 10.577  -6.723  10.384  1.00 29.73 ? 92  TYR A C   1 
ATOM   747  O  O   . TYR A 1 104 ? 10.295  -7.912  10.118  1.00 30.86 ? 92  TYR A O   1 
ATOM   748  C  CB  . TYR A 1 104 ? 12.987  -6.643  9.904   1.00 27.77 ? 92  TYR A CB  1 
ATOM   749  C  CG  . TYR A 1 104 ? 14.376  -6.259  10.311  1.00 28.69 ? 92  TYR A CG  1 
ATOM   750  C  CD1 . TYR A 1 104 ? 15.135  -7.090  11.080  1.00 29.38 ? 92  TYR A CD1 1 
ATOM   751  C  CD2 . TYR A 1 104 ? 14.893  -5.035  9.983   1.00 28.61 ? 92  TYR A CD2 1 
ATOM   752  C  CE1 . TYR A 1 104 ? 16.398  -6.728  11.465  1.00 26.53 ? 92  TYR A CE1 1 
ATOM   753  C  CE2 . TYR A 1 104 ? 16.179  -4.655  10.389  1.00 29.96 ? 92  TYR A CE2 1 
ATOM   754  C  CZ  . TYR A 1 104 ? 16.907  -5.493  11.120  1.00 30.09 ? 92  TYR A CZ  1 
ATOM   755  O  OH  . TYR A 1 104 ? 18.177  -5.126  11.539  1.00 33.27 ? 92  TYR A OH  1 
ATOM   756  N  N   . THR A 1 105 ? 9.769   -5.681  10.149  1.00 30.33 ? 93  THR A N   1 
ATOM   757  C  CA  . THR A 1 105 ? 8.476   -5.845  9.496   1.00 32.31 ? 93  THR A CA  1 
ATOM   758  C  C   . THR A 1 105 ? 8.645   -5.357  8.058   1.00 34.12 ? 93  THR A C   1 
ATOM   759  O  O   . THR A 1 105 ? 9.007   -4.194  7.808   1.00 32.98 ? 93  THR A O   1 
ATOM   760  C  CB  . THR A 1 105 ? 7.365   -5.058  10.165  1.00 32.62 ? 93  THR A CB  1 
ATOM   761  O  OG1 . THR A 1 105 ? 7.436   -5.244  11.587  1.00 28.88 ? 93  THR A OG1 1 
ATOM   762  C  CG2 . THR A 1 105 ? 5.990   -5.536  9.624   1.00 27.72 ? 93  THR A CG2 1 
ATOM   763  N  N   . GLU A 1 106 ? 8.414   -6.289  7.143   1.00 31.70 ? 94  GLU A N   1 
ATOM   764  C  CA  . GLU A 1 106 ? 8.538   -6.071  5.699   1.00 30.67 ? 94  GLU A CA  1 
ATOM   765  C  C   . GLU A 1 106 ? 7.299   -5.356  5.153   1.00 31.33 ? 94  GLU A C   1 
ATOM   766  O  O   . GLU A 1 106 ? 6.169   -5.556  5.679   1.00 30.95 ? 94  GLU A O   1 
ATOM   767  C  CB  . GLU A 1 106 ? 8.752   -7.440  5.013   1.00 30.07 ? 94  GLU A CB  1 
ATOM   768  C  CG  . GLU A 1 106 ? 10.116  -8.025  5.326   1.00 34.40 ? 94  GLU A CG  1 
ATOM   769  C  CD  . GLU A 1 106 ? 11.213  -7.078  4.832   1.00 40.96 ? 94  GLU A CD  1 
ATOM   770  O  OE1 . GLU A 1 106 ? 11.400  -7.016  3.611   1.00 44.65 ? 94  GLU A OE1 1 
ATOM   771  O  OE2 . GLU A 1 106 ? 11.819  -6.352  5.637   1.00 37.38 ? 94  GLU A OE2 1 
ATOM   772  N  N   . PRO A 1 107 ? 7.487   -4.477  4.143   1.00 31.05 ? 95  PRO A N   1 
ATOM   773  C  CA  . PRO A 1 107 ? 6.357   -3.690  3.671   1.00 33.21 ? 95  PRO A CA  1 
ATOM   774  C  C   . PRO A 1 107 ? 5.511   -4.449  2.625   1.00 30.64 ? 95  PRO A C   1 
ATOM   775  O  O   . PRO A 1 107 ? 5.452   -4.082  1.468   1.00 33.22 ? 95  PRO A O   1 
ATOM   776  C  CB  . PRO A 1 107 ? 7.017   -2.436  3.118   1.00 30.23 ? 95  PRO A CB  1 
ATOM   777  C  CG  . PRO A 1 107 ? 8.366   -2.886  2.707   1.00 31.28 ? 95  PRO A CG  1 
ATOM   778  C  CD  . PRO A 1 107 ? 8.716   -4.120  3.423   1.00 32.83 ? 95  PRO A CD  1 
ATOM   779  N  N   . THR A 1 108 ? 4.873   -5.510  3.087   1.00 32.49 ? 96  THR A N   1 
ATOM   780  C  CA  . THR A 1 108 ? 3.862   -6.244  2.325   1.00 35.99 ? 96  THR A CA  1 
ATOM   781  C  C   . THR A 1 108 ? 2.694   -6.568  3.285   1.00 37.01 ? 96  THR A C   1 
ATOM   782  O  O   . THR A 1 108 ? 2.884   -6.861  4.495   1.00 35.59 ? 96  THR A O   1 
ATOM   783  C  CB  . THR A 1 108 ? 4.452   -7.516  1.642   1.00 40.52 ? 96  THR A CB  1 
ATOM   784  O  OG1 . THR A 1 108 ? 3.408   -8.244  0.959   1.00 41.61 ? 96  THR A OG1 1 
ATOM   785  C  CG2 . THR A 1 108 ? 5.083   -8.394  2.654   1.00 41.78 ? 96  THR A CG2 1 
ATOM   786  N  N   . VAL A 1 109 ? 1.482   -6.460  2.766   1.00 31.58 ? 97  VAL A N   1 
ATOM   787  C  CA  . VAL A 1 109 ? 0.322   -6.731  3.591   1.00 33.30 ? 97  VAL A CA  1 
ATOM   788  C  C   . VAL A 1 109 ? -0.777  -7.364  2.729   1.00 31.60 ? 97  VAL A C   1 
ATOM   789  O  O   . VAL A 1 109 ? -0.899  -7.037  1.559   1.00 29.40 ? 97  VAL A O   1 
ATOM   790  C  CB  . VAL A 1 109 ? -0.151  -5.473  4.315   1.00 33.81 ? 97  VAL A CB  1 
ATOM   791  C  CG1 . VAL A 1 109 ? -0.638  -4.435  3.314   1.00 35.00 ? 97  VAL A CG1 1 
ATOM   792  C  CG2 . VAL A 1 109 ? -1.267  -5.821  5.330   1.00 32.76 ? 97  VAL A CG2 1 
ATOM   793  N  N   . THR A 1 110 ? -1.521  -8.310  3.313   1.00 32.64 ? 98  THR A N   1 
ATOM   794  C  CA  . THR A 1 110 ? -2.739  -8.815  2.703   1.00 30.78 ? 98  THR A CA  1 
ATOM   795  C  C   . THR A 1 110 ? -3.897  -8.357  3.570   1.00 31.53 ? 98  THR A C   1 
ATOM   796  O  O   . THR A 1 110 ? -3.956  -8.660  4.756   1.00 32.16 ? 98  THR A O   1 
ATOM   797  C  CB  . THR A 1 110 ? -2.731  -10.330 2.515   1.00 30.84 ? 98  THR A CB  1 
ATOM   798  O  OG1 . THR A 1 110 ? -1.529  -10.707 1.826   1.00 35.66 ? 98  THR A OG1 1 
ATOM   799  C  CG2 . THR A 1 110 ? -3.980  -10.802 1.724   1.00 26.48 ? 98  THR A CG2 1 
ATOM   800  N  N   . THR A 1 111 ? -4.817  -7.635  2.937   1.00 32.81 ? 99  THR A N   1 
ATOM   801  C  CA  . THR A 1 111 ? -6.070  -7.195  3.551   1.00 32.52 ? 99  THR A CA  1 
ATOM   802  C  C   . THR A 1 111 ? -7.225  -7.888  2.841   1.00 31.34 ? 99  THR A C   1 
ATOM   803  O  O   . THR A 1 111 ? -7.064  -8.352  1.753   1.00 31.15 ? 99  THR A O   1 
ATOM   804  C  CB  . THR A 1 111 ? -6.185  -5.647  3.537   1.00 28.83 ? 99  THR A CB  1 
ATOM   805  O  OG1 . THR A 1 111 ? -7.257  -5.243  4.397   1.00 30.73 ? 99  THR A OG1 1 
ATOM   806  C  CG2 . THR A 1 111 ? -6.367  -5.081  2.104   1.00 28.43 ? 99  THR A CG2 1 
ATOM   807  N  N   . VAL A 1 112 ? -8.362  -8.031  3.510   1.00 31.83 ? 100 VAL A N   1 
ATOM   808  C  CA  . VAL A 1 112 ? -9.503  -8.729  2.947   1.00 29.37 ? 100 VAL A CA  1 
ATOM   809  C  C   . VAL A 1 112 ? -10.711 -7.807  3.019   1.00 29.84 ? 100 VAL A C   1 
ATOM   810  O  O   . VAL A 1 112 ? -11.013 -7.286  4.082   1.00 29.44 ? 100 VAL A O   1 
ATOM   811  C  CB  . VAL A 1 112 ? -9.815  -10.020 3.696   1.00 31.60 ? 100 VAL A CB  1 
ATOM   812  C  CG1 . VAL A 1 112 ? -11.213 -10.636 3.203   1.00 25.38 ? 100 VAL A CG1 1 
ATOM   813  C  CG2 . VAL A 1 112 ? -8.624  -11.016 3.573   1.00 27.11 ? 100 VAL A CG2 1 
ATOM   814  N  N   . VAL A 1 113 ? -11.376 -7.600  1.885   1.00 29.25 ? 101 VAL A N   1 
ATOM   815  C  CA  . VAL A 1 113 ? -12.509 -6.691  1.800   1.00 29.83 ? 101 VAL A CA  1 
ATOM   816  C  C   . VAL A 1 113 ? -13.723 -7.412  1.229   1.00 29.15 ? 101 VAL A C   1 
ATOM   817  O  O   . VAL A 1 113 ? -13.608 -8.475  0.626   1.00 29.42 ? 101 VAL A O   1 
ATOM   818  C  CB  . VAL A 1 113 ? -12.227 -5.382  0.954   1.00 33.69 ? 101 VAL A CB  1 
ATOM   819  C  CG1 . VAL A 1 113 ? -11.141 -4.548  1.557   1.00 25.17 ? 101 VAL A CG1 1 
ATOM   820  C  CG2 . VAL A 1 113 ? -11.938 -5.703  -0.507  1.00 27.91 ? 101 VAL A CG2 1 
ATOM   821  N  N   . LYS A 1 114 ? -14.902 -6.867  1.512   1.00 29.79 ? 102 LYS A N   1 
ATOM   822  C  CA  . LYS A 1 114 ? -16.120 -7.234  0.798   1.00 26.76 ? 102 LYS A CA  1 
ATOM   823  C  C   . LYS A 1 114 ? -16.622 -5.990  0.094   1.00 29.63 ? 102 LYS A C   1 
ATOM   824  O  O   . LYS A 1 114 ? -16.818 -4.952  0.728   1.00 30.43 ? 102 LYS A O   1 
ATOM   825  C  CB  . LYS A 1 114 ? -17.189 -7.771  1.742   1.00 28.68 ? 102 LYS A CB  1 
ATOM   826  C  CG  . LYS A 1 114 ? -16.776 -8.994  2.550   1.00 28.15 ? 102 LYS A CG  1 
ATOM   827  C  CD  . LYS A 1 114 ? -17.965 -9.537  3.326   1.00 31.85 ? 102 LYS A CD  1 
ATOM   828  C  CE  . LYS A 1 114 ? -17.665 -10.893 3.968   1.00 42.77 ? 102 LYS A CE  1 
ATOM   829  N  NZ  . LYS A 1 114 ? -18.630 -11.252 5.078   1.00 45.94 ? 102 LYS A NZ  1 
ATOM   830  N  N   . LEU A 1 115 ? -16.847 -6.106  -1.216  1.00 31.43 ? 103 LEU A N   1 
ATOM   831  C  CA  . LEU A 1 115 ? -17.305 -5.023  -2.068  1.00 30.41 ? 103 LEU A CA  1 
ATOM   832  C  C   . LEU A 1 115 ? -18.669 -5.342  -2.577  1.00 30.06 ? 103 LEU A C   1 
ATOM   833  O  O   . LEU A 1 115 ? -19.014 -6.506  -2.775  1.00 31.94 ? 103 LEU A O   1 
ATOM   834  C  CB  . LEU A 1 115 ? -16.358 -4.847  -3.263  1.00 32.72 ? 103 LEU A CB  1 
ATOM   835  C  CG  . LEU A 1 115 ? -14.867 -4.623  -2.972  1.00 30.95 ? 103 LEU A CG  1 
ATOM   836  C  CD1 . LEU A 1 115 ? -14.064 -4.591  -4.282  1.00 30.27 ? 103 LEU A CD1 1 
ATOM   837  C  CD2 . LEU A 1 115 ? -14.659 -3.377  -2.166  1.00 26.93 ? 103 LEU A CD2 1 
ATOM   838  N  N   . ASN A 1 116 ? -19.484 -4.320  -2.789  1.00 30.62 ? 104 ASN A N   1 
ATOM   839  C  CA  . ASN A 1 116 ? -20.765 -4.530  -3.473  1.00 30.83 ? 104 ASN A CA  1 
ATOM   840  C  C   . ASN A 1 116 ? -20.920 -3.611  -4.699  1.00 28.60 ? 104 ASN A C   1 
ATOM   841  O  O   . ASN A 1 116 ? -21.972 -3.534  -5.310  1.00 29.63 ? 104 ASN A O   1 
ATOM   842  C  CB  . ASN A 1 116 ? -21.941 -4.453  -2.486  1.00 32.02 ? 104 ASN A CB  1 
ATOM   843  C  CG  . ASN A 1 116 ? -22.039 -3.112  -1.792  1.00 34.47 ? 104 ASN A CG  1 
ATOM   844  O  OD1 . ASN A 1 116 ? -22.087 -2.074  -2.441  1.00 35.97 ? 104 ASN A OD1 1 
ATOM   845  N  ND2 . ASN A 1 116 ? -22.036 -3.127  -0.473  1.00 31.78 ? 104 ASN A ND2 1 
ATOM   846  N  N   . ARG A 1 117 ? -19.833 -2.957  -5.085  1.00 30.18 ? 105 ARG A N   1 
ATOM   847  C  CA  . ARG A 1 117 ? -19.835 -2.085  -6.242  1.00 31.87 ? 105 ARG A CA  1 
ATOM   848  C  C   . ARG A 1 117 ? -18.459 -2.002  -6.869  1.00 28.38 ? 105 ARG A C   1 
ATOM   849  O  O   . ARG A 1 117 ? -17.477 -1.991  -6.173  1.00 27.44 ? 105 ARG A O   1 
ATOM   850  C  CB  . ARG A 1 117 ? -20.247 -0.680  -5.836  1.00 32.25 ? 105 ARG A CB  1 
ATOM   851  C  CG  . ARG A 1 117 ? -20.723 0.105   -7.024  1.00 42.62 ? 105 ARG A CG  1 
ATOM   852  C  CD  . ARG A 1 117 ? -20.698 1.552   -6.763  1.00 46.30 ? 105 ARG A CD  1 
ATOM   853  N  NE  . ARG A 1 117 ? -21.317 1.874   -5.489  1.00 39.79 ? 105 ARG A NE  1 
ATOM   854  C  CZ  . ARG A 1 117 ? -21.592 3.120   -5.133  1.00 51.61 ? 105 ARG A CZ  1 
ATOM   855  N  NH1 . ARG A 1 117 ? -21.329 4.146   -5.981  1.00 37.89 ? 105 ARG A NH1 1 
ATOM   856  N  NH2 . ARG A 1 117 ? -22.164 3.334   -3.945  1.00 43.20 ? 105 ARG A NH2 1 
ATOM   857  N  N   . SER A 1 118 ? -18.400 -1.905  -8.193  1.00 28.82 ? 106 SER A N   1 
ATOM   858  C  CA  . SER A 1 118 ? -17.113 -1.756  -8.888  1.00 28.44 ? 106 SER A CA  1 
ATOM   859  C  C   . SER A 1 118 ? -16.481 -0.441  -8.491  1.00 28.18 ? 106 SER A C   1 
ATOM   860  O  O   . SER A 1 118 ? -17.165 0.494   -8.081  1.00 29.76 ? 106 SER A O   1 
ATOM   861  C  CB  . SER A 1 118 ? -17.327 -1.802  -10.386 1.00 27.59 ? 106 SER A CB  1 
ATOM   862  O  OG  . SER A 1 118 ? -17.931 -3.036  -10.749 1.00 26.88 ? 106 SER A OG  1 
ATOM   863  N  N   . GLY A 1 119 ? -15.171 -0.367  -8.580  1.00 28.37 ? 107 GLY A N   1 
ATOM   864  C  CA  . GLY A 1 119 ? -14.510 0.863   -8.233  1.00 29.65 ? 107 GLY A CA  1 
ATOM   865  C  C   . GLY A 1 119 ? -13.050 0.776   -8.494  1.00 28.45 ? 107 GLY A C   1 
ATOM   866  O  O   . GLY A 1 119 ? -12.635 -0.014  -9.304  1.00 30.73 ? 107 GLY A O   1 
ATOM   867  N  N   . THR A 1 120 ? -12.280 1.591   -7.793  1.00 27.29 ? 108 THR A N   1 
ATOM   868  C  CA  . THR A 1 120 ? -10.826 1.632   -7.954  1.00 27.94 ? 108 THR A CA  1 
ATOM   869  C  C   . THR A 1 120 ? -10.118 1.437   -6.605  1.00 30.82 ? 108 THR A C   1 
ATOM   870  O  O   . THR A 1 120 ? -10.435 2.118   -5.611  1.00 33.85 ? 108 THR A O   1 
ATOM   871  C  CB  . THR A 1 120 ? -10.362 2.951   -8.529  1.00 27.37 ? 108 THR A CB  1 
ATOM   872  O  OG1 . THR A 1 120 ? -11.074 3.206   -9.741  1.00 25.40 ? 108 THR A OG1 1 
ATOM   873  C  CG2 . THR A 1 120 ? -8.856  2.930   -8.793  1.00 16.68 ? 108 THR A CG2 1 
ATOM   874  N  N   . ILE A 1 121 ? -9.185  0.496   -6.577  1.00 29.78 ? 109 ILE A N   1 
ATOM   875  C  CA  . ILE A 1 121 ? -8.300  0.326   -5.425  1.00 30.98 ? 109 ILE A CA  1 
ATOM   876  C  C   . ILE A 1 121 ? -7.140  1.320   -5.578  1.00 32.23 ? 109 ILE A C   1 
ATOM   877  O  O   . ILE A 1 121 ? -6.511  1.388   -6.634  1.00 30.86 ? 109 ILE A O   1 
ATOM   878  C  CB  . ILE A 1 121 ? -7.716  -1.105  -5.321  1.00 33.77 ? 109 ILE A CB  1 
ATOM   879  C  CG1 . ILE A 1 121 ? -8.836  -2.162  -5.268  1.00 31.48 ? 109 ILE A CG1 1 
ATOM   880  C  CG2 . ILE A 1 121 ? -6.830  -1.201  -4.070  1.00 25.55 ? 109 ILE A CG2 1 
ATOM   881  C  CD1 . ILE A 1 121 ? -8.368  -3.559  -5.711  1.00 28.70 ? 109 ILE A CD1 1 
ATOM   882  N  N   . ILE A 1 122 ? -6.923  2.146   -4.558  1.00 32.79 ? 110 ILE A N   1 
ATOM   883  C  CA  . ILE A 1 122 ? -5.783  3.090   -4.550  1.00 33.23 ? 110 ILE A CA  1 
ATOM   884  C  C   . ILE A 1 122 ? -4.874  2.715   -3.365  1.00 31.96 ? 110 ILE A C   1 
ATOM   885  O  O   . ILE A 1 122 ? -5.337  2.626   -2.227  1.00 32.80 ? 110 ILE A O   1 
ATOM   886  C  CB  . ILE A 1 122 ? -6.214  4.599   -4.471  1.00 34.64 ? 110 ILE A CB  1 
ATOM   887  C  CG1 . ILE A 1 122 ? -7.233  4.920   -5.586  1.00 35.45 ? 110 ILE A CG1 1 
ATOM   888  C  CG2 . ILE A 1 122 ? -4.949  5.510   -4.473  1.00 30.35 ? 110 ILE A CG2 1 
ATOM   889  C  CD1 . ILE A 1 122 ? -7.796  6.404   -5.632  1.00 30.74 ? 110 ILE A CD1 1 
ATOM   890  N  N   . ALA A 1 123 ? -3.602  2.471   -3.666  1.00 29.29 ? 111 ALA A N   1 
ATOM   891  C  CA  . ALA A 1 123 ? -2.569  2.179   -2.671  1.00 29.97 ? 111 ALA A CA  1 
ATOM   892  C  C   . ALA A 1 123 ? -1.670  3.404   -2.529  1.00 28.11 ? 111 ALA A C   1 
ATOM   893  O  O   . ALA A 1 123 ? -1.257  3.997   -3.514  1.00 29.14 ? 111 ALA A O   1 
ATOM   894  C  CB  . ALA A 1 123 ? -1.733  0.921   -3.089  1.00 28.68 ? 111 ALA A CB  1 
ATOM   895  N  N   . LEU A 1 124 ? -1.395  3.764   -1.285  1.00 31.46 ? 112 LEU A N   1 
ATOM   896  C  CA  . LEU A 1 124 ? -0.546  4.867   -0.874  1.00 31.75 ? 112 LEU A CA  1 
ATOM   897  C  C   . LEU A 1 124 ? 0.462   4.280   0.095   1.00 33.07 ? 112 LEU A C   1 
ATOM   898  O  O   . LEU A 1 124 ? 0.099   3.513   0.973   1.00 37.59 ? 112 LEU A O   1 
ATOM   899  C  CB  . LEU A 1 124 ? -1.340  5.923   -0.154  1.00 32.33 ? 112 LEU A CB  1 
ATOM   900  C  CG  . LEU A 1 124 ? -0.640  7.223   0.244   1.00 33.77 ? 112 LEU A CG  1 
ATOM   901  C  CD1 . LEU A 1 124 ? -0.244  7.993   -1.017  1.00 27.24 ? 112 LEU A CD1 1 
ATOM   902  C  CD2 . LEU A 1 124 ? -1.520  8.071   1.205   1.00 27.44 ? 112 LEU A CD2 1 
ATOM   903  N  N   . SER A 1 125 ? 1.737   4.616   -0.081  1.00 34.02 ? 113 SER A N   1 
ATOM   904  C  CA  . SER A 1 125 ? 2.768   4.186   0.849   1.00 32.55 ? 113 SER A CA  1 
ATOM   905  C  C   . SER A 1 125 ? 3.674   5.356   1.202   1.00 29.80 ? 113 SER A C   1 
ATOM   906  O  O   . SER A 1 125 ? 3.814   6.316   0.454   1.00 30.50 ? 113 SER A O   1 
ATOM   907  C  CB  . SER A 1 125 ? 3.566   3.025   0.293   1.00 31.16 ? 113 SER A CB  1 
ATOM   908  O  OG  . SER A 1 125 ? 4.197   3.365   -0.915  1.00 31.05 ? 113 SER A OG  1 
ATOM   909  N  N   . TYR A 1 126 ? 4.332   5.207   2.323   1.00 31.70 ? 114 TYR A N   1 
ATOM   910  C  CA  . TYR A 1 126 ? 5.130   6.244   2.900   1.00 30.27 ? 114 TYR A CA  1 
ATOM   911  C  C   . TYR A 1 126 ? 6.505   5.652   3.294   1.00 29.37 ? 114 TYR A C   1 
ATOM   912  O  O   . TYR A 1 126 ? 6.577   4.679   4.042   1.00 31.81 ? 114 TYR A O   1 
ATOM   913  C  CB  . TYR A 1 126 ? 4.422   6.862   4.122   1.00 30.67 ? 114 TYR A CB  1 
ATOM   914  C  CG  . TYR A 1 126 ? 5.279   7.930   4.788   1.00 25.28 ? 114 TYR A CG  1 
ATOM   915  C  CD1 . TYR A 1 126 ? 5.620   9.087   4.113   1.00 23.62 ? 114 TYR A CD1 1 
ATOM   916  C  CD2 . TYR A 1 126 ? 5.769   7.762   6.073   1.00 30.72 ? 114 TYR A CD2 1 
ATOM   917  C  CE1 . TYR A 1 126 ? 6.426   10.061  4.698   1.00 31.90 ? 114 TYR A CE1 1 
ATOM   918  C  CE2 . TYR A 1 126 ? 6.596   8.742   6.677   1.00 32.70 ? 114 TYR A CE2 1 
ATOM   919  C  CZ  . TYR A 1 126 ? 6.915   9.875   5.990   1.00 29.19 ? 114 TYR A CZ  1 
ATOM   920  O  OH  . TYR A 1 126 ? 7.714   10.857  6.591   1.00 27.80 ? 114 TYR A OH  1 
ATOM   921  N  N   . CYS A 1 127 ? 7.572   6.242   2.779   1.00 29.62 ? 115 CYS A N   1 
ATOM   922  C  CA  . CYS A 1 127 ? 8.918   5.929   3.212   1.00 31.24 ? 115 CYS A CA  1 
ATOM   923  C  C   . CYS A 1 127 ? 9.357   7.018   4.189   1.00 31.37 ? 115 CYS A C   1 
ATOM   924  O  O   . CYS A 1 127 ? 9.058   8.199   3.982   1.00 31.45 ? 115 CYS A O   1 
ATOM   925  C  CB  . CYS A 1 127 ? 9.865   5.860   2.013   1.00 29.27 ? 115 CYS A CB  1 
ATOM   926  S  SG  . CYS A 1 127 ? 11.625  5.689   2.511   1.00 34.22 ? 115 CYS A SG  1 
ATOM   927  N  N   . ASN A 1 128 ? 10.046  6.629   5.260   1.00 33.10 ? 116 ASN A N   1 
ATOM   928  C  CA  . ASN A 1 128 ? 10.552  7.588   6.254   1.00 31.04 ? 116 ASN A CA  1 
ATOM   929  C  C   . ASN A 1 128 ? 11.475  8.687   5.712   1.00 28.96 ? 116 ASN A C   1 
ATOM   930  O  O   . ASN A 1 128 ? 11.611  9.680   6.374   1.00 32.61 ? 116 ASN A O   1 
ATOM   931  C  CB  . ASN A 1 128 ? 11.180  6.908   7.510   1.00 31.36 ? 116 ASN A CB  1 
ATOM   932  C  CG  . ASN A 1 128 ? 12.570  6.379   7.279   1.00 29.72 ? 116 ASN A CG  1 
ATOM   933  O  OD1 . ASN A 1 128 ? 12.863  5.914   6.200   1.00 29.62 ? 116 ASN A OD1 1 
ATOM   934  N  ND2 . ASN A 1 128 ? 13.459  6.485   8.290   1.00 27.88 ? 116 ASN A ND2 1 
ATOM   935  N  N   . ILE A 1 129 ? 12.088  8.521   4.534   1.00 28.52 ? 117 ILE A N   1 
ATOM   936  C  CA  . ILE A 1 129 ? 12.954  9.548   3.947   1.00 27.50 ? 117 ILE A CA  1 
ATOM   937  C  C   . ILE A 1 129 ? 12.632  9.949   2.505   1.00 28.92 ? 117 ILE A C   1 
ATOM   938  O  O   . ILE A 1 129 ? 13.112  10.984  2.032   1.00 28.94 ? 117 ILE A O   1 
ATOM   939  C  CB  . ILE A 1 129 ? 14.455  9.207   4.074   1.00 27.13 ? 117 ILE A CB  1 
ATOM   940  C  CG1 . ILE A 1 129 ? 14.812  7.917   3.350   1.00 19.98 ? 117 ILE A CG1 1 
ATOM   941  C  CG2 . ILE A 1 129 ? 14.791  9.055   5.528   1.00 28.14 ? 117 ILE A CG2 1 
ATOM   942  C  CD1 . ILE A 1 129 ? 16.369  7.607   3.308   1.00 22.05 ? 117 ILE A CD1 1 
ATOM   943  N  N   . HIS A 1 130 ? 11.802  9.173   1.822   1.00 27.77 ? 118 HIS A N   1 
ATOM   944  C  CA  . HIS A 1 130 ? 11.527  9.392   0.406   1.00 27.05 ? 118 HIS A CA  1 
ATOM   945  C  C   . HIS A 1 130 ? 10.080  9.673   0.158   1.00 28.18 ? 118 HIS A C   1 
ATOM   946  O  O   . HIS A 1 130 ? 9.612   9.504   -0.947  1.00 28.50 ? 118 HIS A O   1 
ATOM   947  C  CB  . HIS A 1 130 ? 11.941  8.175   -0.433  1.00 26.21 ? 118 HIS A CB  1 
ATOM   948  C  CG  . HIS A 1 130 ? 13.422  7.986   -0.528  1.00 28.57 ? 118 HIS A CG  1 
ATOM   949  N  ND1 . HIS A 1 130 ? 14.053  6.842   -0.114  1.00 26.33 ? 118 HIS A ND1 1 
ATOM   950  C  CD2 . HIS A 1 130 ? 14.400  8.812   -0.958  1.00 30.62 ? 118 HIS A CD2 1 
ATOM   951  C  CE1 . HIS A 1 130 ? 15.352  6.961   -0.296  1.00 28.06 ? 118 HIS A CE1 1 
ATOM   952  N  NE2 . HIS A 1 130 ? 15.584  8.141   -0.833  1.00 29.09 ? 118 HIS A NE2 1 
ATOM   953  N  N   . GLY A 1 131 ? 9.352   10.091  1.185   1.00 28.91 ? 119 GLY A N   1 
ATOM   954  C  CA  . GLY A 1 131 ? 7.983   10.490  0.983   1.00 29.96 ? 119 GLY A CA  1 
ATOM   955  C  C   . GLY A 1 131 ? 6.934   9.451   0.581   1.00 29.71 ? 119 GLY A C   1 
ATOM   956  O  O   . GLY A 1 131 ? 7.044   8.225   0.864   1.00 29.63 ? 119 GLY A O   1 
ATOM   957  N  N   . LEU A 1 132 ? 5.914   9.992   -0.094  1.00 29.93 ? 120 LEU A N   1 
ATOM   958  C  CA  . LEU A 1 132 ? 4.663   9.313   -0.432  1.00 30.06 ? 120 LEU A CA  1 
ATOM   959  C  C   . LEU A 1 132 ? 4.646   8.823   -1.882  1.00 28.79 ? 120 LEU A C   1 
ATOM   960  O  O   . LEU A 1 132 ? 5.177   9.482   -2.766  1.00 29.82 ? 120 LEU A O   1 
ATOM   961  C  CB  . LEU A 1 132 ? 3.471   10.271  -0.233  1.00 28.56 ? 120 LEU A CB  1 
ATOM   962  C  CG  . LEU A 1 132 ? 3.083   10.717  1.180   1.00 26.25 ? 120 LEU A CG  1 
ATOM   963  C  CD1 . LEU A 1 132 ? 2.101   11.898  1.138   1.00 24.72 ? 120 LEU A CD1 1 
ATOM   964  C  CD2 . LEU A 1 132 ? 2.470   9.511   1.884   1.00 26.66 ? 120 LEU A CD2 1 
ATOM   965  N  N   . TRP A 1 133 ? 4.025   7.672   -2.098  1.00 27.56 ? 121 TRP A N   1 
ATOM   966  C  CA  . TRP A 1 133 ? 4.025   7.000   -3.400  1.00 31.92 ? 121 TRP A CA  1 
ATOM   967  C  C   . TRP A 1 133 ? 2.663   6.355   -3.548  1.00 28.27 ? 121 TRP A C   1 
ATOM   968  O  O   . TRP A 1 133 ? 2.087   5.994   -2.558  1.00 28.43 ? 121 TRP A O   1 
ATOM   969  C  CB  . TRP A 1 133 ? 5.104   5.929   -3.456  1.00 32.46 ? 121 TRP A CB  1 
ATOM   970  C  CG  . TRP A 1 133 ? 6.451   6.517   -3.327  1.00 31.03 ? 121 TRP A CG  1 
ATOM   971  C  CD1 . TRP A 1 133 ? 7.095   6.847   -2.162  1.00 29.75 ? 121 TRP A CD1 1 
ATOM   972  C  CD2 . TRP A 1 133 ? 7.312   6.912   -4.395  1.00 31.73 ? 121 TRP A CD2 1 
ATOM   973  N  NE1 . TRP A 1 133 ? 8.315   7.390   -2.449  1.00 25.35 ? 121 TRP A NE1 1 
ATOM   974  C  CE2 . TRP A 1 133 ? 8.458   7.473   -3.813  1.00 28.62 ? 121 TRP A CE2 1 
ATOM   975  C  CE3 . TRP A 1 133 ? 7.227   6.842   -5.796  1.00 24.68 ? 121 TRP A CE3 1 
ATOM   976  C  CZ2 . TRP A 1 133 ? 9.503   7.927   -4.567  1.00 27.37 ? 121 TRP A CZ2 1 
ATOM   977  C  CZ3 . TRP A 1 133 ? 8.256   7.340   -6.536  1.00 29.91 ? 121 TRP A CZ3 1 
ATOM   978  C  CH2 . TRP A 1 133 ? 9.382   7.856   -5.931  1.00 33.68 ? 121 TRP A CH2 1 
ATOM   979  N  N   . GLU A 1 134 ? 2.142   6.270   -4.772  1.00 30.13 ? 122 GLU A N   1 
ATOM   980  C  CA  . GLU A 1 134 ? 0.807   5.685   -4.980  1.00 30.92 ? 122 GLU A CA  1 
ATOM   981  C  C   . GLU A 1 134 ? 0.694   4.849   -6.252  1.00 30.88 ? 122 GLU A C   1 
ATOM   982  O  O   . GLU A 1 134 ? 1.490   4.981   -7.193  1.00 28.45 ? 122 GLU A O   1 
ATOM   983  C  CB  . GLU A 1 134 ? -0.290  6.764   -4.941  1.00 30.47 ? 122 GLU A CB  1 
ATOM   984  C  CG  . GLU A 1 134 ? -0.451  7.523   -6.209  1.00 35.00 ? 122 GLU A CG  1 
ATOM   985  C  CD  . GLU A 1 134 ? -1.621  8.475   -6.195  1.00 36.83 ? 122 GLU A CD  1 
ATOM   986  O  OE1 . GLU A 1 134 ? -2.710  8.032   -5.847  1.00 40.71 ? 122 GLU A OE1 1 
ATOM   987  O  OE2 . GLU A 1 134 ? -1.438  9.652   -6.586  1.00 45.32 ? 122 GLU A OE2 1 
ATOM   988  N  N   . SER A 1 135 ? -0.297  3.967   -6.248  1.00 31.38 ? 123 SER A N   1 
ATOM   989  C  CA  . SER A 1 135 ? -0.715  3.274   -7.477  1.00 30.63 ? 123 SER A CA  1 
ATOM   990  C  C   . SER A 1 135 ? -2.198  2.947   -7.357  1.00 26.41 ? 123 SER A C   1 
ATOM   991  O  O   . SER A 1 135 ? -2.838  3.193   -6.315  1.00 29.10 ? 123 SER A O   1 
ATOM   992  C  CB  . SER A 1 135 ? 0.129   2.018   -7.732  1.00 29.92 ? 123 SER A CB  1 
ATOM   993  O  OG  . SER A 1 135 ? -0.167  1.039   -6.770  1.00 34.59 ? 123 SER A OG  1 
ATOM   994  N  N   . SER A 1 136 ? -2.781  2.437   -8.429  1.00 28.42 ? 124 SER A N   1 
ATOM   995  C  CA  . SER A 1 136 ? -4.207  2.159   -8.394  1.00 30.05 ? 124 SER A CA  1 
ATOM   996  C  C   . SER A 1 136 ? -4.514  1.070   -9.367  1.00 30.66 ? 124 SER A C   1 
ATOM   997  O  O   . SER A 1 136 ? -3.719  0.784   -10.241 1.00 28.83 ? 124 SER A O   1 
ATOM   998  C  CB  . SER A 1 136 ? -5.034  3.422   -8.673  1.00 30.39 ? 124 SER A CB  1 
ATOM   999  O  OG  . SER A 1 136 ? -4.791  3.892   -9.980  1.00 30.35 ? 124 SER A OG  1 
ATOM   1000 N  N   . GLN A 1 137 ? -5.663  0.446   -9.190  1.00 31.84 ? 125 GLN A N   1 
ATOM   1001 C  CA  . GLN A 1 137 ? -6.096  -0.615  -10.073 1.00 31.45 ? 125 GLN A CA  1 
ATOM   1002 C  C   . GLN A 1 137 ? -7.608  -0.708  -9.991  1.00 30.87 ? 125 GLN A C   1 
ATOM   1003 O  O   . GLN A 1 137 ? -8.156  -0.702  -8.895  1.00 30.64 ? 125 GLN A O   1 
ATOM   1004 C  CB  . GLN A 1 137 ? -5.439  -1.919  -9.596  1.00 28.90 ? 125 GLN A CB  1 
ATOM   1005 C  CG  . GLN A 1 137 ? -5.923  -3.224  -10.258 1.00 37.87 ? 125 GLN A CG  1 
ATOM   1006 C  CD  . GLN A 1 137 ? -4.945  -4.365  -10.020 1.00 36.60 ? 125 GLN A CD  1 
ATOM   1007 O  OE1 . GLN A 1 137 ? -3.759  -4.201  -10.288 1.00 36.20 ? 125 GLN A OE1 1 
ATOM   1008 N  NE2 . GLN A 1 137 ? -5.426  -5.510  -9.524  1.00 36.79 ? 125 GLN A NE2 1 
ATOM   1009 N  N   . LYS A 1 138 ? -8.265  -0.836  -11.138 1.00 33.07 ? 126 LYS A N   1 
ATOM   1010 C  CA  . LYS A 1 138 ? -9.725  -0.970  -11.196 1.00 33.29 ? 126 LYS A CA  1 
ATOM   1011 C  C   . LYS A 1 138 ? -10.118 -2.377  -10.771 1.00 32.51 ? 126 LYS A C   1 
ATOM   1012 O  O   . LYS A 1 138 ? -9.354  -3.334  -10.971 1.00 31.62 ? 126 LYS A O   1 
ATOM   1013 C  CB  . LYS A 1 138 ? -10.219 -0.605  -12.616 1.00 33.14 ? 126 LYS A CB  1 
ATOM   1014 C  CG  . LYS A 1 138 ? -11.709 -0.665  -12.863 1.00 36.99 ? 126 LYS A CG  1 
ATOM   1015 C  CD  . LYS A 1 138 ? -12.575 0.594   -12.493 1.00 48.41 ? 126 LYS A CD  1 
ATOM   1016 C  CE  . LYS A 1 138 ? -14.087 0.199   -12.278 1.00 32.83 ? 126 LYS A CE  1 
ATOM   1017 N  NZ  . LYS A 1 138 ? -14.508 -1.039  -13.132 1.00 44.77 ? 126 LYS A NZ  1 
ATOM   1018 N  N   . ILE A 1 139 ? -11.276 -2.468  -10.113 1.00 31.58 ? 127 ILE A N   1 
ATOM   1019 C  CA  . ILE A 1 139 ? -11.895 -3.751  -9.710  1.00 29.06 ? 127 ILE A CA  1 
ATOM   1020 C  C   . ILE A 1 139 ? -13.378 -3.724  -10.045 1.00 27.95 ? 127 ILE A C   1 
ATOM   1021 O  O   . ILE A 1 139 ? -14.086 -2.767  -9.731  1.00 26.71 ? 127 ILE A O   1 
ATOM   1022 C  CB  . ILE A 1 139 ? -11.605 -4.165  -8.205  1.00 28.23 ? 127 ILE A CB  1 
ATOM   1023 C  CG1 . ILE A 1 139 ? -12.013 -5.637  -7.935  1.00 31.10 ? 127 ILE A CG1 1 
ATOM   1024 C  CG2 . ILE A 1 139 ? -12.244 -3.223  -7.211  1.00 25.72 ? 127 ILE A CG2 1 
ATOM   1025 C  CD1 . ILE A 1 139 ? -11.469 -6.162  -6.625  1.00 25.05 ? 127 ILE A CD1 1 
ATOM   1026 N  N   . THR A 1 140 ? -13.808 -4.781  -10.735 1.00 26.87 ? 128 THR A N   1 
ATOM   1027 C  CA  . THR A 1 140 ? -15.188 -4.975  -11.147 1.00 27.30 ? 128 THR A CA  1 
ATOM   1028 C  C   . THR A 1 140 ? -15.953 -5.916  -10.195 1.00 29.38 ? 128 THR A C   1 
ATOM   1029 O  O   . THR A 1 140 ? -15.458 -6.976  -9.812  1.00 31.60 ? 128 THR A O   1 
ATOM   1030 C  CB  . THR A 1 140 ? -15.233 -5.532  -12.580 1.00 28.32 ? 128 THR A CB  1 
ATOM   1031 O  OG1 . THR A 1 140 ? -14.533 -4.632  -13.445 1.00 27.99 ? 128 THR A OG1 1 
ATOM   1032 C  CG2 . THR A 1 140 ? -16.700 -5.724  -13.089 1.00 25.53 ? 128 THR A CG2 1 
ATOM   1033 N  N   . VAL A 1 141 ? -17.165 -5.528  -9.827  1.00 28.06 ? 129 VAL A N   1 
ATOM   1034 C  CA  . VAL A 1 141 ? -18.006 -6.382  -9.011  1.00 29.83 ? 129 VAL A CA  1 
ATOM   1035 C  C   . VAL A 1 141 ? -19.199 -6.849  -9.806  1.00 31.31 ? 129 VAL A C   1 
ATOM   1036 O  O   . VAL A 1 141 ? -19.712 -6.116  -10.642 1.00 34.59 ? 129 VAL A O   1 
ATOM   1037 C  CB  . VAL A 1 141 ? -18.403 -5.668  -7.699  1.00 28.15 ? 129 VAL A CB  1 
ATOM   1038 C  CG1 . VAL A 1 141 ? -19.373 -6.511  -6.862  1.00 29.71 ? 129 VAL A CG1 1 
ATOM   1039 C  CG2 . VAL A 1 141 ? -17.155 -5.403  -6.932  1.00 24.08 ? 129 VAL A CG2 1 
ATOM   1040 N  N   . GLU A 1 142 ? -19.604 -8.092  -9.553  1.00 35.22 ? 130 GLU A N   1 
ATOM   1041 C  CA  . GLU A 1 142 ? -20.782 -8.723  -10.150 1.00 38.66 ? 130 GLU A CA  1 
ATOM   1042 C  C   . GLU A 1 142 ? -21.634 -9.486  -9.101  1.00 39.24 ? 130 GLU A C   1 
ATOM   1043 O  O   . GLU A 1 142 ? -21.171 -9.780  -7.998  1.00 39.10 ? 130 GLU A O   1 
ATOM   1044 C  CB  . GLU A 1 142 ? -20.321 -9.694  -11.231 1.00 37.55 ? 130 GLU A CB  1 
ATOM   1045 C  CG  . GLU A 1 142 ? -19.403 -10.834 -10.743 1.00 43.75 ? 130 GLU A CG  1 
ATOM   1046 C  CD  . GLU A 1 142 ? -19.327 -12.016 -11.720 1.00 44.60 ? 130 GLU A CD  1 
ATOM   1047 O  OE1 . GLU A 1 142 ? -19.157 -11.782 -12.936 1.00 53.57 ? 130 GLU A OE1 1 
ATOM   1048 O  OE2 . GLU A 1 142 ? -19.436 -13.182 -11.271 1.00 57.55 ? 130 GLU A OE2 1 
ATOM   1049 N  N   . GLU A 1 143 ? -22.875 -9.832  -9.439  1.00 41.88 ? 131 GLU A N   1 
ATOM   1050 C  CA  . GLU A 1 143 ? -23.629 -10.781 -8.598  1.00 43.15 ? 131 GLU A CA  1 
ATOM   1051 C  C   . GLU A 1 143 ? -22.908 -12.137 -8.670  1.00 45.93 ? 131 GLU A C   1 
ATOM   1052 O  O   . GLU A 1 143 ? -22.839 -12.827 -7.654  1.00 48.89 ? 131 GLU A O   1 
ATOM   1053 C  CB  . GLU A 1 143 ? -25.094 -10.971 -9.021  1.00 42.17 ? 131 GLU A CB  1 
ATOM   1054 C  CG  . GLU A 1 143 ? -25.883 -9.713  -9.309  1.00 47.93 ? 131 GLU A CG  1 
ATOM   1055 C  CD  . GLU A 1 143 ? -26.056 -8.828  -8.117  1.00 56.36 ? 131 GLU A CD  1 
ATOM   1056 O  OE1 . GLU A 1 143 ? -26.545 -9.337  -7.084  1.00 61.09 ? 131 GLU A OE1 1 
ATOM   1057 O  OE2 . GLU A 1 143 ? -25.718 -7.620  -8.223  1.00 59.08 ? 131 GLU A OE2 1 
ATOM   1058 O  OXT . GLU A 1 143 ? -22.372 -12.578 -9.708  1.00 45.77 ? 131 GLU A OXT 1 
HETATM 1059 FE FE  . FE  B 2 .   ? 12.942  4.959   0.679   1.00 35.69 ? 200 FE  A FE  1 
HETATM 1060 O  O   . HOH C 3 .   ? 5.151   2.101   16.523  1.00 20.41 ? 201 HOH A O   1 
HETATM 1061 O  O   . HOH C 3 .   ? 6.539   5.312   12.774  0.50 35.71 ? 202 HOH A O   1 
HETATM 1062 O  O   . HOH C 3 .   ? -16.513 -8.718  -2.647  1.00 22.24 ? 203 HOH A O   1 
HETATM 1063 O  O   . HOH C 3 .   ? -0.351  -1.417  -8.573  1.00 29.84 ? 204 HOH A O   1 
HETATM 1064 O  O   . HOH C 3 .   ? 13.811  4.999   13.015  0.50 25.37 ? 205 HOH A O   1 
HETATM 1065 O  O   . HOH C 3 .   ? 19.332  -7.094  13.634  1.00 26.91 ? 206 HOH A O   1 
HETATM 1066 O  O   . HOH C 3 .   ? 9.068   -1.893  6.430   1.00 20.06 ? 207 HOH A O   1 
HETATM 1067 O  O   . HOH C 3 .   ? -16.053 7.457   -9.845  1.00 33.58 ? 208 HOH A O   1 
HETATM 1068 O  O   . HOH C 3 .   ? -11.796 -4.863  -13.276 1.00 38.17 ? 209 HOH A O   1 
HETATM 1069 O  O   . HOH C 3 .   ? 7.658   2.258   11.682  1.00 31.36 ? 210 HOH A O   1 
HETATM 1070 O  O   . HOH C 3 .   ? 11.065  -1.127  4.615   1.00 18.80 ? 211 HOH A O   1 
HETATM 1071 O  O   . HOH C 3 .   ? -9.582  -13.136 -3.320  1.00 28.84 ? 212 HOH A O   1 
HETATM 1072 O  O   . HOH C 3 .   ? -23.083 0.530   -2.470  1.00 38.36 ? 213 HOH A O   1 
HETATM 1073 O  O   . HOH C 3 .   ? 14.112  -5.316  16.288  1.00 31.38 ? 214 HOH A O   1 
HETATM 1074 O  O   . HOH C 3 .   ? -8.200  -6.955  6.180   1.00 16.34 ? 215 HOH A O   1 
HETATM 1075 O  O   . HOH C 3 .   ? 12.729  6.874   11.374  1.00 24.78 ? 216 HOH A O   1 
HETATM 1076 O  O   . HOH C 3 .   ? 1.849   -7.093  -3.950  1.00 26.93 ? 217 HOH A O   1 
HETATM 1077 O  O   . HOH C 3 .   ? 14.397  -6.341  18.957  1.00 35.71 ? 218 HOH A O   1 
HETATM 1078 O  O   . HOH C 3 .   ? 14.866  -5.762  2.405   1.00 47.27 ? 219 HOH A O   1 
HETATM 1079 O  O   . HOH C 3 .   ? 11.773  -3.013  2.730   1.00 34.03 ? 220 HOH A O   1 
HETATM 1080 O  O   . HOH C 3 .   ? 6.714   12.995  -0.993  1.00 30.66 ? 221 HOH A O   1 
HETATM 1081 O  O   . HOH C 3 .   ? -8.451  -5.176  -9.397  1.00 32.37 ? 222 HOH A O   1 
HETATM 1082 O  O   . HOH C 3 .   ? -20.534 8.557   1.626   1.00 25.50 ? 223 HOH A O   1 
HETATM 1083 O  O   . HOH C 3 .   ? -16.457 -15.198 0.825   1.00 38.37 ? 224 HOH A O   1 
HETATM 1084 O  O   . HOH C 3 .   ? -1.341  -13.397 1.375   1.00 39.01 ? 225 HOH A O   1 
HETATM 1085 O  O   . HOH C 3 .   ? 22.274  5.192   12.782  0.50 31.35 ? 226 HOH A O   1 
HETATM 1086 O  O   . HOH C 3 .   ? -13.541 4.438   -9.582  1.00 29.15 ? 227 HOH A O   1 
HETATM 1087 O  O   . HOH C 3 .   ? 3.817   4.049   14.712  1.00 29.72 ? 228 HOH A O   1 
HETATM 1088 O  O   . HOH C 3 .   ? 14.116  1.990   -7.932  1.00 29.90 ? 229 HOH A O   1 
HETATM 1089 O  O   . HOH C 3 .   ? -6.647  -1.156  -13.629 1.00 33.67 ? 230 HOH A O   1 
HETATM 1090 O  O   . HOH C 3 .   ? 17.709  8.512   8.332   1.00 29.58 ? 231 HOH A O   1 
HETATM 1091 O  O   . HOH C 3 .   ? 1.290   -10.100 2.695   1.00 31.44 ? 232 HOH A O   1 
HETATM 1092 O  O   . HOH C 3 .   ? -0.939  2.821   -10.744 1.00 35.55 ? 233 HOH A O   1 
HETATM 1093 O  O   . HOH C 3 .   ? 17.641  -3.632  4.386   1.00 35.27 ? 234 HOH A O   1 
HETATM 1094 O  O   . HOH C 3 .   ? 23.399  1.742   11.606  1.00 42.46 ? 235 HOH A O   1 
HETATM 1095 O  O   . HOH C 3 .   ? 6.729   3.670   -0.760  1.00 26.94 ? 236 HOH A O   1 
HETATM 1096 O  O   . HOH C 3 .   ? 19.925  2.636   19.587  1.00 39.05 ? 237 HOH A O   1 
HETATM 1097 O  O   . HOH C 3 .   ? -21.680 8.973   -0.821  1.00 36.30 ? 238 HOH A O   1 
HETATM 1098 O  O   . HOH C 3 .   ? -3.723  17.371  -2.965  1.00 26.63 ? 239 HOH A O   1 
HETATM 1099 O  O   . HOH C 3 .   ? -1.110  -2.184  -10.477 1.00 47.44 ? 240 HOH A O   1 
HETATM 1100 O  O   . HOH C 3 .   ? 9.687   11.095  3.784   1.00 29.55 ? 241 HOH A O   1 
HETATM 1101 O  O   . HOH C 3 .   ? -3.898  -13.104 -2.317  1.00 50.21 ? 242 HOH A O   1 
HETATM 1102 O  O   . HOH C 3 .   ? -10.891 -11.896 -11.862 1.00 40.74 ? 243 HOH A O   1 
HETATM 1103 O  O   . HOH C 3 .   ? 17.426  -8.591  7.783   1.00 49.09 ? 244 HOH A O   1 
HETATM 1104 O  O   . HOH C 3 .   ? 2.597   -12.238 2.261   1.00 42.59 ? 245 HOH A O   1 
HETATM 1105 O  O   . HOH C 3 .   ? 17.074  -5.666  7.093   1.00 52.53 ? 246 HOH A O   1 
HETATM 1106 O  O   . HOH C 3 .   ? 20.272  2.438   6.038   1.00 37.06 ? 247 HOH A O   1 
HETATM 1107 O  O   . HOH C 3 .   ? -19.112 17.008  0.994   1.00 45.01 ? 248 HOH A O   1 
HETATM 1108 O  O   . HOH C 3 .   ? -7.727  -3.741  -13.105 1.00 34.06 ? 249 HOH A O   1 
HETATM 1109 O  O   . HOH C 3 .   ? -3.484  -7.417  -9.878  1.00 33.31 ? 250 HOH A O   1 
HETATM 1110 O  O   . HOH C 3 .   ? 20.472  3.636   21.531  1.00 46.32 ? 251 HOH A O   1 
HETATM 1111 O  O   . HOH C 3 .   ? -16.363 10.024  -9.129  1.00 45.36 ? 252 HOH A O   1 
HETATM 1112 O  O   . HOH C 3 .   ? 11.009  -4.199  -0.139  1.00 44.90 ? 253 HOH A O   1 
HETATM 1113 O  O   . HOH C 3 .   ? -6.418  3.204   -12.061 1.00 44.71 ? 254 HOH A O   1 
HETATM 1114 O  O   . HOH C 3 .   ? 19.317  2.734   3.159   1.00 35.16 ? 255 HOH A O   1 
HETATM 1115 O  O   . HOH C 3 .   ? 7.859   10.867  -2.607  1.00 28.29 ? 256 HOH A O   1 
HETATM 1116 O  O   . HOH C 3 .   ? 7.812   -1.418  -5.578  1.00 23.42 ? 257 HOH A O   1 
HETATM 1117 O  O   . HOH C 3 .   ? 3.646   1.120   -11.191 1.00 34.21 ? 258 HOH A O   1 
HETATM 1118 O  O   . HOH C 3 .   ? 9.310   -2.749  -7.358  1.00 35.89 ? 259 HOH A O   1 
HETATM 1119 O  O   . HOH C 3 .   ? -19.728 -6.327  -13.715 1.00 50.99 ? 260 HOH A O   1 
HETATM 1120 O  O   . HOH C 3 .   ? 4.296   2.942   10.670  1.00 34.51 ? 261 HOH A O   1 
HETATM 1121 O  O   . HOH C 3 .   ? -20.976 -2.081  -9.662  1.00 37.39 ? 262 HOH A O   1 
HETATM 1122 O  O   . HOH C 3 .   ? 14.631  -6.705  4.858   1.00 34.43 ? 263 HOH A O   1 
# 
loop_
_pdbx_poly_seq_scheme.asym_id 
_pdbx_poly_seq_scheme.entity_id 
_pdbx_poly_seq_scheme.seq_id 
_pdbx_poly_seq_scheme.mon_id 
_pdbx_poly_seq_scheme.ndb_seq_num 
_pdbx_poly_seq_scheme.pdb_seq_num 
_pdbx_poly_seq_scheme.auth_seq_num 
_pdbx_poly_seq_scheme.pdb_mon_id 
_pdbx_poly_seq_scheme.auth_mon_id 
_pdbx_poly_seq_scheme.pdb_strand_id 
_pdbx_poly_seq_scheme.pdb_ins_code 
_pdbx_poly_seq_scheme.hetero 
A 1 1   MET 1   -11 ?   ?   ?   A . n 
A 1 2   GLY 2   -10 ?   ?   ?   A . n 
A 1 3   SER 3   -9  ?   ?   ?   A . n 
A 1 4   ASP 4   -8  ?   ?   ?   A . n 
A 1 5   LYS 5   -7  ?   ?   ?   A . n 
A 1 6   ILE 6   -6  ?   ?   ?   A . n 
A 1 7   HIS 7   -5  ?   ?   ?   A . n 
A 1 8   HIS 8   -4  ?   ?   ?   A . n 
A 1 9   HIS 9   -3  ?   ?   ?   A . n 
A 1 10  HIS 10  -2  ?   ?   ?   A . n 
A 1 11  HIS 11  -1  ?   ?   ?   A . n 
A 1 12  HIS 12  0   0   HIS HIS A . n 
A 1 13  MET 13  1   1   MET MET A . n 
A 1 14  LYS 14  2   2   LYS LYS A . n 
A 1 15  LEU 15  3   3   LEU LEU A . n 
A 1 16  SER 16  4   4   SER SER A . n 
A 1 17  ASP 17  5   5   ASP ASP A . n 
A 1 18  PHE 18  6   6   PHE PHE A . n 
A 1 19  ILE 19  7   7   ILE ILE A . n 
A 1 20  LYS 20  8   8   LYS LYS A . n 
A 1 21  THR 21  9   9   THR THR A . n 
A 1 22  GLU 22  10  10  GLU GLU A . n 
A 1 23  ASP 23  11  11  ASP ASP A . n 
A 1 24  PHE 24  12  12  PHE PHE A . n 
A 1 25  LYS 25  13  13  LYS LYS A . n 
A 1 26  LYS 26  14  14  LYS LYS A . n 
A 1 27  GLU 27  15  15  GLU GLU A . n 
A 1 28  LYS 28  16  16  LYS LYS A . n 
A 1 29  HIS 29  17  17  HIS HIS A . n 
A 1 30  VAL 30  18  18  VAL VAL A . n 
A 1 31  PRO 31  19  19  PRO PRO A . n 
A 1 32  VAL 32  20  20  VAL VAL A . n 
A 1 33  ILE 33  21  21  ILE ILE A . n 
A 1 34  GLU 34  22  22  GLU GLU A . n 
A 1 35  ALA 35  23  23  ALA ALA A . n 
A 1 36  PRO 36  24  24  PRO PRO A . n 
A 1 37  GLU 37  25  25  GLU GLU A . n 
A 1 38  LYS 38  26  26  LYS LYS A . n 
A 1 39  VAL 39  27  27  VAL VAL A . n 
A 1 40  LYS 40  28  28  LYS LYS A . n 
A 1 41  LYS 41  29  29  LYS LYS A . n 
A 1 42  ASP 42  30  30  ASP ASP A . n 
A 1 43  GLU 43  31  31  GLU GLU A . n 
A 1 44  LYS 44  32  32  LYS LYS A . n 
A 1 45  VAL 45  33  33  VAL VAL A . n 
A 1 46  GLN 46  34  34  GLN GLN A . n 
A 1 47  ILE 47  35  35  ILE ILE A . n 
A 1 48  VAL 48  36  36  VAL VAL A . n 
A 1 49  VAL 49  37  37  VAL VAL A . n 
A 1 50  THR 50  38  38  THR THR A . n 
A 1 51  VAL 51  39  39  VAL VAL A . n 
A 1 52  GLY 52  40  40  GLY GLY A . n 
A 1 53  LYS 53  41  41  LYS LYS A . n 
A 1 54  GLU 54  42  42  GLU GLU A . n 
A 1 55  ILE 55  43  43  ILE ILE A . n 
A 1 56  PRO 56  44  44  PRO PRO A . n 
A 1 57  HIS 57  45  45  HIS HIS A . n 
A 1 58  PRO 58  46  46  PRO PRO A . n 
A 1 59  ASN 59  47  47  ASN ASN A . n 
A 1 60  THR 60  48  48  THR THR A . n 
A 1 61  THR 61  49  49  THR THR A . n 
A 1 62  GLU 62  50  50  GLU GLU A . n 
A 1 63  HIS 63  51  51  HIS HIS A . n 
A 1 64  HIS 64  52  52  HIS HIS A . n 
A 1 65  ILE 65  53  53  ILE ILE A . n 
A 1 66  ARG 66  54  54  ARG ARG A . n 
A 1 67  TRP 67  55  55  TRP TRP A . n 
A 1 68  ILE 68  56  56  ILE ILE A . n 
A 1 69  LYS 69  57  57  LYS LYS A . n 
A 1 70  VAL 70  58  58  VAL VAL A . n 
A 1 71  PHE 71  59  59  PHE PHE A . n 
A 1 72  PHE 72  60  60  PHE PHE A . n 
A 1 73  GLN 73  61  61  GLN GLN A . n 
A 1 74  PRO 74  62  62  PRO PRO A . n 
A 1 75  ASP 75  63  63  ASP ASP A . n 
A 1 76  GLY 76  64  64  GLY GLY A . n 
A 1 77  ASP 77  65  65  ASP ASP A . n 
A 1 78  PRO 78  66  66  PRO PRO A . n 
A 1 79  TYR 79  67  67  TYR TYR A . n 
A 1 80  VAL 80  68  68  VAL VAL A . n 
A 1 81  TYR 81  69  69  TYR TYR A . n 
A 1 82  GLU 82  70  70  GLU GLU A . n 
A 1 83  VAL 83  71  71  VAL VAL A . n 
A 1 84  GLY 84  72  72  GLY GLY A . n 
A 1 85  ARG 85  73  73  ARG ARG A . n 
A 1 86  TYR 86  74  74  TYR TYR A . n 
A 1 87  GLU 87  75  75  GLU GLU A . n 
A 1 88  PHE 88  76  76  PHE PHE A . n 
A 1 89  ASN 89  77  77  ASN ASN A . n 
A 1 90  ALA 90  78  78  ALA ALA A . n 
A 1 91  HIS 91  79  79  HIS HIS A . n 
A 1 92  GLY 92  80  80  GLY GLY A . n 
A 1 93  GLU 93  81  81  GLU GLU A . n 
A 1 94  SER 94  82  82  SER SER A . n 
A 1 95  VAL 95  83  83  VAL VAL A . n 
A 1 96  GLN 96  84  84  GLN GLN A . n 
A 1 97  GLY 97  85  85  GLY GLY A . n 
A 1 98  PRO 98  86  86  PRO PRO A . n 
A 1 99  ASN 99  87  87  ASN ASN A . n 
A 1 100 ILE 100 88  88  ILE ILE A . n 
A 1 101 GLY 101 89  89  GLY GLY A . n 
A 1 102 ALA 102 90  90  ALA ALA A . n 
A 1 103 VAL 103 91  91  VAL VAL A . n 
A 1 104 TYR 104 92  92  TYR TYR A . n 
A 1 105 THR 105 93  93  THR THR A . n 
A 1 106 GLU 106 94  94  GLU GLU A . n 
A 1 107 PRO 107 95  95  PRO PRO A . n 
A 1 108 THR 108 96  96  THR THR A . n 
A 1 109 VAL 109 97  97  VAL VAL A . n 
A 1 110 THR 110 98  98  THR THR A . n 
A 1 111 THR 111 99  99  THR THR A . n 
A 1 112 VAL 112 100 100 VAL VAL A . n 
A 1 113 VAL 113 101 101 VAL VAL A . n 
A 1 114 LYS 114 102 102 LYS LYS A . n 
A 1 115 LEU 115 103 103 LEU LEU A . n 
A 1 116 ASN 116 104 104 ASN ASN A . n 
A 1 117 ARG 117 105 105 ARG ARG A . n 
A 1 118 SER 118 106 106 SER SER A . n 
A 1 119 GLY 119 107 107 GLY GLY A . n 
A 1 120 THR 120 108 108 THR THR A . n 
A 1 121 ILE 121 109 109 ILE ILE A . n 
A 1 122 ILE 122 110 110 ILE ILE A . n 
A 1 123 ALA 123 111 111 ALA ALA A . n 
A 1 124 LEU 124 112 112 LEU LEU A . n 
A 1 125 SER 125 113 113 SER SER A . n 
A 1 126 TYR 126 114 114 TYR TYR A . n 
A 1 127 CYS 127 115 115 CYS CYS A . n 
A 1 128 ASN 128 116 116 ASN ASN A . n 
A 1 129 ILE 129 117 117 ILE ILE A . n 
A 1 130 HIS 130 118 118 HIS HIS A . n 
A 1 131 GLY 131 119 119 GLY GLY A . n 
A 1 132 LEU 132 120 120 LEU LEU A . n 
A 1 133 TRP 133 121 121 TRP TRP A . n 
A 1 134 GLU 134 122 122 GLU GLU A . n 
A 1 135 SER 135 123 123 SER SER A . n 
A 1 136 SER 136 124 124 SER SER A . n 
A 1 137 GLN 137 125 125 GLN GLN A . n 
A 1 138 LYS 138 126 126 LYS LYS A . n 
A 1 139 ILE 139 127 127 ILE ILE A . n 
A 1 140 THR 140 128 128 THR THR A . n 
A 1 141 VAL 141 129 129 VAL VAL A . n 
A 1 142 GLU 142 130 130 GLU GLU A . n 
A 1 143 GLU 143 131 131 GLU GLU A . n 
# 
_pdbx_SG_project.project_name          'PSI, Protein Structure Initiative' 
_pdbx_SG_project.full_name_of_center   'Joint Center for Structural Genomics' 
_pdbx_SG_project.id                    1 
_pdbx_SG_project.initial_of_center     JCSG 
# 
loop_
_pdbx_nonpoly_scheme.asym_id 
_pdbx_nonpoly_scheme.entity_id 
_pdbx_nonpoly_scheme.mon_id 
_pdbx_nonpoly_scheme.ndb_seq_num 
_pdbx_nonpoly_scheme.pdb_seq_num 
_pdbx_nonpoly_scheme.auth_seq_num 
_pdbx_nonpoly_scheme.pdb_mon_id 
_pdbx_nonpoly_scheme.auth_mon_id 
_pdbx_nonpoly_scheme.pdb_strand_id 
_pdbx_nonpoly_scheme.pdb_ins_code 
B 2 FE  1  200 200 FE  FE  A . 
C 3 HOH 1  201 1   HOH HOH A . 
C 3 HOH 2  202 2   HOH HOH A . 
C 3 HOH 3  203 3   HOH HOH A . 
C 3 HOH 4  204 4   HOH HOH A . 
C 3 HOH 5  205 5   HOH HOH A . 
C 3 HOH 6  206 6   HOH HOH A . 
C 3 HOH 7  207 7   HOH HOH A . 
C 3 HOH 8  208 8   HOH HOH A . 
C 3 HOH 9  209 9   HOH HOH A . 
C 3 HOH 10 210 10  HOH HOH A . 
C 3 HOH 11 211 11  HOH HOH A . 
C 3 HOH 12 212 12  HOH HOH A . 
C 3 HOH 13 213 13  HOH HOH A . 
C 3 HOH 14 214 14  HOH HOH A . 
C 3 HOH 15 215 15  HOH HOH A . 
C 3 HOH 16 216 16  HOH HOH A . 
C 3 HOH 17 217 17  HOH HOH A . 
C 3 HOH 18 218 19  HOH HOH A . 
C 3 HOH 19 219 20  HOH HOH A . 
C 3 HOH 20 220 21  HOH HOH A . 
C 3 HOH 21 221 22  HOH HOH A . 
C 3 HOH 22 222 23  HOH HOH A . 
C 3 HOH 23 223 24  HOH HOH A . 
C 3 HOH 24 224 25  HOH HOH A . 
C 3 HOH 25 225 26  HOH HOH A . 
C 3 HOH 26 226 27  HOH HOH A . 
C 3 HOH 27 227 28  HOH HOH A . 
C 3 HOH 28 228 29  HOH HOH A . 
C 3 HOH 29 229 30  HOH HOH A . 
C 3 HOH 30 230 31  HOH HOH A . 
C 3 HOH 31 231 32  HOH HOH A . 
C 3 HOH 32 232 33  HOH HOH A . 
C 3 HOH 33 233 34  HOH HOH A . 
C 3 HOH 34 234 35  HOH HOH A . 
C 3 HOH 35 235 36  HOH HOH A . 
C 3 HOH 36 236 37  HOH HOH A . 
C 3 HOH 37 237 38  HOH HOH A . 
C 3 HOH 38 238 39  HOH HOH A . 
C 3 HOH 39 239 40  HOH HOH A . 
C 3 HOH 40 240 41  HOH HOH A . 
C 3 HOH 41 241 42  HOH HOH A . 
C 3 HOH 42 242 43  HOH HOH A . 
C 3 HOH 43 243 44  HOH HOH A . 
C 3 HOH 44 244 45  HOH HOH A . 
C 3 HOH 45 245 46  HOH HOH A . 
C 3 HOH 46 246 48  HOH HOH A . 
C 3 HOH 47 247 49  HOH HOH A . 
C 3 HOH 48 248 50  HOH HOH A . 
C 3 HOH 49 249 51  HOH HOH A . 
C 3 HOH 50 250 52  HOH HOH A . 
C 3 HOH 51 251 53  HOH HOH A . 
C 3 HOH 52 252 54  HOH HOH A . 
C 3 HOH 53 253 55  HOH HOH A . 
C 3 HOH 54 254 57  HOH HOH A . 
C 3 HOH 55 255 58  HOH HOH A . 
C 3 HOH 56 256 59  HOH HOH A . 
C 3 HOH 57 257 60  HOH HOH A . 
C 3 HOH 58 258 61  HOH HOH A . 
C 3 HOH 59 259 62  HOH HOH A . 
C 3 HOH 60 260 63  HOH HOH A . 
C 3 HOH 61 261 64  HOH HOH A . 
C 3 HOH 62 262 65  HOH HOH A . 
C 3 HOH 63 263 67  HOH HOH A . 
# 
loop_
_pdbx_struct_assembly.id 
_pdbx_struct_assembly.details 
_pdbx_struct_assembly.method_details 
_pdbx_struct_assembly.oligomeric_details 
_pdbx_struct_assembly.oligomeric_count 
1 author_and_software_defined_assembly PISA     dimeric    2 
2 software_defined_assembly            PISA,PQS tetrameric 4 
# 
loop_
_pdbx_struct_assembly_gen.assembly_id 
_pdbx_struct_assembly_gen.oper_expression 
_pdbx_struct_assembly_gen.asym_id_list 
1 1,2     A,B,C 
2 1,3,4,2 A,B,C 
# 
loop_
_pdbx_struct_assembly_prop.biol_id 
_pdbx_struct_assembly_prop.type 
_pdbx_struct_assembly_prop.value 
_pdbx_struct_assembly_prop.details 
1 'ABSA (A^2)' 2540  ? 
1 MORE         -10   ? 
1 'SSA (A^2)'  12800 ? 
2 'ABSA (A^2)' 12310 ? 
2 MORE         -59   ? 
2 'SSA (A^2)'  18380 ? 
# 
loop_
_pdbx_struct_oper_list.id 
_pdbx_struct_oper_list.type 
_pdbx_struct_oper_list.name 
_pdbx_struct_oper_list.symmetry_operation 
_pdbx_struct_oper_list.matrix[1][1] 
_pdbx_struct_oper_list.matrix[1][2] 
_pdbx_struct_oper_list.matrix[1][3] 
_pdbx_struct_oper_list.vector[1] 
_pdbx_struct_oper_list.matrix[2][1] 
_pdbx_struct_oper_list.matrix[2][2] 
_pdbx_struct_oper_list.matrix[2][3] 
_pdbx_struct_oper_list.vector[2] 
_pdbx_struct_oper_list.matrix[3][1] 
_pdbx_struct_oper_list.matrix[3][2] 
_pdbx_struct_oper_list.matrix[3][3] 
_pdbx_struct_oper_list.vector[3] 
1 'identity operation'         1_555 x,y,z       1.0000000000  0.0000000000  0.0000000000  0.0000000000  0.0000000000  1.0000000000  0.0000000000  0.0000000000  0.0000000000  0.0000000000  1.0000000000  0.0000000000  
2 'crystal symmetry operation' 4_566 x,-y+1,-z+1 -0.9979214424 -0.0555704835 -0.0326299873 -4.2944052769 -0.0555704835 0.4856834884  0.8723665918  -9.3493061012 -0.0326299873 0.8723665918  -0.4877620460 15.6487738690 
3 'crystal symmetry operation' 2_665 -x+1,-y+1,z -0.9986571783 -0.0261942546 0.0446956511  -5.4372869613 -0.0261942546 -0.4890319528 -0.8718724736 17.8136882432 0.0446956511  -0.8718724736 0.4876891311  10.6032148669 
4 'crystal symmetry operation' 3_656 -x+1,y,-z+1 0.9965786208  0.0817647381  -0.0120656638 -0.2043180642 0.0817647381  -0.9966515356 -0.0004941182 8.8545512273  -0.0120656638 -0.0004941182 -0.9999270851 26.1944131951 
# 
loop_
_pdbx_struct_special_symmetry.id 
_pdbx_struct_special_symmetry.PDB_model_num 
_pdbx_struct_special_symmetry.auth_asym_id 
_pdbx_struct_special_symmetry.auth_comp_id 
_pdbx_struct_special_symmetry.auth_seq_id 
_pdbx_struct_special_symmetry.PDB_ins_code 
_pdbx_struct_special_symmetry.label_asym_id 
_pdbx_struct_special_symmetry.label_comp_id 
_pdbx_struct_special_symmetry.label_seq_id 
1 1 A HOH 205 ? C HOH . 
2 1 A HOH 226 ? C HOH . 
# 
loop_
_pdbx_struct_conn_angle.id 
_pdbx_struct_conn_angle.ptnr1_label_atom_id 
_pdbx_struct_conn_angle.ptnr1_label_alt_id 
_pdbx_struct_conn_angle.ptnr1_label_asym_id 
_pdbx_struct_conn_angle.ptnr1_label_comp_id 
_pdbx_struct_conn_angle.ptnr1_label_seq_id 
_pdbx_struct_conn_angle.ptnr1_auth_atom_id 
_pdbx_struct_conn_angle.ptnr1_auth_asym_id 
_pdbx_struct_conn_angle.ptnr1_auth_comp_id 
_pdbx_struct_conn_angle.ptnr1_auth_seq_id 
_pdbx_struct_conn_angle.ptnr1_PDB_ins_code 
_pdbx_struct_conn_angle.ptnr1_symmetry 
_pdbx_struct_conn_angle.ptnr2_label_atom_id 
_pdbx_struct_conn_angle.ptnr2_label_alt_id 
_pdbx_struct_conn_angle.ptnr2_label_asym_id 
_pdbx_struct_conn_angle.ptnr2_label_comp_id 
_pdbx_struct_conn_angle.ptnr2_label_seq_id 
_pdbx_struct_conn_angle.ptnr2_auth_atom_id 
_pdbx_struct_conn_angle.ptnr2_auth_asym_id 
_pdbx_struct_conn_angle.ptnr2_auth_comp_id 
_pdbx_struct_conn_angle.ptnr2_auth_seq_id 
_pdbx_struct_conn_angle.ptnr2_PDB_ins_code 
_pdbx_struct_conn_angle.ptnr2_symmetry 
_pdbx_struct_conn_angle.ptnr3_label_atom_id 
_pdbx_struct_conn_angle.ptnr3_label_alt_id 
_pdbx_struct_conn_angle.ptnr3_label_asym_id 
_pdbx_struct_conn_angle.ptnr3_label_comp_id 
_pdbx_struct_conn_angle.ptnr3_label_seq_id 
_pdbx_struct_conn_angle.ptnr3_auth_atom_id 
_pdbx_struct_conn_angle.ptnr3_auth_asym_id 
_pdbx_struct_conn_angle.ptnr3_auth_comp_id 
_pdbx_struct_conn_angle.ptnr3_auth_seq_id 
_pdbx_struct_conn_angle.ptnr3_PDB_ins_code 
_pdbx_struct_conn_angle.ptnr3_symmetry 
_pdbx_struct_conn_angle.value 
_pdbx_struct_conn_angle.value_esd 
1  NE2 ? A HIS 29  ? A HIS 17  ? 1_555 FE ? B FE . ? A FE 200 ? 1_555 NE2 ? A HIS 57  ? A HIS 45  ? 1_555 86.9  ? 
2  NE2 ? A HIS 29  ? A HIS 17  ? 1_555 FE ? B FE . ? A FE 200 ? 1_555 NE2 ? A HIS 63  ? A HIS 51  ? 1_555 139.9 ? 
3  NE2 ? A HIS 57  ? A HIS 45  ? 1_555 FE ? B FE . ? A FE 200 ? 1_555 NE2 ? A HIS 63  ? A HIS 51  ? 1_555 80.4  ? 
4  NE2 ? A HIS 29  ? A HIS 17  ? 1_555 FE ? B FE . ? A FE 200 ? 1_555 SG  ? A CYS 127 ? A CYS 115 ? 1_555 121.5 ? 
5  NE2 ? A HIS 57  ? A HIS 45  ? 1_555 FE ? B FE . ? A FE 200 ? 1_555 SG  ? A CYS 127 ? A CYS 115 ? 1_555 101.6 ? 
6  NE2 ? A HIS 63  ? A HIS 51  ? 1_555 FE ? B FE . ? A FE 200 ? 1_555 SG  ? A CYS 127 ? A CYS 115 ? 1_555 98.3  ? 
7  NE2 ? A HIS 29  ? A HIS 17  ? 1_555 FE ? B FE . ? A FE 200 ? 1_555 ND1 ? A HIS 130 ? A HIS 118 ? 1_555 83.7  ? 
8  NE2 ? A HIS 57  ? A HIS 45  ? 1_555 FE ? B FE . ? A FE 200 ? 1_555 ND1 ? A HIS 130 ? A HIS 118 ? 1_555 151.5 ? 
9  NE2 ? A HIS 63  ? A HIS 51  ? 1_555 FE ? B FE . ? A FE 200 ? 1_555 ND1 ? A HIS 130 ? A HIS 118 ? 1_555 89.7  ? 
10 SG  ? A CYS 127 ? A CYS 115 ? 1_555 FE ? B FE . ? A FE 200 ? 1_555 ND1 ? A HIS 130 ? A HIS 118 ? 1_555 106.2 ? 
# 
loop_
_pdbx_audit_revision_history.ordinal 
_pdbx_audit_revision_history.data_content_type 
_pdbx_audit_revision_history.major_revision 
_pdbx_audit_revision_history.minor_revision 
_pdbx_audit_revision_history.revision_date 
1 'Structure model' 1 0 2005-08-23 
2 'Structure model' 1 1 2008-04-30 
3 'Structure model' 1 2 2011-07-13 
4 'Structure model' 1 3 2023-01-25 
5 'Structure model' 1 4 2023-09-20 
# 
_pdbx_audit_revision_details.ordinal             1 
_pdbx_audit_revision_details.revision_ordinal    1 
_pdbx_audit_revision_details.data_content_type   'Structure model' 
_pdbx_audit_revision_details.provider            repository 
_pdbx_audit_revision_details.type                'Initial release' 
_pdbx_audit_revision_details.description         ? 
_pdbx_audit_revision_details.details             ? 
# 
loop_
_pdbx_audit_revision_group.ordinal 
_pdbx_audit_revision_group.revision_ordinal 
_pdbx_audit_revision_group.data_content_type 
_pdbx_audit_revision_group.group 
1 2 'Structure model' 'Version format compliance' 
2 3 'Structure model' Advisory                    
3 3 'Structure model' 'Derived calculations'      
4 3 'Structure model' 'Version format compliance' 
5 4 'Structure model' 'Database references'       
6 4 'Structure model' 'Derived calculations'      
7 5 'Structure model' 'Data collection'           
8 5 'Structure model' 'Refinement description'    
# 
loop_
_pdbx_audit_revision_category.ordinal 
_pdbx_audit_revision_category.revision_ordinal 
_pdbx_audit_revision_category.data_content_type 
_pdbx_audit_revision_category.category 
1 4 'Structure model' database_2                    
2 4 'Structure model' pdbx_struct_conn_angle        
3 4 'Structure model' pdbx_struct_special_symmetry  
4 4 'Structure model' struct_conn                   
5 4 'Structure model' struct_ref_seq_dif            
6 4 'Structure model' struct_site                   
7 5 'Structure model' chem_comp_atom                
8 5 'Structure model' chem_comp_bond                
9 5 'Structure model' pdbx_initial_refinement_model 
# 
loop_
_pdbx_audit_revision_item.ordinal 
_pdbx_audit_revision_item.revision_ordinal 
_pdbx_audit_revision_item.data_content_type 
_pdbx_audit_revision_item.item 
1  4 'Structure model' '_database_2.pdbx_DOI'                        
2  4 'Structure model' '_database_2.pdbx_database_accession'         
3  4 'Structure model' '_pdbx_struct_conn_angle.ptnr1_auth_comp_id'  
4  4 'Structure model' '_pdbx_struct_conn_angle.ptnr1_auth_seq_id'   
5  4 'Structure model' '_pdbx_struct_conn_angle.ptnr1_label_atom_id' 
6  4 'Structure model' '_pdbx_struct_conn_angle.ptnr1_label_comp_id' 
7  4 'Structure model' '_pdbx_struct_conn_angle.ptnr1_label_seq_id'  
8  4 'Structure model' '_pdbx_struct_conn_angle.ptnr3_auth_comp_id'  
9  4 'Structure model' '_pdbx_struct_conn_angle.ptnr3_auth_seq_id'   
10 4 'Structure model' '_pdbx_struct_conn_angle.ptnr3_label_atom_id' 
11 4 'Structure model' '_pdbx_struct_conn_angle.ptnr3_label_comp_id' 
12 4 'Structure model' '_pdbx_struct_conn_angle.ptnr3_label_seq_id'  
13 4 'Structure model' '_pdbx_struct_conn_angle.value'               
14 4 'Structure model' '_struct_conn.pdbx_dist_value'                
15 4 'Structure model' '_struct_conn.ptnr1_auth_comp_id'             
16 4 'Structure model' '_struct_conn.ptnr1_auth_seq_id'              
17 4 'Structure model' '_struct_conn.ptnr1_label_asym_id'            
18 4 'Structure model' '_struct_conn.ptnr1_label_atom_id'            
19 4 'Structure model' '_struct_conn.ptnr1_label_comp_id'            
20 4 'Structure model' '_struct_conn.ptnr1_label_seq_id'             
21 4 'Structure model' '_struct_conn.ptnr2_auth_comp_id'             
22 4 'Structure model' '_struct_conn.ptnr2_auth_seq_id'              
23 4 'Structure model' '_struct_conn.ptnr2_label_asym_id'            
24 4 'Structure model' '_struct_conn.ptnr2_label_atom_id'            
25 4 'Structure model' '_struct_conn.ptnr2_label_comp_id'            
26 4 'Structure model' '_struct_conn.ptnr2_label_seq_id'             
27 4 'Structure model' '_struct_ref_seq_dif.details'                 
28 4 'Structure model' '_struct_site.pdbx_auth_asym_id'              
29 4 'Structure model' '_struct_site.pdbx_auth_comp_id'              
30 4 'Structure model' '_struct_site.pdbx_auth_seq_id'               
# 
_pdbx_refine_tls.id               1 
_pdbx_refine_tls.details          ? 
_pdbx_refine_tls.method           refined 
_pdbx_refine_tls.origin_x         -0.2202 
_pdbx_refine_tls.origin_y         0.1892 
_pdbx_refine_tls.origin_z         -0.1539 
_pdbx_refine_tls.T[1][1]          -0.1881 
_pdbx_refine_tls.T[2][2]          -0.1245 
_pdbx_refine_tls.T[3][3]          -0.1172 
_pdbx_refine_tls.T[1][2]          0.0161 
_pdbx_refine_tls.T[1][3]          0.0512 
_pdbx_refine_tls.T[2][3]          -0.0353 
_pdbx_refine_tls.L[1][1]          3.0360 
_pdbx_refine_tls.L[2][2]          1.6065 
_pdbx_refine_tls.L[3][3]          2.1827 
_pdbx_refine_tls.L[1][2]          -0.1038 
_pdbx_refine_tls.L[1][3]          1.1952 
_pdbx_refine_tls.L[2][3]          0.1544 
_pdbx_refine_tls.S[1][1]          0.0426 
_pdbx_refine_tls.S[1][2]          0.3459 
_pdbx_refine_tls.S[1][3]          -0.0687 
_pdbx_refine_tls.S[2][1]          -0.2722 
_pdbx_refine_tls.S[2][2]          -0.0636 
_pdbx_refine_tls.S[2][3]          -0.1578 
_pdbx_refine_tls.S[3][1]          0.0244 
_pdbx_refine_tls.S[3][2]          0.0209 
_pdbx_refine_tls.S[3][3]          0.0210 
_pdbx_refine_tls.pdbx_refine_id   'X-RAY DIFFRACTION' 
# 
_pdbx_refine_tls_group.id                  1 
_pdbx_refine_tls_group.refine_tls_id       1 
_pdbx_refine_tls_group.beg_auth_asym_id    A 
_pdbx_refine_tls_group.beg_auth_seq_id     2 
_pdbx_refine_tls_group.beg_label_asym_id   A 
_pdbx_refine_tls_group.beg_label_seq_id    14 
_pdbx_refine_tls_group.end_auth_asym_id    A 
_pdbx_refine_tls_group.end_auth_seq_id     131 
_pdbx_refine_tls_group.end_label_asym_id   A 
_pdbx_refine_tls_group.end_label_seq_id    143 
_pdbx_refine_tls_group.selection           ? 
_pdbx_refine_tls_group.pdbx_refine_id      'X-RAY DIFFRACTION' 
_pdbx_refine_tls_group.selection_details   ? 
# 
_phasing.method   MR 
# 
loop_
_software.name 
_software.version 
_software.date 
_software.type 
_software.contact_author 
_software.contact_author_email 
_software.classification 
_software.location 
_software.language 
_software.citation_id 
_software.pdbx_ordinal 
REFMAC      5.2.0019  ?               program 'Murshudov, G.N.' ccp4@dl.ac.uk            refinement        
http://www.ccp4.ac.uk/main.html            Fortran ? 1 
SCALA       .         ?               program 'Phil Evans'      pre@mrc-lmb.cam.ac.uk    'data scaling'    
http://www.ccp4.ac.uk/dist/html/INDEX.html Fortran ? 2 
PDB_EXTRACT 1.601     'Jan. 30, 2005' package PDB               sw-help@rcsb.rutgers.edu 'data extraction' 
http://pdb.rutgers.edu/software/           C++     ? 3 
MOSFLM      .         ?               ?       ?                 ?                        'data reduction'  ? ?       ? 4 
CCP4        '(SCALA)' ?               ?       ?                 ?                        'data scaling'    ? ?       ? 5 
MOLREP      .         ?               ?       ?                 ?                        phasing           ? ?       ? 6 
# 
_pdbx_validate_close_contact.id               1 
_pdbx_validate_close_contact.PDB_model_num    1 
_pdbx_validate_close_contact.auth_atom_id_1   O 
_pdbx_validate_close_contact.auth_asym_id_1   A 
_pdbx_validate_close_contact.auth_comp_id_1   HOH 
_pdbx_validate_close_contact.auth_seq_id_1    204 
_pdbx_validate_close_contact.PDB_ins_code_1   ? 
_pdbx_validate_close_contact.label_alt_id_1   ? 
_pdbx_validate_close_contact.auth_atom_id_2   O 
_pdbx_validate_close_contact.auth_asym_id_2   A 
_pdbx_validate_close_contact.auth_comp_id_2   HOH 
_pdbx_validate_close_contact.auth_seq_id_2    240 
_pdbx_validate_close_contact.PDB_ins_code_2   ? 
_pdbx_validate_close_contact.label_alt_id_2   ? 
_pdbx_validate_close_contact.dist             2.19 
# 
_pdbx_validate_symm_contact.id                1 
_pdbx_validate_symm_contact.PDB_model_num     1 
_pdbx_validate_symm_contact.auth_atom_id_1    NZ 
_pdbx_validate_symm_contact.auth_asym_id_1    A 
_pdbx_validate_symm_contact.auth_comp_id_1    LYS 
_pdbx_validate_symm_contact.auth_seq_id_1     57 
_pdbx_validate_symm_contact.PDB_ins_code_1    ? 
_pdbx_validate_symm_contact.label_alt_id_1    ? 
_pdbx_validate_symm_contact.site_symmetry_1   1_555 
_pdbx_validate_symm_contact.auth_atom_id_2    NZ 
_pdbx_validate_symm_contact.auth_asym_id_2    A 
_pdbx_validate_symm_contact.auth_comp_id_2    LYS 
_pdbx_validate_symm_contact.auth_seq_id_2     57 
_pdbx_validate_symm_contact.PDB_ins_code_2    ? 
_pdbx_validate_symm_contact.label_alt_id_2    ? 
_pdbx_validate_symm_contact.site_symmetry_2   2_665 
_pdbx_validate_symm_contact.dist              2.05 
# 
_pdbx_validate_torsion.id              1 
_pdbx_validate_torsion.PDB_model_num   1 
_pdbx_validate_torsion.auth_comp_id    HIS 
_pdbx_validate_torsion.auth_asym_id    A 
_pdbx_validate_torsion.auth_seq_id     79 
_pdbx_validate_torsion.PDB_ins_code    ? 
_pdbx_validate_torsion.label_alt_id    ? 
_pdbx_validate_torsion.phi             -142.07 
_pdbx_validate_torsion.psi             43.65 
# 
_pdbx_validate_chiral.id              1 
_pdbx_validate_chiral.PDB_model_num   1 
_pdbx_validate_chiral.auth_atom_id    CA 
_pdbx_validate_chiral.label_alt_id    ? 
_pdbx_validate_chiral.auth_asym_id    A 
_pdbx_validate_chiral.auth_comp_id    MET 
_pdbx_validate_chiral.auth_seq_id     1 
_pdbx_validate_chiral.PDB_ins_code    ? 
_pdbx_validate_chiral.details         PLANAR 
_pdbx_validate_chiral.omega           . 
# 
loop_
_pdbx_unobs_or_zero_occ_atoms.id 
_pdbx_unobs_or_zero_occ_atoms.PDB_model_num 
_pdbx_unobs_or_zero_occ_atoms.polymer_flag 
_pdbx_unobs_or_zero_occ_atoms.occupancy_flag 
_pdbx_unobs_or_zero_occ_atoms.auth_asym_id 
_pdbx_unobs_or_zero_occ_atoms.auth_comp_id 
_pdbx_unobs_or_zero_occ_atoms.auth_seq_id 
_pdbx_unobs_or_zero_occ_atoms.PDB_ins_code 
_pdbx_unobs_or_zero_occ_atoms.auth_atom_id 
_pdbx_unobs_or_zero_occ_atoms.label_alt_id 
_pdbx_unobs_or_zero_occ_atoms.label_asym_id 
_pdbx_unobs_or_zero_occ_atoms.label_comp_id 
_pdbx_unobs_or_zero_occ_atoms.label_seq_id 
_pdbx_unobs_or_zero_occ_atoms.label_atom_id 
1  1 Y 1 A HIS 0  ? CG  ? A HIS 12 CG  
2  1 Y 1 A HIS 0  ? ND1 ? A HIS 12 ND1 
3  1 Y 1 A HIS 0  ? CD2 ? A HIS 12 CD2 
4  1 Y 1 A HIS 0  ? CE1 ? A HIS 12 CE1 
5  1 Y 1 A HIS 0  ? NE2 ? A HIS 12 NE2 
6  1 Y 1 A LYS 8  ? CE  ? A LYS 20 CE  
7  1 Y 1 A LYS 8  ? NZ  ? A LYS 20 NZ  
8  1 Y 1 A LYS 13 ? CE  ? A LYS 25 CE  
9  1 Y 1 A LYS 13 ? NZ  ? A LYS 25 NZ  
10 1 Y 1 A LYS 14 ? CE  ? A LYS 26 CE  
11 1 Y 1 A LYS 14 ? NZ  ? A LYS 26 NZ  
12 1 Y 1 A LYS 28 ? CD  ? A LYS 40 CD  
13 1 Y 1 A LYS 28 ? CE  ? A LYS 40 CE  
14 1 Y 1 A LYS 28 ? NZ  ? A LYS 40 NZ  
# 
loop_
_pdbx_unobs_or_zero_occ_residues.id 
_pdbx_unobs_or_zero_occ_residues.PDB_model_num 
_pdbx_unobs_or_zero_occ_residues.polymer_flag 
_pdbx_unobs_or_zero_occ_residues.occupancy_flag 
_pdbx_unobs_or_zero_occ_residues.auth_asym_id 
_pdbx_unobs_or_zero_occ_residues.auth_comp_id 
_pdbx_unobs_or_zero_occ_residues.auth_seq_id 
_pdbx_unobs_or_zero_occ_residues.PDB_ins_code 
_pdbx_unobs_or_zero_occ_residues.label_asym_id 
_pdbx_unobs_or_zero_occ_residues.label_comp_id 
_pdbx_unobs_or_zero_occ_residues.label_seq_id 
1  1 Y 1 A MET -11 ? A MET 1  
2  1 Y 1 A GLY -10 ? A GLY 2  
3  1 Y 1 A SER -9  ? A SER 3  
4  1 Y 1 A ASP -8  ? A ASP 4  
5  1 Y 1 A LYS -7  ? A LYS 5  
6  1 Y 1 A ILE -6  ? A ILE 6  
7  1 Y 1 A HIS -5  ? A HIS 7  
8  1 Y 1 A HIS -4  ? A HIS 8  
9  1 Y 1 A HIS -3  ? A HIS 9  
10 1 Y 1 A HIS -2  ? A HIS 10 
11 1 Y 1 A HIS -1  ? A HIS 11 
# 
loop_
_chem_comp_atom.comp_id 
_chem_comp_atom.atom_id 
_chem_comp_atom.type_symbol 
_chem_comp_atom.pdbx_aromatic_flag 
_chem_comp_atom.pdbx_stereo_config 
_chem_comp_atom.pdbx_ordinal 
ALA N    N  N N 1   
ALA CA   C  N S 2   
ALA C    C  N N 3   
ALA O    O  N N 4   
ALA CB   C  N N 5   
ALA OXT  O  N N 6   
ALA H    H  N N 7   
ALA H2   H  N N 8   
ALA HA   H  N N 9   
ALA HB1  H  N N 10  
ALA HB2  H  N N 11  
ALA HB3  H  N N 12  
ALA HXT  H  N N 13  
ARG N    N  N N 14  
ARG CA   C  N S 15  
ARG C    C  N N 16  
ARG O    O  N N 17  
ARG CB   C  N N 18  
ARG CG   C  N N 19  
ARG CD   C  N N 20  
ARG NE   N  N N 21  
ARG CZ   C  N N 22  
ARG NH1  N  N N 23  
ARG NH2  N  N N 24  
ARG OXT  O  N N 25  
ARG H    H  N N 26  
ARG H2   H  N N 27  
ARG HA   H  N N 28  
ARG HB2  H  N N 29  
ARG HB3  H  N N 30  
ARG HG2  H  N N 31  
ARG HG3  H  N N 32  
ARG HD2  H  N N 33  
ARG HD3  H  N N 34  
ARG HE   H  N N 35  
ARG HH11 H  N N 36  
ARG HH12 H  N N 37  
ARG HH21 H  N N 38  
ARG HH22 H  N N 39  
ARG HXT  H  N N 40  
ASN N    N  N N 41  
ASN CA   C  N S 42  
ASN C    C  N N 43  
ASN O    O  N N 44  
ASN CB   C  N N 45  
ASN CG   C  N N 46  
ASN OD1  O  N N 47  
ASN ND2  N  N N 48  
ASN OXT  O  N N 49  
ASN H    H  N N 50  
ASN H2   H  N N 51  
ASN HA   H  N N 52  
ASN HB2  H  N N 53  
ASN HB3  H  N N 54  
ASN HD21 H  N N 55  
ASN HD22 H  N N 56  
ASN HXT  H  N N 57  
ASP N    N  N N 58  
ASP CA   C  N S 59  
ASP C    C  N N 60  
ASP O    O  N N 61  
ASP CB   C  N N 62  
ASP CG   C  N N 63  
ASP OD1  O  N N 64  
ASP OD2  O  N N 65  
ASP OXT  O  N N 66  
ASP H    H  N N 67  
ASP H2   H  N N 68  
ASP HA   H  N N 69  
ASP HB2  H  N N 70  
ASP HB3  H  N N 71  
ASP HD2  H  N N 72  
ASP HXT  H  N N 73  
CYS N    N  N N 74  
CYS CA   C  N R 75  
CYS C    C  N N 76  
CYS O    O  N N 77  
CYS CB   C  N N 78  
CYS SG   S  N N 79  
CYS OXT  O  N N 80  
CYS H    H  N N 81  
CYS H2   H  N N 82  
CYS HA   H  N N 83  
CYS HB2  H  N N 84  
CYS HB3  H  N N 85  
CYS HG   H  N N 86  
CYS HXT  H  N N 87  
FE  FE   FE N N 88  
GLN N    N  N N 89  
GLN CA   C  N S 90  
GLN C    C  N N 91  
GLN O    O  N N 92  
GLN CB   C  N N 93  
GLN CG   C  N N 94  
GLN CD   C  N N 95  
GLN OE1  O  N N 96  
GLN NE2  N  N N 97  
GLN OXT  O  N N 98  
GLN H    H  N N 99  
GLN H2   H  N N 100 
GLN HA   H  N N 101 
GLN HB2  H  N N 102 
GLN HB3  H  N N 103 
GLN HG2  H  N N 104 
GLN HG3  H  N N 105 
GLN HE21 H  N N 106 
GLN HE22 H  N N 107 
GLN HXT  H  N N 108 
GLU N    N  N N 109 
GLU CA   C  N S 110 
GLU C    C  N N 111 
GLU O    O  N N 112 
GLU CB   C  N N 113 
GLU CG   C  N N 114 
GLU CD   C  N N 115 
GLU OE1  O  N N 116 
GLU OE2  O  N N 117 
GLU OXT  O  N N 118 
GLU H    H  N N 119 
GLU H2   H  N N 120 
GLU HA   H  N N 121 
GLU HB2  H  N N 122 
GLU HB3  H  N N 123 
GLU HG2  H  N N 124 
GLU HG3  H  N N 125 
GLU HE2  H  N N 126 
GLU HXT  H  N N 127 
GLY N    N  N N 128 
GLY CA   C  N N 129 
GLY C    C  N N 130 
GLY O    O  N N 131 
GLY OXT  O  N N 132 
GLY H    H  N N 133 
GLY H2   H  N N 134 
GLY HA2  H  N N 135 
GLY HA3  H  N N 136 
GLY HXT  H  N N 137 
HIS N    N  N N 138 
HIS CA   C  N S 139 
HIS C    C  N N 140 
HIS O    O  N N 141 
HIS CB   C  N N 142 
HIS CG   C  Y N 143 
HIS ND1  N  Y N 144 
HIS CD2  C  Y N 145 
HIS CE1  C  Y N 146 
HIS NE2  N  Y N 147 
HIS OXT  O  N N 148 
HIS H    H  N N 149 
HIS H2   H  N N 150 
HIS HA   H  N N 151 
HIS HB2  H  N N 152 
HIS HB3  H  N N 153 
HIS HD1  H  N N 154 
HIS HD2  H  N N 155 
HIS HE1  H  N N 156 
HIS HE2  H  N N 157 
HIS HXT  H  N N 158 
HOH O    O  N N 159 
HOH H1   H  N N 160 
HOH H2   H  N N 161 
ILE N    N  N N 162 
ILE CA   C  N S 163 
ILE C    C  N N 164 
ILE O    O  N N 165 
ILE CB   C  N S 166 
ILE CG1  C  N N 167 
ILE CG2  C  N N 168 
ILE CD1  C  N N 169 
ILE OXT  O  N N 170 
ILE H    H  N N 171 
ILE H2   H  N N 172 
ILE HA   H  N N 173 
ILE HB   H  N N 174 
ILE HG12 H  N N 175 
ILE HG13 H  N N 176 
ILE HG21 H  N N 177 
ILE HG22 H  N N 178 
ILE HG23 H  N N 179 
ILE HD11 H  N N 180 
ILE HD12 H  N N 181 
ILE HD13 H  N N 182 
ILE HXT  H  N N 183 
LEU N    N  N N 184 
LEU CA   C  N S 185 
LEU C    C  N N 186 
LEU O    O  N N 187 
LEU CB   C  N N 188 
LEU CG   C  N N 189 
LEU CD1  C  N N 190 
LEU CD2  C  N N 191 
LEU OXT  O  N N 192 
LEU H    H  N N 193 
LEU H2   H  N N 194 
LEU HA   H  N N 195 
LEU HB2  H  N N 196 
LEU HB3  H  N N 197 
LEU HG   H  N N 198 
LEU HD11 H  N N 199 
LEU HD12 H  N N 200 
LEU HD13 H  N N 201 
LEU HD21 H  N N 202 
LEU HD22 H  N N 203 
LEU HD23 H  N N 204 
LEU HXT  H  N N 205 
LYS N    N  N N 206 
LYS CA   C  N S 207 
LYS C    C  N N 208 
LYS O    O  N N 209 
LYS CB   C  N N 210 
LYS CG   C  N N 211 
LYS CD   C  N N 212 
LYS CE   C  N N 213 
LYS NZ   N  N N 214 
LYS OXT  O  N N 215 
LYS H    H  N N 216 
LYS H2   H  N N 217 
LYS HA   H  N N 218 
LYS HB2  H  N N 219 
LYS HB3  H  N N 220 
LYS HG2  H  N N 221 
LYS HG3  H  N N 222 
LYS HD2  H  N N 223 
LYS HD3  H  N N 224 
LYS HE2  H  N N 225 
LYS HE3  H  N N 226 
LYS HZ1  H  N N 227 
LYS HZ2  H  N N 228 
LYS HZ3  H  N N 229 
LYS HXT  H  N N 230 
MET N    N  N N 231 
MET CA   C  N S 232 
MET C    C  N N 233 
MET O    O  N N 234 
MET CB   C  N N 235 
MET CG   C  N N 236 
MET SD   S  N N 237 
MET CE   C  N N 238 
MET OXT  O  N N 239 
MET H    H  N N 240 
MET H2   H  N N 241 
MET HA   H  N N 242 
MET HB2  H  N N 243 
MET HB3  H  N N 244 
MET HG2  H  N N 245 
MET HG3  H  N N 246 
MET HE1  H  N N 247 
MET HE2  H  N N 248 
MET HE3  H  N N 249 
MET HXT  H  N N 250 
PHE N    N  N N 251 
PHE CA   C  N S 252 
PHE C    C  N N 253 
PHE O    O  N N 254 
PHE CB   C  N N 255 
PHE CG   C  Y N 256 
PHE CD1  C  Y N 257 
PHE CD2  C  Y N 258 
PHE CE1  C  Y N 259 
PHE CE2  C  Y N 260 
PHE CZ   C  Y N 261 
PHE OXT  O  N N 262 
PHE H    H  N N 263 
PHE H2   H  N N 264 
PHE HA   H  N N 265 
PHE HB2  H  N N 266 
PHE HB3  H  N N 267 
PHE HD1  H  N N 268 
PHE HD2  H  N N 269 
PHE HE1  H  N N 270 
PHE HE2  H  N N 271 
PHE HZ   H  N N 272 
PHE HXT  H  N N 273 
PRO N    N  N N 274 
PRO CA   C  N S 275 
PRO C    C  N N 276 
PRO O    O  N N 277 
PRO CB   C  N N 278 
PRO CG   C  N N 279 
PRO CD   C  N N 280 
PRO OXT  O  N N 281 
PRO H    H  N N 282 
PRO HA   H  N N 283 
PRO HB2  H  N N 284 
PRO HB3  H  N N 285 
PRO HG2  H  N N 286 
PRO HG3  H  N N 287 
PRO HD2  H  N N 288 
PRO HD3  H  N N 289 
PRO HXT  H  N N 290 
SER N    N  N N 291 
SER CA   C  N S 292 
SER C    C  N N 293 
SER O    O  N N 294 
SER CB   C  N N 295 
SER OG   O  N N 296 
SER OXT  O  N N 297 
SER H    H  N N 298 
SER H2   H  N N 299 
SER HA   H  N N 300 
SER HB2  H  N N 301 
SER HB3  H  N N 302 
SER HG   H  N N 303 
SER HXT  H  N N 304 
THR N    N  N N 305 
THR CA   C  N S 306 
THR C    C  N N 307 
THR O    O  N N 308 
THR CB   C  N R 309 
THR OG1  O  N N 310 
THR CG2  C  N N 311 
THR OXT  O  N N 312 
THR H    H  N N 313 
THR H2   H  N N 314 
THR HA   H  N N 315 
THR HB   H  N N 316 
THR HG1  H  N N 317 
THR HG21 H  N N 318 
THR HG22 H  N N 319 
THR HG23 H  N N 320 
THR HXT  H  N N 321 
TRP N    N  N N 322 
TRP CA   C  N S 323 
TRP C    C  N N 324 
TRP O    O  N N 325 
TRP CB   C  N N 326 
TRP CG   C  Y N 327 
TRP CD1  C  Y N 328 
TRP CD2  C  Y N 329 
TRP NE1  N  Y N 330 
TRP CE2  C  Y N 331 
TRP CE3  C  Y N 332 
TRP CZ2  C  Y N 333 
TRP CZ3  C  Y N 334 
TRP CH2  C  Y N 335 
TRP OXT  O  N N 336 
TRP H    H  N N 337 
TRP H2   H  N N 338 
TRP HA   H  N N 339 
TRP HB2  H  N N 340 
TRP HB3  H  N N 341 
TRP HD1  H  N N 342 
TRP HE1  H  N N 343 
TRP HE3  H  N N 344 
TRP HZ2  H  N N 345 
TRP HZ3  H  N N 346 
TRP HH2  H  N N 347 
TRP HXT  H  N N 348 
TYR N    N  N N 349 
TYR CA   C  N S 350 
TYR C    C  N N 351 
TYR O    O  N N 352 
TYR CB   C  N N 353 
TYR CG   C  Y N 354 
TYR CD1  C  Y N 355 
TYR CD2  C  Y N 356 
TYR CE1  C  Y N 357 
TYR CE2  C  Y N 358 
TYR CZ   C  Y N 359 
TYR OH   O  N N 360 
TYR OXT  O  N N 361 
TYR H    H  N N 362 
TYR H2   H  N N 363 
TYR HA   H  N N 364 
TYR HB2  H  N N 365 
TYR HB3  H  N N 366 
TYR HD1  H  N N 367 
TYR HD2  H  N N 368 
TYR HE1  H  N N 369 
TYR HE2  H  N N 370 
TYR HH   H  N N 371 
TYR HXT  H  N N 372 
VAL N    N  N N 373 
VAL CA   C  N S 374 
VAL C    C  N N 375 
VAL O    O  N N 376 
VAL CB   C  N N 377 
VAL CG1  C  N N 378 
VAL CG2  C  N N 379 
VAL OXT  O  N N 380 
VAL H    H  N N 381 
VAL H2   H  N N 382 
VAL HA   H  N N 383 
VAL HB   H  N N 384 
VAL HG11 H  N N 385 
VAL HG12 H  N N 386 
VAL HG13 H  N N 387 
VAL HG21 H  N N 388 
VAL HG22 H  N N 389 
VAL HG23 H  N N 390 
VAL HXT  H  N N 391 
# 
loop_
_chem_comp_bond.comp_id 
_chem_comp_bond.atom_id_1 
_chem_comp_bond.atom_id_2 
_chem_comp_bond.value_order 
_chem_comp_bond.pdbx_aromatic_flag 
_chem_comp_bond.pdbx_stereo_config 
_chem_comp_bond.pdbx_ordinal 
ALA N   CA   sing N N 1   
ALA N   H    sing N N 2   
ALA N   H2   sing N N 3   
ALA CA  C    sing N N 4   
ALA CA  CB   sing N N 5   
ALA CA  HA   sing N N 6   
ALA C   O    doub N N 7   
ALA C   OXT  sing N N 8   
ALA CB  HB1  sing N N 9   
ALA CB  HB2  sing N N 10  
ALA CB  HB3  sing N N 11  
ALA OXT HXT  sing N N 12  
ARG N   CA   sing N N 13  
ARG N   H    sing N N 14  
ARG N   H2   sing N N 15  
ARG CA  C    sing N N 16  
ARG CA  CB   sing N N 17  
ARG CA  HA   sing N N 18  
ARG C   O    doub N N 19  
ARG C   OXT  sing N N 20  
ARG CB  CG   sing N N 21  
ARG CB  HB2  sing N N 22  
ARG CB  HB3  sing N N 23  
ARG CG  CD   sing N N 24  
ARG CG  HG2  sing N N 25  
ARG CG  HG3  sing N N 26  
ARG CD  NE   sing N N 27  
ARG CD  HD2  sing N N 28  
ARG CD  HD3  sing N N 29  
ARG NE  CZ   sing N N 30  
ARG NE  HE   sing N N 31  
ARG CZ  NH1  sing N N 32  
ARG CZ  NH2  doub N N 33  
ARG NH1 HH11 sing N N 34  
ARG NH1 HH12 sing N N 35  
ARG NH2 HH21 sing N N 36  
ARG NH2 HH22 sing N N 37  
ARG OXT HXT  sing N N 38  
ASN N   CA   sing N N 39  
ASN N   H    sing N N 40  
ASN N   H2   sing N N 41  
ASN CA  C    sing N N 42  
ASN CA  CB   sing N N 43  
ASN CA  HA   sing N N 44  
ASN C   O    doub N N 45  
ASN C   OXT  sing N N 46  
ASN CB  CG   sing N N 47  
ASN CB  HB2  sing N N 48  
ASN CB  HB3  sing N N 49  
ASN CG  OD1  doub N N 50  
ASN CG  ND2  sing N N 51  
ASN ND2 HD21 sing N N 52  
ASN ND2 HD22 sing N N 53  
ASN OXT HXT  sing N N 54  
ASP N   CA   sing N N 55  
ASP N   H    sing N N 56  
ASP N   H2   sing N N 57  
ASP CA  C    sing N N 58  
ASP CA  CB   sing N N 59  
ASP CA  HA   sing N N 60  
ASP C   O    doub N N 61  
ASP C   OXT  sing N N 62  
ASP CB  CG   sing N N 63  
ASP CB  HB2  sing N N 64  
ASP CB  HB3  sing N N 65  
ASP CG  OD1  doub N N 66  
ASP CG  OD2  sing N N 67  
ASP OD2 HD2  sing N N 68  
ASP OXT HXT  sing N N 69  
CYS N   CA   sing N N 70  
CYS N   H    sing N N 71  
CYS N   H2   sing N N 72  
CYS CA  C    sing N N 73  
CYS CA  CB   sing N N 74  
CYS CA  HA   sing N N 75  
CYS C   O    doub N N 76  
CYS C   OXT  sing N N 77  
CYS CB  SG   sing N N 78  
CYS CB  HB2  sing N N 79  
CYS CB  HB3  sing N N 80  
CYS SG  HG   sing N N 81  
CYS OXT HXT  sing N N 82  
GLN N   CA   sing N N 83  
GLN N   H    sing N N 84  
GLN N   H2   sing N N 85  
GLN CA  C    sing N N 86  
GLN CA  CB   sing N N 87  
GLN CA  HA   sing N N 88  
GLN C   O    doub N N 89  
GLN C   OXT  sing N N 90  
GLN CB  CG   sing N N 91  
GLN CB  HB2  sing N N 92  
GLN CB  HB3  sing N N 93  
GLN CG  CD   sing N N 94  
GLN CG  HG2  sing N N 95  
GLN CG  HG3  sing N N 96  
GLN CD  OE1  doub N N 97  
GLN CD  NE2  sing N N 98  
GLN NE2 HE21 sing N N 99  
GLN NE2 HE22 sing N N 100 
GLN OXT HXT  sing N N 101 
GLU N   CA   sing N N 102 
GLU N   H    sing N N 103 
GLU N   H2   sing N N 104 
GLU CA  C    sing N N 105 
GLU CA  CB   sing N N 106 
GLU CA  HA   sing N N 107 
GLU C   O    doub N N 108 
GLU C   OXT  sing N N 109 
GLU CB  CG   sing N N 110 
GLU CB  HB2  sing N N 111 
GLU CB  HB3  sing N N 112 
GLU CG  CD   sing N N 113 
GLU CG  HG2  sing N N 114 
GLU CG  HG3  sing N N 115 
GLU CD  OE1  doub N N 116 
GLU CD  OE2  sing N N 117 
GLU OE2 HE2  sing N N 118 
GLU OXT HXT  sing N N 119 
GLY N   CA   sing N N 120 
GLY N   H    sing N N 121 
GLY N   H2   sing N N 122 
GLY CA  C    sing N N 123 
GLY CA  HA2  sing N N 124 
GLY CA  HA3  sing N N 125 
GLY C   O    doub N N 126 
GLY C   OXT  sing N N 127 
GLY OXT HXT  sing N N 128 
HIS N   CA   sing N N 129 
HIS N   H    sing N N 130 
HIS N   H2   sing N N 131 
HIS CA  C    sing N N 132 
HIS CA  CB   sing N N 133 
HIS CA  HA   sing N N 134 
HIS C   O    doub N N 135 
HIS C   OXT  sing N N 136 
HIS CB  CG   sing N N 137 
HIS CB  HB2  sing N N 138 
HIS CB  HB3  sing N N 139 
HIS CG  ND1  sing Y N 140 
HIS CG  CD2  doub Y N 141 
HIS ND1 CE1  doub Y N 142 
HIS ND1 HD1  sing N N 143 
HIS CD2 NE2  sing Y N 144 
HIS CD2 HD2  sing N N 145 
HIS CE1 NE2  sing Y N 146 
HIS CE1 HE1  sing N N 147 
HIS NE2 HE2  sing N N 148 
HIS OXT HXT  sing N N 149 
HOH O   H1   sing N N 150 
HOH O   H2   sing N N 151 
ILE N   CA   sing N N 152 
ILE N   H    sing N N 153 
ILE N   H2   sing N N 154 
ILE CA  C    sing N N 155 
ILE CA  CB   sing N N 156 
ILE CA  HA   sing N N 157 
ILE C   O    doub N N 158 
ILE C   OXT  sing N N 159 
ILE CB  CG1  sing N N 160 
ILE CB  CG2  sing N N 161 
ILE CB  HB   sing N N 162 
ILE CG1 CD1  sing N N 163 
ILE CG1 HG12 sing N N 164 
ILE CG1 HG13 sing N N 165 
ILE CG2 HG21 sing N N 166 
ILE CG2 HG22 sing N N 167 
ILE CG2 HG23 sing N N 168 
ILE CD1 HD11 sing N N 169 
ILE CD1 HD12 sing N N 170 
ILE CD1 HD13 sing N N 171 
ILE OXT HXT  sing N N 172 
LEU N   CA   sing N N 173 
LEU N   H    sing N N 174 
LEU N   H2   sing N N 175 
LEU CA  C    sing N N 176 
LEU CA  CB   sing N N 177 
LEU CA  HA   sing N N 178 
LEU C   O    doub N N 179 
LEU C   OXT  sing N N 180 
LEU CB  CG   sing N N 181 
LEU CB  HB2  sing N N 182 
LEU CB  HB3  sing N N 183 
LEU CG  CD1  sing N N 184 
LEU CG  CD2  sing N N 185 
LEU CG  HG   sing N N 186 
LEU CD1 HD11 sing N N 187 
LEU CD1 HD12 sing N N 188 
LEU CD1 HD13 sing N N 189 
LEU CD2 HD21 sing N N 190 
LEU CD2 HD22 sing N N 191 
LEU CD2 HD23 sing N N 192 
LEU OXT HXT  sing N N 193 
LYS N   CA   sing N N 194 
LYS N   H    sing N N 195 
LYS N   H2   sing N N 196 
LYS CA  C    sing N N 197 
LYS CA  CB   sing N N 198 
LYS CA  HA   sing N N 199 
LYS C   O    doub N N 200 
LYS C   OXT  sing N N 201 
LYS CB  CG   sing N N 202 
LYS CB  HB2  sing N N 203 
LYS CB  HB3  sing N N 204 
LYS CG  CD   sing N N 205 
LYS CG  HG2  sing N N 206 
LYS CG  HG3  sing N N 207 
LYS CD  CE   sing N N 208 
LYS CD  HD2  sing N N 209 
LYS CD  HD3  sing N N 210 
LYS CE  NZ   sing N N 211 
LYS CE  HE2  sing N N 212 
LYS CE  HE3  sing N N 213 
LYS NZ  HZ1  sing N N 214 
LYS NZ  HZ2  sing N N 215 
LYS NZ  HZ3  sing N N 216 
LYS OXT HXT  sing N N 217 
MET N   CA   sing N N 218 
MET N   H    sing N N 219 
MET N   H2   sing N N 220 
MET CA  C    sing N N 221 
MET CA  CB   sing N N 222 
MET CA  HA   sing N N 223 
MET C   O    doub N N 224 
MET C   OXT  sing N N 225 
MET CB  CG   sing N N 226 
MET CB  HB2  sing N N 227 
MET CB  HB3  sing N N 228 
MET CG  SD   sing N N 229 
MET CG  HG2  sing N N 230 
MET CG  HG3  sing N N 231 
MET SD  CE   sing N N 232 
MET CE  HE1  sing N N 233 
MET CE  HE2  sing N N 234 
MET CE  HE3  sing N N 235 
MET OXT HXT  sing N N 236 
PHE N   CA   sing N N 237 
PHE N   H    sing N N 238 
PHE N   H2   sing N N 239 
PHE CA  C    sing N N 240 
PHE CA  CB   sing N N 241 
PHE CA  HA   sing N N 242 
PHE C   O    doub N N 243 
PHE C   OXT  sing N N 244 
PHE CB  CG   sing N N 245 
PHE CB  HB2  sing N N 246 
PHE CB  HB3  sing N N 247 
PHE CG  CD1  doub Y N 248 
PHE CG  CD2  sing Y N 249 
PHE CD1 CE1  sing Y N 250 
PHE CD1 HD1  sing N N 251 
PHE CD2 CE2  doub Y N 252 
PHE CD2 HD2  sing N N 253 
PHE CE1 CZ   doub Y N 254 
PHE CE1 HE1  sing N N 255 
PHE CE2 CZ   sing Y N 256 
PHE CE2 HE2  sing N N 257 
PHE CZ  HZ   sing N N 258 
PHE OXT HXT  sing N N 259 
PRO N   CA   sing N N 260 
PRO N   CD   sing N N 261 
PRO N   H    sing N N 262 
PRO CA  C    sing N N 263 
PRO CA  CB   sing N N 264 
PRO CA  HA   sing N N 265 
PRO C   O    doub N N 266 
PRO C   OXT  sing N N 267 
PRO CB  CG   sing N N 268 
PRO CB  HB2  sing N N 269 
PRO CB  HB3  sing N N 270 
PRO CG  CD   sing N N 271 
PRO CG  HG2  sing N N 272 
PRO CG  HG3  sing N N 273 
PRO CD  HD2  sing N N 274 
PRO CD  HD3  sing N N 275 
PRO OXT HXT  sing N N 276 
SER N   CA   sing N N 277 
SER N   H    sing N N 278 
SER N   H2   sing N N 279 
SER CA  C    sing N N 280 
SER CA  CB   sing N N 281 
SER CA  HA   sing N N 282 
SER C   O    doub N N 283 
SER C   OXT  sing N N 284 
SER CB  OG   sing N N 285 
SER CB  HB2  sing N N 286 
SER CB  HB3  sing N N 287 
SER OG  HG   sing N N 288 
SER OXT HXT  sing N N 289 
THR N   CA   sing N N 290 
THR N   H    sing N N 291 
THR N   H2   sing N N 292 
THR CA  C    sing N N 293 
THR CA  CB   sing N N 294 
THR CA  HA   sing N N 295 
THR C   O    doub N N 296 
THR C   OXT  sing N N 297 
THR CB  OG1  sing N N 298 
THR CB  CG2  sing N N 299 
THR CB  HB   sing N N 300 
THR OG1 HG1  sing N N 301 
THR CG2 HG21 sing N N 302 
THR CG2 HG22 sing N N 303 
THR CG2 HG23 sing N N 304 
THR OXT HXT  sing N N 305 
TRP N   CA   sing N N 306 
TRP N   H    sing N N 307 
TRP N   H2   sing N N 308 
TRP CA  C    sing N N 309 
TRP CA  CB   sing N N 310 
TRP CA  HA   sing N N 311 
TRP C   O    doub N N 312 
TRP C   OXT  sing N N 313 
TRP CB  CG   sing N N 314 
TRP CB  HB2  sing N N 315 
TRP CB  HB3  sing N N 316 
TRP CG  CD1  doub Y N 317 
TRP CG  CD2  sing Y N 318 
TRP CD1 NE1  sing Y N 319 
TRP CD1 HD1  sing N N 320 
TRP CD2 CE2  doub Y N 321 
TRP CD2 CE3  sing Y N 322 
TRP NE1 CE2  sing Y N 323 
TRP NE1 HE1  sing N N 324 
TRP CE2 CZ2  sing Y N 325 
TRP CE3 CZ3  doub Y N 326 
TRP CE3 HE3  sing N N 327 
TRP CZ2 CH2  doub Y N 328 
TRP CZ2 HZ2  sing N N 329 
TRP CZ3 CH2  sing Y N 330 
TRP CZ3 HZ3  sing N N 331 
TRP CH2 HH2  sing N N 332 
TRP OXT HXT  sing N N 333 
TYR N   CA   sing N N 334 
TYR N   H    sing N N 335 
TYR N   H2   sing N N 336 
TYR CA  C    sing N N 337 
TYR CA  CB   sing N N 338 
TYR CA  HA   sing N N 339 
TYR C   O    doub N N 340 
TYR C   OXT  sing N N 341 
TYR CB  CG   sing N N 342 
TYR CB  HB2  sing N N 343 
TYR CB  HB3  sing N N 344 
TYR CG  CD1  doub Y N 345 
TYR CG  CD2  sing Y N 346 
TYR CD1 CE1  sing Y N 347 
TYR CD1 HD1  sing N N 348 
TYR CD2 CE2  doub Y N 349 
TYR CD2 HD2  sing N N 350 
TYR CE1 CZ   doub Y N 351 
TYR CE1 HE1  sing N N 352 
TYR CE2 CZ   sing Y N 353 
TYR CE2 HE2  sing N N 354 
TYR CZ  OH   sing N N 355 
TYR OH  HH   sing N N 356 
TYR OXT HXT  sing N N 357 
VAL N   CA   sing N N 358 
VAL N   H    sing N N 359 
VAL N   H2   sing N N 360 
VAL CA  C    sing N N 361 
VAL CA  CB   sing N N 362 
VAL CA  HA   sing N N 363 
VAL C   O    doub N N 364 
VAL C   OXT  sing N N 365 
VAL CB  CG1  sing N N 366 
VAL CB  CG2  sing N N 367 
VAL CB  HB   sing N N 368 
VAL CG1 HG11 sing N N 369 
VAL CG1 HG12 sing N N 370 
VAL CG1 HG13 sing N N 371 
VAL CG2 HG21 sing N N 372 
VAL CG2 HG22 sing N N 373 
VAL CG2 HG23 sing N N 374 
VAL OXT HXT  sing N N 375 
# 
loop_
_pdbx_entity_nonpoly.entity_id 
_pdbx_entity_nonpoly.name 
_pdbx_entity_nonpoly.comp_id 
2 'FE (III) ION' FE  
3 water          HOH 
# 
_pdbx_initial_refinement_model.id               1 
_pdbx_initial_refinement_model.entity_id_list   ? 
_pdbx_initial_refinement_model.type             'experimental model' 
_pdbx_initial_refinement_model.source_name      PDB 
_pdbx_initial_refinement_model.accession_code   1DO6 
_pdbx_initial_refinement_model.details          ? 
# 
